data_4YW2
#
_entry.id   4YW2
#
_cell.length_a   100.646
_cell.length_b   74.906
_cell.length_c   113.000
_cell.angle_alpha   90.000
_cell.angle_beta   96.210
_cell.angle_gamma   90.000
#
_symmetry.space_group_name_H-M   'P 1 21 1'
#
loop_
_entity.id
_entity.type
_entity.pdbx_description
1 polymer 'Neuraminidase C'
2 branched 'N-acetyl-alpha-neuraminic acid-(2-6)-beta-D-galactopyranose'
3 non-polymer 'PHOSPHATE ION'
4 non-polymer GLYCEROL
5 non-polymer DI(HYDROXYETHYL)ETHER
6 water water
#
_entity_poly.entity_id   1
_entity_poly.type   'polypeptide(L)'
_entity_poly.pdbx_seq_one_letter_code
;ETPVLEKNNVTLTGGGENVTKELKDKFTSGDFTVVIKYNQSSEKGLQALFGISNSKPGQQNSYVDVFLRDNGELGMEARD
TSSNKNNLVSRPASVWGKYKQEAVTNTVAVVADSVKKTYSLYANGTKVVEKKVDNFLNIKDIKGIDYYMLGGVKRAGKTA
FGFNGTLENIKFFNSALDEETVKKMTTNAVTGHLIYTANDTTGSNYFRIPVLYTFSNGRVFSSIDARYGGTHDFLNKINI
ATSYSDDNGKTWTKPKLTLAFDDFAPVPLEWPREVGGRDLQISGGATYIDSVIVEKKNKQVLMFADVMPAGVSFREATRK
DSGYKQIDGNYYLKLRKQGDTDYNYTIRENGTVYDDRTNRPTEFSVDKNFGIKQNGNYLTVEQYSVSFENNKKTEYRNGT
KVHMNIFYKDALFKVVPTNYIAYISSNDHGESWSAPTLLPPIMGLNRNAPYLGPGRGIIESSTGRILIPSYTGKESAFIY
SDDNGASWKVKVVPLPSSWSAEAQFVELSPGVIQAYMRTNNGKIAYLTSKDAGTTWSAPEYLKFVSNPSYGTQLSIINYS
QLIDGKKAVILSTPNSTNGRKHGQIWIGLINDDNTIDWRYHHDVDYSNYGYSYSTLTELPNHEIGLMFEKFDSWSRNELH
MKNVVPYITFKIEDLKKNL
;
_entity_poly.pdbx_strand_id   A,B
#
loop_
_chem_comp.id
_chem_comp.type
_chem_comp.name
_chem_comp.formula
GAL D-saccharide, beta linking beta-D-galactopyranose 'C6 H12 O6'
GOL non-polymer GLYCEROL 'C3 H8 O3'
PEG non-polymer DI(HYDROXYETHYL)ETHER 'C4 H10 O3'
PO4 non-polymer 'PHOSPHATE ION' 'O4 P -3'
SIA D-saccharide, alpha linking 'N-acetyl-alpha-neuraminic acid' 'C11 H19 N O9'
#
# COMPACT_ATOMS: atom_id res chain seq x y z
N GLU A 1 8.00 14.59 36.67
CA GLU A 1 6.85 13.63 36.71
C GLU A 1 7.02 12.43 35.77
N THR A 2 6.98 11.21 36.30
CA THR A 2 7.41 10.01 35.53
C THR A 2 6.31 8.94 35.46
N PRO A 3 6.29 8.16 34.38
CA PRO A 3 5.17 7.24 34.23
C PRO A 3 5.23 6.07 35.20
N VAL A 4 4.06 5.60 35.59
CA VAL A 4 3.96 4.32 36.29
C VAL A 4 4.24 3.15 35.38
N LEU A 5 3.99 3.33 34.09
CA LEU A 5 4.35 2.34 33.11
C LEU A 5 4.59 2.97 31.75
N GLU A 6 5.66 2.52 31.11
CA GLU A 6 5.99 2.91 29.75
C GLU A 6 6.33 1.66 28.94
N LYS A 7 5.68 1.49 27.79
CA LYS A 7 5.93 0.37 26.89
C LYS A 7 6.15 0.91 25.49
N ASN A 8 6.93 0.18 24.70
CA ASN A 8 7.36 0.58 23.35
C ASN A 8 7.09 -0.54 22.37
N ASN A 9 6.69 -0.15 21.16
CA ASN A 9 6.64 -1.02 19.99
C ASN A 9 5.85 -2.30 20.17
N VAL A 10 4.63 -2.14 20.66
CA VAL A 10 3.73 -3.25 20.89
C VAL A 10 2.84 -3.37 19.64
N THR A 11 3.11 -4.37 18.82
CA THR A 11 2.34 -4.61 17.61
C THR A 11 1.23 -5.57 17.96
N LEU A 12 0.00 -5.21 17.57
CA LEU A 12 -1.18 -6.00 17.90
C LEU A 12 -2.12 -6.18 16.71
N THR A 13 -2.78 -7.34 16.67
CA THR A 13 -3.75 -7.66 15.65
C THR A 13 -5.07 -8.09 16.33
N GLY A 14 -5.60 -7.25 17.21
CA GLY A 14 -6.92 -7.44 17.81
C GLY A 14 -6.98 -8.20 19.10
N GLY A 15 -5.87 -8.84 19.49
CA GLY A 15 -5.85 -9.69 20.67
C GLY A 15 -5.41 -9.02 21.97
N GLY A 16 -4.80 -7.84 21.88
CA GLY A 16 -4.35 -7.12 23.06
C GLY A 16 -3.18 -7.70 23.84
N GLU A 17 -2.81 -7.04 24.91
CA GLU A 17 -1.73 -7.51 25.77
C GLU A 17 -2.08 -7.17 27.20
N ASN A 18 -2.04 -8.18 28.04
CA ASN A 18 -2.33 -8.04 29.44
C ASN A 18 -1.15 -7.33 30.10
N VAL A 19 -1.41 -6.23 30.78
CA VAL A 19 -0.37 -5.56 31.58
C VAL A 19 -0.79 -5.39 33.05
N THR A 20 -1.66 -6.27 33.51
CA THR A 20 -2.22 -6.18 34.84
C THR A 20 -1.15 -6.11 35.95
N LYS A 21 -0.15 -7.01 35.88
CA LYS A 21 0.98 -7.04 36.86
C LYS A 21 1.70 -5.70 36.93
N GLU A 22 1.81 -5.04 35.79
CA GLU A 22 2.55 -3.80 35.63
C GLU A 22 1.74 -2.52 35.87
N LEU A 23 0.44 -2.63 36.09
CA LEU A 23 -0.41 -1.48 36.50
C LEU A 23 -1.26 -1.65 37.76
N LYS A 24 -1.35 -2.85 38.30
CA LYS A 24 -2.32 -3.12 39.34
C LYS A 24 -2.20 -2.18 40.53
N ASP A 25 -3.30 -1.48 40.86
CA ASP A 25 -3.38 -0.60 42.05
C ASP A 25 -2.30 0.51 42.11
N LYS A 26 -1.74 0.87 40.96
CA LYS A 26 -0.74 1.95 40.86
C LYS A 26 -1.36 3.33 40.74
N PHE A 27 -2.66 3.37 40.39
CA PHE A 27 -3.38 4.63 40.33
C PHE A 27 -3.93 5.04 41.67
N THR A 28 -3.04 5.53 42.49
CA THR A 28 -3.34 5.69 43.90
C THR A 28 -4.44 6.72 44.15
N SER A 29 -4.32 7.87 43.49
CA SER A 29 -5.27 8.97 43.70
C SER A 29 -6.54 8.64 42.92
N GLY A 30 -6.40 7.85 41.85
CA GLY A 30 -7.48 7.61 40.93
C GLY A 30 -7.39 8.44 39.67
N ASP A 31 -6.70 9.58 39.68
CA ASP A 31 -6.47 10.35 38.45
C ASP A 31 -5.56 9.63 37.52
N PHE A 32 -5.61 10.01 36.25
CA PHE A 32 -4.74 9.39 35.27
C PHE A 32 -4.49 10.29 34.04
N THR A 33 -3.34 10.05 33.41
CA THR A 33 -2.99 10.58 32.10
C THR A 33 -2.35 9.42 31.36
N VAL A 34 -2.84 9.18 30.14
CA VAL A 34 -2.33 8.13 29.29
C VAL A 34 -1.99 8.76 27.95
N VAL A 35 -0.73 8.66 27.56
CA VAL A 35 -0.25 9.24 26.30
C VAL A 35 0.18 8.10 25.37
N ILE A 36 -0.40 8.08 24.17
CA ILE A 36 -0.29 6.93 23.27
C ILE A 36 0.11 7.41 21.87
N LYS A 37 1.30 6.99 21.43
CA LYS A 37 1.77 7.20 20.10
C LYS A 37 1.55 5.89 19.38
N TYR A 38 0.76 5.91 18.31
CA TYR A 38 0.32 4.66 17.67
C TYR A 38 0.19 4.88 16.16
N ASN A 39 0.12 3.79 15.42
CA ASN A 39 -0.46 3.80 14.08
C ASN A 39 -1.35 2.58 13.92
N GLN A 40 -2.42 2.73 13.14
CA GLN A 40 -3.38 1.62 12.92
C GLN A 40 -3.03 0.87 11.66
N SER A 41 -3.12 -0.47 11.71
CA SER A 41 -2.94 -1.32 10.50
C SER A 41 -4.27 -1.48 9.76
N SER A 42 -5.37 -1.40 10.51
CA SER A 42 -6.73 -1.32 9.98
C SER A 42 -7.56 -0.37 10.87
N GLU A 43 -8.38 0.47 10.23
CA GLU A 43 -9.23 1.44 10.91
C GLU A 43 -10.62 0.90 11.25
N LYS A 44 -10.95 -0.26 10.72
CA LYS A 44 -12.30 -0.86 10.87
C LYS A 44 -12.60 -1.14 12.31
N GLY A 45 -13.84 -0.87 12.71
CA GLY A 45 -14.33 -1.27 14.02
C GLY A 45 -14.00 -0.25 15.07
N LEU A 46 -14.63 -0.40 16.23
CA LEU A 46 -14.33 0.44 17.38
C LEU A 46 -13.14 -0.18 18.07
N GLN A 47 -12.06 0.59 18.26
CA GLN A 47 -10.83 0.06 18.78
C GLN A 47 -10.35 0.83 20.00
N ALA A 48 -10.01 0.10 21.05
CA ALA A 48 -9.46 0.65 22.27
C ALA A 48 -7.93 0.59 22.29
N LEU A 49 -7.32 1.75 22.55
CA LEU A 49 -5.85 1.79 22.68
C LEU A 49 -5.41 1.12 24.00
N PHE A 50 -6.21 1.23 25.03
CA PHE A 50 -5.96 0.52 26.30
C PHE A 50 -7.30 0.38 27.03
N GLY A 51 -7.34 -0.50 28.01
CA GLY A 51 -8.59 -0.74 28.77
C GLY A 51 -8.26 -1.12 30.20
N ILE A 52 -8.89 -0.42 31.14
CA ILE A 52 -8.79 -0.74 32.57
C ILE A 52 -10.19 -1.10 33.01
N SER A 53 -10.36 -2.31 33.50
CA SER A 53 -11.70 -2.84 33.71
C SER A 53 -11.81 -3.79 34.89
N ASN A 54 -13.07 -3.99 35.28
CA ASN A 54 -13.45 -5.12 36.08
C ASN A 54 -13.86 -6.17 35.03
N SER A 55 -13.11 -7.26 34.95
CA SER A 55 -13.31 -8.27 33.91
C SER A 55 -14.28 -9.38 34.30
N LYS A 56 -14.85 -9.30 35.50
CA LYS A 56 -15.68 -10.38 36.02
C LYS A 56 -17.06 -10.43 35.36
N PRO A 57 -17.71 -11.62 35.39
CA PRO A 57 -19.06 -11.72 34.82
C PRO A 57 -20.01 -10.70 35.44
N GLY A 58 -20.82 -10.05 34.61
CA GLY A 58 -21.75 -9.04 35.09
C GLY A 58 -21.18 -7.63 35.27
N GLN A 59 -19.86 -7.45 35.15
CA GLN A 59 -19.24 -6.15 35.36
C GLN A 59 -18.75 -5.52 34.06
N GLN A 60 -19.41 -5.86 32.95
CA GLN A 60 -18.98 -5.47 31.63
C GLN A 60 -19.13 -3.96 31.41
N ASN A 61 -19.88 -3.25 32.25
CA ASN A 61 -19.94 -1.78 32.17
C ASN A 61 -19.11 -1.04 33.22
N SER A 62 -18.04 -1.69 33.67
CA SER A 62 -17.08 -1.11 34.58
C SER A 62 -15.73 -1.06 33.92
N TYR A 63 -15.48 0.04 33.22
CA TYR A 63 -14.18 0.23 32.57
C TYR A 63 -13.89 1.67 32.16
N VAL A 64 -12.61 1.89 31.87
CA VAL A 64 -12.11 3.11 31.28
C VAL A 64 -11.38 2.68 30.05
N ASP A 65 -11.56 3.45 28.97
CA ASP A 65 -10.74 3.29 27.79
C ASP A 65 -10.61 4.59 27.00
N VAL A 66 -9.67 4.58 26.06
CA VAL A 66 -9.60 5.55 25.00
C VAL A 66 -9.77 4.79 23.71
N PHE A 67 -10.61 5.31 22.82
CA PHE A 67 -11.00 4.59 21.61
C PHE A 67 -10.87 5.43 20.35
N LEU A 68 -10.83 4.70 19.23
CA LEU A 68 -10.80 5.26 17.91
C LEU A 68 -11.91 4.63 17.05
N ARG A 69 -12.57 5.44 16.23
CA ARG A 69 -13.56 4.92 15.26
C ARG A 69 -13.00 5.06 13.88
N ASP A 70 -13.67 4.42 12.93
CA ASP A 70 -13.20 4.37 11.53
C ASP A 70 -13.37 5.69 10.78
N ASN A 71 -13.90 6.72 11.44
CA ASN A 71 -14.08 8.04 10.86
C ASN A 71 -13.12 9.07 11.49
N GLY A 72 -12.17 8.61 12.30
CA GLY A 72 -11.19 9.48 12.90
C GLY A 72 -11.61 10.09 14.24
N GLU A 73 -12.81 9.77 14.73
CA GLU A 73 -13.20 10.20 16.07
C GLU A 73 -12.28 9.59 17.11
N LEU A 74 -11.87 10.41 18.07
CA LEU A 74 -11.17 10.00 19.29
C LEU A 74 -12.09 10.21 20.46
N GLY A 75 -12.20 9.20 21.31
CA GLY A 75 -12.99 9.34 22.52
C GLY A 75 -12.47 8.57 23.71
N MET A 76 -13.17 8.72 24.81
CA MET A 76 -12.93 7.92 25.96
C MET A 76 -14.24 7.57 26.63
N GLU A 77 -14.26 6.40 27.26
CA GLU A 77 -15.34 6.05 28.16
C GLU A 77 -14.81 5.84 29.58
N ALA A 78 -15.67 6.11 30.54
CA ALA A 78 -15.39 5.84 31.96
C ALA A 78 -16.75 5.49 32.54
N ARG A 79 -16.89 4.21 32.90
CA ARG A 79 -18.18 3.64 33.28
C ARG A 79 -18.05 2.80 34.54
N ASP A 80 -19.08 2.85 35.38
CA ASP A 80 -19.17 2.01 36.58
C ASP A 80 -20.52 1.29 36.62
N THR A 81 -20.48 -0.01 36.83
CA THR A 81 -21.70 -0.82 36.69
C THR A 81 -22.69 -0.48 37.82
N SER A 82 -22.30 -0.61 39.08
CA SER A 82 -23.29 -0.54 40.17
C SER A 82 -23.84 0.87 40.48
N SER A 83 -23.08 1.93 40.20
CA SER A 83 -23.60 3.30 40.27
C SER A 83 -24.39 3.70 39.01
N ASN A 84 -24.31 2.89 37.95
CA ASN A 84 -24.91 3.21 36.65
C ASN A 84 -24.50 4.60 36.09
N LYS A 85 -23.21 4.90 36.23
CA LYS A 85 -22.60 6.10 35.67
C LYS A 85 -21.85 5.73 34.39
N ASN A 86 -22.15 6.43 33.32
CA ASN A 86 -21.61 6.12 32.00
C ASN A 86 -21.17 7.42 31.32
N ASN A 87 -19.88 7.68 31.31
CA ASN A 87 -19.31 8.90 30.77
C ASN A 87 -18.70 8.56 29.45
N LEU A 88 -18.99 9.41 28.46
CA LEU A 88 -18.36 9.30 27.14
C LEU A 88 -18.03 10.71 26.71
N VAL A 89 -16.76 10.94 26.42
CA VAL A 89 -16.27 12.23 25.99
C VAL A 89 -15.47 11.97 24.71
N SER A 90 -15.68 12.79 23.69
CA SER A 90 -15.03 12.59 22.41
C SER A 90 -15.05 13.83 21.54
N ARG A 91 -14.30 13.78 20.45
CA ARG A 91 -14.51 14.71 19.38
C ARG A 91 -14.28 14.02 18.03
N PRO A 92 -15.17 14.27 17.06
CA PRO A 92 -14.95 13.79 15.72
C PRO A 92 -13.67 14.32 15.11
N ALA A 93 -13.17 13.62 14.08
CA ALA A 93 -12.09 14.12 13.21
C ALA A 93 -10.89 14.60 13.98
N SER A 94 -10.45 13.77 14.93
CA SER A 94 -9.34 14.08 15.83
C SER A 94 -8.02 13.49 15.38
N VAL A 95 -8.05 12.36 14.66
CA VAL A 95 -6.84 11.68 14.25
C VAL A 95 -6.80 11.45 12.74
N TRP A 96 -5.62 11.09 12.25
CA TRP A 96 -5.43 10.71 10.83
C TRP A 96 -5.35 9.20 10.70
N GLY A 97 -5.80 8.70 9.53
CA GLY A 97 -5.75 7.25 9.26
C GLY A 97 -4.52 6.83 8.49
N LYS A 98 -4.56 7.11 7.19
CA LYS A 98 -3.44 6.86 6.31
C LYS A 98 -3.12 8.08 5.50
N TYR A 99 -1.90 8.11 4.98
CA TYR A 99 -1.42 9.19 4.14
C TYR A 99 -0.48 8.51 3.14
N LYS A 100 -0.72 8.75 1.86
CA LYS A 100 -0.02 8.09 0.75
C LYS A 100 0.12 6.59 0.99
N GLN A 101 -0.97 5.94 1.33
CA GLN A 101 -1.00 4.49 1.51
C GLN A 101 -0.12 3.92 2.66
N GLU A 102 0.33 4.76 3.60
CA GLU A 102 1.01 4.33 4.82
C GLU A 102 0.19 4.75 5.99
N ALA A 103 0.16 3.93 7.02
CA ALA A 103 -0.53 4.29 8.23
C ALA A 103 0.14 5.54 8.83
N VAL A 104 -0.66 6.45 9.38
CA VAL A 104 -0.14 7.64 9.98
C VAL A 104 0.11 7.41 11.47
N THR A 105 1.28 7.83 11.96
CA THR A 105 1.54 7.85 13.41
C THR A 105 0.86 9.06 14.02
N ASN A 106 -0.02 8.84 15.00
CA ASN A 106 -0.70 9.90 15.75
C ASN A 106 -0.21 9.77 17.21
N THR A 107 -0.28 10.85 17.96
CA THR A 107 -0.04 10.79 19.41
C THR A 107 -1.28 11.39 20.04
N VAL A 108 -1.94 10.62 20.90
CA VAL A 108 -3.13 11.04 21.57
C VAL A 108 -2.99 10.88 23.07
N ALA A 109 -3.87 11.50 23.81
CA ALA A 109 -3.81 11.44 25.27
C ALA A 109 -5.14 11.69 25.92
N VAL A 110 -5.30 11.13 27.11
CA VAL A 110 -6.46 11.40 27.96
C VAL A 110 -5.92 11.86 29.29
N VAL A 111 -6.62 12.83 29.88
CA VAL A 111 -6.37 13.29 31.24
C VAL A 111 -7.68 13.27 32.01
N ALA A 112 -7.70 12.59 33.14
CA ALA A 112 -8.83 12.62 34.07
C ALA A 112 -8.40 13.32 35.36
N ASP A 113 -9.14 14.37 35.72
CA ASP A 113 -8.80 15.24 36.84
C ASP A 113 -10.00 15.29 37.81
N SER A 114 -9.85 14.64 38.97
CA SER A 114 -10.96 14.50 39.93
C SER A 114 -11.36 15.82 40.58
N VAL A 115 -10.41 16.71 40.85
CA VAL A 115 -10.70 17.98 41.47
C VAL A 115 -11.55 18.85 40.51
N LYS A 116 -11.21 18.86 39.22
CA LYS A 116 -12.00 19.58 38.24
C LYS A 116 -13.23 18.80 37.72
N LYS A 117 -13.27 17.50 37.96
CA LYS A 117 -14.28 16.58 37.40
C LYS A 117 -14.31 16.69 35.88
N THR A 118 -13.13 16.78 35.25
CA THR A 118 -13.04 16.87 33.80
C THR A 118 -12.26 15.72 33.20
N TYR A 119 -12.67 15.37 31.99
CA TYR A 119 -11.88 14.53 31.10
C TYR A 119 -11.45 15.41 29.93
N SER A 120 -10.19 15.24 29.51
CA SER A 120 -9.63 15.98 28.41
C SER A 120 -9.02 14.97 27.47
N LEU A 121 -9.16 15.23 26.17
CA LEU A 121 -8.52 14.42 25.15
C LEU A 121 -7.66 15.30 24.25
N TYR A 122 -6.54 14.73 23.82
CA TYR A 122 -5.53 15.42 23.02
C TYR A 122 -5.19 14.56 21.84
N ALA A 123 -4.99 15.19 20.68
CA ALA A 123 -4.53 14.54 19.45
C ALA A 123 -3.55 15.43 18.70
N ASN A 124 -2.34 14.93 18.54
CA ASN A 124 -1.35 15.59 17.67
C ASN A 124 -1.14 17.06 17.98
N GLY A 125 -1.12 17.38 19.27
CA GLY A 125 -0.76 18.70 19.76
C GLY A 125 -1.94 19.57 20.10
N THR A 126 -3.17 19.09 19.81
CA THR A 126 -4.38 19.84 20.06
C THR A 126 -5.17 19.22 21.20
N LYS A 127 -5.64 20.04 22.15
CA LYS A 127 -6.64 19.57 23.10
C LYS A 127 -8.00 19.58 22.36
N VAL A 128 -8.42 18.41 21.88
CA VAL A 128 -9.60 18.33 21.04
C VAL A 128 -10.88 18.50 21.86
N VAL A 129 -10.89 18.10 23.13
CA VAL A 129 -12.04 18.36 23.97
C VAL A 129 -11.62 18.32 25.44
N GLU A 130 -12.27 19.16 26.23
CA GLU A 130 -12.23 19.00 27.70
C GLU A 130 -13.64 19.18 28.18
N LYS A 131 -14.16 18.23 28.94
CA LYS A 131 -15.56 18.31 29.38
C LYS A 131 -15.67 18.00 30.85
N LYS A 132 -16.35 18.87 31.58
CA LYS A 132 -16.71 18.59 32.98
C LYS A 132 -17.96 17.73 33.02
N VAL A 133 -17.97 16.68 33.83
CA VAL A 133 -19.16 15.82 33.93
C VAL A 133 -19.58 15.59 35.37
N ASP A 134 -20.88 15.73 35.63
CA ASP A 134 -21.43 15.53 37.00
C ASP A 134 -21.20 14.11 37.50
N ASN A 135 -21.35 13.12 36.62
CA ASN A 135 -21.11 11.69 36.96
C ASN A 135 -19.67 11.24 36.78
N PHE A 136 -18.72 12.13 37.08
CA PHE A 136 -17.28 11.87 36.88
C PHE A 136 -16.86 10.62 37.65
N LEU A 137 -16.05 9.79 36.99
CA LEU A 137 -15.44 8.62 37.58
C LEU A 137 -13.95 8.67 37.36
N ASN A 138 -13.19 8.48 38.44
CA ASN A 138 -11.77 8.18 38.31
C ASN A 138 -11.57 6.67 38.47
N ILE A 139 -10.33 6.20 38.37
CA ILE A 139 -10.10 4.75 38.42
C ILE A 139 -10.55 4.15 39.75
N LYS A 140 -10.36 4.88 40.86
CA LYS A 140 -10.76 4.37 42.17
C LYS A 140 -12.27 4.33 42.34
N ASP A 141 -12.99 5.13 41.57
CA ASP A 141 -14.45 5.19 41.67
C ASP A 141 -15.13 3.98 41.03
N ILE A 142 -14.46 3.31 40.11
CA ILE A 142 -15.03 2.16 39.44
C ILE A 142 -14.74 0.90 40.25
N LYS A 143 -15.77 0.15 40.60
CA LYS A 143 -15.61 -0.96 41.57
C LYS A 143 -15.05 -2.26 40.99
N GLY A 144 -14.08 -2.82 41.71
CA GLY A 144 -13.47 -4.10 41.40
C GLY A 144 -12.64 -4.16 40.11
N ILE A 145 -12.00 -3.06 39.74
CA ILE A 145 -11.07 -3.06 38.62
C ILE A 145 -10.06 -4.16 38.88
N ASP A 146 -9.86 -5.05 37.92
CA ASP A 146 -8.88 -6.14 38.07
C ASP A 146 -8.07 -6.49 36.81
N TYR A 147 -8.19 -5.73 35.74
CA TYR A 147 -7.56 -6.09 34.49
C TYR A 147 -7.14 -4.82 33.77
N TYR A 148 -5.87 -4.76 33.37
CA TYR A 148 -5.36 -3.61 32.70
C TYR A 148 -4.73 -4.14 31.43
N MET A 149 -5.16 -3.62 30.29
CA MET A 149 -4.66 -4.16 29.04
C MET A 149 -4.39 -3.12 27.95
N LEU A 150 -3.45 -3.47 27.09
CA LEU A 150 -3.15 -2.68 25.91
C LEU A 150 -4.00 -3.23 24.78
N GLY A 151 -4.56 -2.33 24.00
CA GLY A 151 -5.22 -2.68 22.78
C GLY A 151 -6.53 -3.40 22.89
N GLY A 152 -7.26 -3.18 23.98
CA GLY A 152 -8.57 -3.83 24.17
C GLY A 152 -9.10 -3.50 25.56
N VAL A 153 -10.33 -3.92 25.81
CA VAL A 153 -10.96 -3.81 27.13
C VAL A 153 -11.43 -5.21 27.47
N LYS A 154 -11.02 -5.73 28.62
CA LYS A 154 -11.47 -7.06 29.05
C LYS A 154 -12.84 -6.93 29.73
N ARG A 155 -13.87 -7.47 29.07
CA ARG A 155 -15.25 -7.46 29.54
C ARG A 155 -15.79 -8.89 29.65
N ALA A 156 -16.20 -9.26 30.84
CA ALA A 156 -16.70 -10.61 31.13
C ALA A 156 -15.81 -11.67 30.49
N GLY A 157 -14.51 -11.57 30.75
CA GLY A 157 -13.55 -12.58 30.33
C GLY A 157 -13.20 -12.55 28.84
N LYS A 158 -13.71 -11.58 28.07
CA LYS A 158 -13.45 -11.51 26.61
C LYS A 158 -12.85 -10.16 26.25
N THR A 159 -11.99 -10.16 25.24
CA THR A 159 -11.38 -8.93 24.76
C THR A 159 -12.36 -8.19 23.85
N ALA A 160 -12.75 -6.99 24.26
CA ALA A 160 -13.61 -6.11 23.48
C ALA A 160 -12.77 -5.00 22.87
N PHE A 161 -13.27 -4.51 21.74
CA PHE A 161 -12.73 -3.34 21.05
C PHE A 161 -11.27 -3.55 20.68
N GLY A 162 -10.94 -4.71 20.12
CA GLY A 162 -9.52 -5.01 19.84
C GLY A 162 -8.82 -4.07 18.89
N PHE A 163 -7.68 -3.52 19.33
CA PHE A 163 -6.86 -2.65 18.50
C PHE A 163 -6.03 -3.41 17.45
N ASN A 164 -6.02 -2.87 16.23
CA ASN A 164 -5.18 -3.35 15.15
C ASN A 164 -4.16 -2.31 14.73
N GLY A 165 -2.91 -2.54 15.11
CA GLY A 165 -1.84 -1.60 14.81
C GLY A 165 -0.68 -1.74 15.78
N THR A 166 0.15 -0.70 15.85
CA THR A 166 1.31 -0.69 16.73
C THR A 166 1.21 0.46 17.70
N LEU A 167 1.35 0.15 18.98
CA LEU A 167 1.51 1.16 20.01
C LEU A 167 3.01 1.43 20.06
N GLU A 168 3.43 2.49 19.37
CA GLU A 168 4.83 2.78 19.27
C GLU A 168 5.42 3.16 20.67
N ASN A 169 4.64 3.90 21.44
CA ASN A 169 4.99 4.25 22.82
C ASN A 169 3.73 4.56 23.55
N ILE A 170 3.59 3.97 24.75
CA ILE A 170 2.48 4.25 25.63
C ILE A 170 3.02 4.50 27.04
N LYS A 171 2.55 5.60 27.61
CA LYS A 171 2.91 6.01 28.96
C LYS A 171 1.63 6.18 29.80
N PHE A 172 1.62 5.58 30.99
CA PHE A 172 0.57 5.72 31.98
C PHE A 172 1.13 6.53 33.14
N PHE A 173 0.42 7.60 33.50
CA PHE A 173 0.76 8.38 34.68
C PHE A 173 -0.40 8.29 35.66
N ASN A 174 -0.08 8.33 36.96
CA ASN A 174 -1.13 8.25 37.97
C ASN A 174 -1.49 9.63 38.54
N SER A 175 -1.42 10.64 37.66
CA SER A 175 -1.88 11.98 38.01
C SER A 175 -2.37 12.63 36.76
N ALA A 176 -3.03 13.78 36.94
CA ALA A 176 -3.52 14.58 35.80
C ALA A 176 -2.39 15.55 35.41
N LEU A 177 -1.74 15.30 34.27
CA LEU A 177 -0.71 16.21 33.79
C LEU A 177 -1.34 17.53 33.31
N ASP A 178 -0.60 18.61 33.36
CA ASP A 178 -1.13 19.92 32.90
C ASP A 178 -1.20 19.99 31.37
N GLU A 179 -2.04 20.90 30.92
CA GLU A 179 -2.39 21.03 29.51
C GLU A 179 -1.18 21.28 28.60
N GLU A 180 -0.32 22.22 29.00
CA GLU A 180 0.84 22.57 28.17
C GLU A 180 1.77 21.36 28.03
N THR A 181 1.97 20.63 29.12
CA THR A 181 2.80 19.44 29.05
C THR A 181 2.22 18.44 28.06
N VAL A 182 0.93 18.19 28.13
CA VAL A 182 0.33 17.16 27.30
C VAL A 182 0.28 17.60 25.82
N LYS A 183 0.02 18.88 25.57
CA LYS A 183 0.10 19.39 24.19
C LYS A 183 1.46 19.11 23.57
N LYS A 184 2.49 19.42 24.33
CA LYS A 184 3.84 19.18 23.89
C LYS A 184 4.10 17.69 23.68
N MET A 185 3.66 16.85 24.61
CA MET A 185 3.90 15.42 24.50
C MET A 185 3.19 14.82 23.26
N THR A 186 2.08 15.40 22.83
CA THR A 186 1.36 14.88 21.67
C THR A 186 1.75 15.54 20.32
N THR A 187 2.66 16.50 20.35
CA THR A 187 3.12 17.19 19.17
C THR A 187 4.00 16.26 18.37
N ASN A 188 3.77 16.20 17.06
CA ASN A 188 4.49 15.27 16.18
C ASN A 188 4.48 15.78 14.73
N ALA A 189 4.81 14.94 13.77
CA ALA A 189 4.80 15.38 12.35
C ALA A 189 3.42 15.83 11.84
N VAL A 190 2.34 15.26 12.36
CA VAL A 190 1.00 15.66 11.93
C VAL A 190 0.72 17.12 12.25
N THR A 191 1.14 17.55 13.43
CA THR A 191 0.99 18.93 13.90
C THR A 191 1.52 19.98 12.91
N GLY A 192 2.63 19.68 12.26
CA GLY A 192 3.24 20.60 11.30
C GLY A 192 2.49 20.74 9.97
N HIS A 193 1.40 19.98 9.75
CA HIS A 193 0.56 20.18 8.56
C HIS A 193 -0.51 21.24 8.73
N LEU A 194 -0.57 21.93 9.87
CA LEU A 194 -1.55 22.97 10.04
C LEU A 194 -0.89 24.29 9.73
N ILE A 195 -1.43 25.05 8.80
CA ILE A 195 -0.96 26.38 8.53
C ILE A 195 -1.62 27.40 9.49
N TYR A 196 -2.93 27.27 9.63
CA TYR A 196 -3.74 28.03 10.53
C TYR A 196 -4.12 27.18 11.74
N THR A 197 -3.94 27.73 12.93
CA THR A 197 -4.23 27.01 14.15
C THR A 197 -5.00 27.91 15.14
N ALA A 198 -5.73 27.25 16.03
CA ALA A 198 -6.61 27.93 16.94
C ALA A 198 -5.82 28.90 17.81
N ASN A 199 -6.29 30.14 17.83
CA ASN A 199 -5.70 31.25 18.59
C ASN A 199 -4.25 31.54 18.20
N ASP A 200 -3.95 31.37 16.92
CA ASP A 200 -2.67 31.85 16.36
C ASP A 200 -2.81 33.37 16.15
N THR A 201 -2.01 33.92 15.25
CA THR A 201 -2.02 35.35 14.97
C THR A 201 -3.31 35.85 14.31
N THR A 202 -4.26 34.97 13.97
CA THR A 202 -5.58 35.42 13.57
C THR A 202 -6.51 35.74 14.73
N GLY A 203 -6.20 35.22 15.91
CA GLY A 203 -7.10 35.26 17.05
C GLY A 203 -8.30 34.32 17.02
N SER A 204 -8.44 33.54 15.95
CA SER A 204 -9.58 32.70 15.74
C SER A 204 -9.33 31.29 16.24
N ASN A 205 -10.34 30.70 16.87
CA ASN A 205 -10.30 29.28 17.16
C ASN A 205 -10.65 28.37 16.00
N TYR A 206 -11.28 28.89 14.96
CA TYR A 206 -11.86 28.06 13.91
C TYR A 206 -11.58 28.62 12.54
N PHE A 207 -11.55 27.71 11.55
CA PHE A 207 -11.28 28.04 10.18
C PHE A 207 -12.12 27.18 9.25
N ARG A 208 -12.44 27.76 8.10
CA ARG A 208 -13.06 27.01 7.01
C ARG A 208 -12.63 27.65 5.67
N ILE A 209 -12.90 26.97 4.57
CA ILE A 209 -12.80 27.54 3.22
C ILE A 209 -11.36 27.94 2.84
N PRO A 210 -10.46 26.95 2.80
CA PRO A 210 -9.09 27.22 2.37
C PRO A 210 -8.96 27.42 0.87
N VAL A 211 -7.97 28.21 0.49
CA VAL A 211 -7.62 28.45 -0.89
C VAL A 211 -6.09 28.48 -1.02
N LEU A 212 -5.57 27.72 -1.98
CA LEU A 212 -4.16 27.73 -2.35
C LEU A 212 -3.97 28.29 -3.77
N TYR A 213 -2.84 28.96 -3.97
CA TYR A 213 -2.52 29.50 -5.28
C TYR A 213 -1.01 29.66 -5.37
N THR A 214 -0.42 29.23 -6.49
CA THR A 214 1.01 29.34 -6.68
C THR A 214 1.29 30.52 -7.63
N PHE A 215 2.05 31.51 -7.17
CA PHE A 215 2.37 32.67 -8.01
C PHE A 215 3.48 32.37 -8.98
N SER A 216 3.52 33.15 -10.05
CA SER A 216 4.55 33.09 -11.11
C SER A 216 5.97 33.10 -10.58
N ASN A 217 6.20 33.82 -9.49
CA ASN A 217 7.52 33.91 -8.89
C ASN A 217 7.92 32.73 -7.96
N GLY A 218 7.07 31.73 -7.79
CA GLY A 218 7.37 30.56 -6.95
C GLY A 218 6.77 30.60 -5.57
N ARG A 219 6.21 31.73 -5.14
CA ARG A 219 5.60 31.80 -3.83
C ARG A 219 4.29 31.01 -3.82
N VAL A 220 4.05 30.24 -2.75
CA VAL A 220 2.82 29.49 -2.58
C VAL A 220 2.01 30.25 -1.53
N PHE A 221 0.82 30.67 -1.91
CA PHE A 221 -0.04 31.56 -1.12
C PHE A 221 -1.29 30.83 -0.66
N SER A 222 -1.72 31.09 0.57
CA SER A 222 -2.99 30.59 1.08
C SER A 222 -3.85 31.72 1.65
N SER A 223 -5.16 31.53 1.50
CA SER A 223 -6.15 32.30 2.21
C SER A 223 -7.17 31.35 2.80
N ILE A 224 -7.93 31.86 3.79
CA ILE A 224 -8.90 31.03 4.49
C ILE A 224 -9.91 31.90 5.20
N ASP A 225 -11.11 31.38 5.47
CA ASP A 225 -12.02 32.02 6.45
C ASP A 225 -11.54 31.77 7.89
N ALA A 226 -11.34 32.85 8.64
CA ALA A 226 -11.15 32.74 10.08
C ALA A 226 -12.50 33.01 10.67
N ARG A 227 -13.14 31.98 11.20
CA ARG A 227 -14.49 32.07 11.72
C ARG A 227 -14.50 32.03 13.24
N TYR A 228 -14.93 33.11 13.86
CA TYR A 228 -14.61 33.31 15.28
C TYR A 228 -15.66 32.67 16.20
N GLY A 229 -16.94 32.77 15.88
CA GLY A 229 -18.01 32.25 16.73
C GLY A 229 -18.44 30.88 16.25
N GLY A 230 -17.53 29.93 16.38
CA GLY A 230 -17.67 28.62 15.75
C GLY A 230 -17.58 28.68 14.22
N THR A 231 -17.93 27.60 13.58
CA THR A 231 -17.75 27.38 12.14
C THR A 231 -18.98 27.76 11.31
N HIS A 232 -19.99 28.36 11.96
CA HIS A 232 -21.20 28.78 11.26
C HIS A 232 -20.89 29.71 10.10
N ASP A 233 -21.53 29.49 8.97
CA ASP A 233 -21.51 30.47 7.84
C ASP A 233 -22.04 31.83 8.44
N PHE A 234 -23.22 31.77 9.06
CA PHE A 234 -23.91 32.91 9.64
C PHE A 234 -24.81 32.48 10.80
N LEU A 235 -25.14 33.39 11.73
CA LEU A 235 -24.47 34.67 11.89
C LEU A 235 -23.15 34.42 12.60
N ASN A 236 -22.15 35.25 12.30
CA ASN A 236 -20.79 35.03 12.81
C ASN A 236 -20.01 36.32 12.64
N LYS A 237 -18.73 36.23 12.98
CA LYS A 237 -17.73 37.17 12.53
C LYS A 237 -16.75 36.32 11.74
N ILE A 238 -16.50 36.72 10.50
CA ILE A 238 -15.49 36.06 9.66
C ILE A 238 -14.55 37.12 9.07
N ASN A 239 -13.25 36.80 9.09
CA ASN A 239 -12.20 37.54 8.40
C ASN A 239 -11.57 36.60 7.40
N ILE A 240 -10.95 37.17 6.37
CA ILE A 240 -10.04 36.40 5.51
C ILE A 240 -8.61 36.58 6.00
N ALA A 241 -8.00 35.46 6.40
CA ALA A 241 -6.60 35.39 6.84
C ALA A 241 -5.78 34.78 5.69
N THR A 242 -4.50 35.12 5.67
CA THR A 242 -3.58 34.64 4.63
C THR A 242 -2.25 34.24 5.26
N SER A 243 -1.54 33.39 4.53
CA SER A 243 -0.22 32.91 4.92
C SER A 243 0.45 32.39 3.69
N TYR A 244 1.77 32.52 3.61
CA TYR A 244 2.49 32.10 2.39
C TYR A 244 3.81 31.42 2.67
N SER A 245 4.32 30.75 1.65
CA SER A 245 5.55 29.96 1.73
C SER A 245 6.43 30.29 0.56
N ASP A 246 7.70 30.55 0.83
CA ASP A 246 8.68 30.73 -0.24
C ASP A 246 9.61 29.54 -0.38
N ASP A 247 9.31 28.41 0.23
CA ASP A 247 10.13 27.19 0.08
C ASP A 247 9.29 25.99 -0.32
N ASN A 248 8.44 26.18 -1.32
CA ASN A 248 7.60 25.11 -1.84
C ASN A 248 6.67 24.45 -0.82
N GLY A 249 6.18 25.23 0.14
CA GLY A 249 5.22 24.78 1.11
C GLY A 249 5.77 24.12 2.37
N LYS A 250 7.09 24.12 2.54
CA LYS A 250 7.72 23.50 3.70
C LYS A 250 7.48 24.35 4.96
N THR A 251 7.65 25.67 4.85
CA THR A 251 7.39 26.60 5.97
C THR A 251 6.50 27.76 5.51
N TRP A 252 5.70 28.25 6.44
CA TRP A 252 4.67 29.26 6.17
C TRP A 252 4.83 30.43 7.12
N THR A 253 4.49 31.62 6.66
CA THR A 253 4.41 32.81 7.53
C THR A 253 3.31 32.67 8.56
N LYS A 254 3.51 33.36 9.70
CA LYS A 254 2.48 33.49 10.68
C LYS A 254 1.28 34.16 10.01
N PRO A 255 0.07 33.62 10.19
CA PRO A 255 -1.06 34.21 9.48
C PRO A 255 -1.35 35.69 9.80
N LYS A 256 -1.76 36.42 8.76
CA LYS A 256 -2.18 37.81 8.88
C LYS A 256 -3.66 37.94 8.58
N LEU A 257 -4.30 38.92 9.20
CA LEU A 257 -5.67 39.27 8.86
C LEU A 257 -5.67 40.21 7.67
N THR A 258 -6.10 39.73 6.52
CA THR A 258 -5.98 40.47 5.26
C THR A 258 -7.29 41.18 4.88
N LEU A 259 -8.43 40.53 5.04
CA LEU A 259 -9.72 41.24 4.98
C LEU A 259 -10.46 41.07 6.30
N ALA A 260 -10.68 42.18 7.01
CA ALA A 260 -11.20 42.09 8.36
C ALA A 260 -11.87 43.38 8.75
N PHE A 261 -13.03 43.28 9.37
CA PHE A 261 -13.67 44.43 10.01
C PHE A 261 -13.31 44.42 11.48
N ASP A 262 -13.51 45.55 12.15
CA ASP A 262 -13.17 45.68 13.58
C ASP A 262 -14.31 46.17 14.47
N ASP A 263 -15.53 46.00 14.00
CA ASP A 263 -16.72 46.17 14.85
C ASP A 263 -16.79 45.18 16.00
N PHE A 264 -16.25 43.97 15.76
CA PHE A 264 -16.12 42.92 16.75
C PHE A 264 -14.64 42.56 16.82
N ALA A 265 -14.14 42.34 18.04
CA ALA A 265 -12.76 41.96 18.25
C ALA A 265 -12.53 40.51 17.73
N PRO A 266 -11.40 40.25 17.04
CA PRO A 266 -11.09 38.92 16.56
C PRO A 266 -10.49 38.05 17.70
N VAL A 267 -11.36 37.40 18.47
CA VAL A 267 -10.96 36.73 19.70
C VAL A 267 -11.27 35.26 19.71
N PRO A 268 -10.49 34.49 20.47
CA PRO A 268 -10.71 33.06 20.60
C PRO A 268 -11.91 32.80 21.48
N LEU A 269 -12.87 32.06 20.95
CA LEU A 269 -14.12 31.78 21.67
C LEU A 269 -14.34 30.27 21.77
N GLU A 270 -14.75 29.80 22.95
CA GLU A 270 -15.06 28.39 23.17
C GLU A 270 -16.49 28.08 22.80
N TRP A 271 -16.71 27.74 21.54
CA TRP A 271 -18.11 27.60 21.08
C TRP A 271 -18.66 26.25 21.53
N PRO A 272 -19.89 26.24 22.09
CA PRO A 272 -20.39 24.98 22.63
C PRO A 272 -20.69 23.97 21.53
N ARG A 273 -20.43 22.70 21.80
CA ARG A 273 -20.66 21.59 20.87
C ARG A 273 -21.86 20.70 21.28
N GLU A 274 -22.51 20.98 22.39
CA GLU A 274 -23.69 20.18 22.81
C GLU A 274 -24.82 20.38 21.82
N VAL A 275 -25.64 19.33 21.68
CA VAL A 275 -26.93 19.46 21.01
C VAL A 275 -27.65 20.68 21.54
N GLY A 276 -28.19 21.49 20.64
CA GLY A 276 -28.86 22.73 21.05
C GLY A 276 -27.87 23.88 21.15
N GLY A 277 -26.99 23.83 22.16
CA GLY A 277 -25.94 24.87 22.34
C GLY A 277 -25.14 25.17 21.07
N ARG A 278 -24.82 24.12 20.32
CA ARG A 278 -24.08 24.25 19.05
C ARG A 278 -24.75 25.10 17.99
N ASP A 279 -26.06 25.26 18.07
CA ASP A 279 -26.76 26.17 17.17
C ASP A 279 -26.62 27.64 17.52
N LEU A 280 -26.08 27.95 18.70
CA LEU A 280 -25.82 29.34 19.09
C LEU A 280 -25.02 30.08 18.06
N GLN A 281 -25.39 31.34 17.85
CA GLN A 281 -24.67 32.24 17.01
C GLN A 281 -24.54 33.56 17.75
N ILE A 282 -23.55 34.34 17.38
CA ILE A 282 -23.49 35.74 17.81
C ILE A 282 -24.52 36.57 17.04
N SER A 283 -24.68 37.80 17.48
CA SER A 283 -25.63 38.70 16.85
C SER A 283 -25.14 39.07 15.44
N GLY A 284 -23.88 38.86 15.17
CA GLY A 284 -23.29 38.99 13.82
C GLY A 284 -22.41 40.25 13.73
N GLY A 285 -21.14 40.07 13.32
CA GLY A 285 -20.23 41.18 13.01
C GLY A 285 -20.13 41.35 11.51
N ALA A 286 -19.71 42.52 11.06
CA ALA A 286 -19.46 42.69 9.63
C ALA A 286 -18.47 41.61 9.18
N THR A 287 -18.68 41.08 7.99
CA THR A 287 -18.09 39.80 7.62
C THR A 287 -17.51 39.84 6.20
N TYR A 288 -16.31 39.27 6.03
CA TYR A 288 -15.82 38.81 4.73
C TYR A 288 -15.80 37.29 4.73
N ILE A 289 -16.21 36.69 3.63
CA ILE A 289 -16.38 35.24 3.58
C ILE A 289 -16.19 34.73 2.17
N ASP A 290 -15.55 33.56 2.04
CA ASP A 290 -15.40 32.83 0.75
C ASP A 290 -14.50 33.56 -0.25
N SER A 291 -13.21 33.35 -0.11
CA SER A 291 -12.23 34.05 -0.95
C SER A 291 -11.95 33.38 -2.29
N VAL A 292 -11.53 34.19 -3.26
CA VAL A 292 -11.09 33.72 -4.56
C VAL A 292 -9.81 34.47 -4.91
N ILE A 293 -8.81 33.77 -5.44
CA ILE A 293 -7.53 34.39 -5.81
C ILE A 293 -7.21 34.20 -7.29
N VAL A 294 -6.63 35.22 -7.90
CA VAL A 294 -6.04 35.07 -9.22
C VAL A 294 -4.87 36.01 -9.39
N GLU A 295 -3.86 35.57 -10.13
CA GLU A 295 -2.72 36.40 -10.49
C GLU A 295 -2.88 36.88 -11.94
N LYS A 296 -2.79 38.17 -12.13
CA LYS A 296 -2.90 38.77 -13.48
C LYS A 296 -1.63 38.55 -14.31
N LYS A 297 -1.75 38.74 -15.62
CA LYS A 297 -0.61 38.62 -16.54
C LYS A 297 0.56 39.47 -16.09
N ASN A 298 0.26 40.70 -15.67
CA ASN A 298 1.28 41.64 -15.18
C ASN A 298 1.79 41.34 -13.75
N LYS A 299 1.41 40.21 -13.16
CA LYS A 299 1.87 39.73 -11.82
C LYS A 299 1.20 40.39 -10.63
N GLN A 300 0.35 41.38 -10.86
CA GLN A 300 -0.53 41.85 -9.79
C GLN A 300 -1.47 40.70 -9.36
N VAL A 301 -1.70 40.57 -8.05
CA VAL A 301 -2.58 39.54 -7.52
C VAL A 301 -3.88 40.20 -7.06
N LEU A 302 -5.00 39.59 -7.42
CA LEU A 302 -6.32 39.93 -6.90
C LEU A 302 -6.84 38.89 -5.91
N MET A 303 -7.48 39.37 -4.87
CA MET A 303 -8.27 38.56 -4.01
C MET A 303 -9.67 39.14 -3.92
N PHE A 304 -10.68 38.29 -4.15
CA PHE A 304 -12.11 38.64 -4.03
C PHE A 304 -12.67 37.95 -2.79
N ALA A 305 -13.63 38.58 -2.14
CA ALA A 305 -14.40 37.94 -1.08
C ALA A 305 -15.80 38.49 -1.05
N ASP A 306 -16.73 37.70 -0.50
CA ASP A 306 -18.08 38.23 -0.29
C ASP A 306 -17.99 39.17 0.93
N VAL A 307 -18.84 40.18 0.95
CA VAL A 307 -18.91 41.13 2.06
C VAL A 307 -20.34 41.18 2.58
N MET A 308 -20.51 41.00 3.90
CA MET A 308 -21.82 41.03 4.55
C MET A 308 -21.81 42.04 5.66
N PRO A 309 -22.77 42.95 5.66
CA PRO A 309 -22.91 43.86 6.78
C PRO A 309 -23.26 43.11 8.06
N ALA A 310 -22.93 43.71 9.20
CA ALA A 310 -23.18 43.09 10.52
C ALA A 310 -24.65 42.72 10.68
N GLY A 311 -24.90 41.47 11.05
CA GLY A 311 -26.24 40.98 11.38
C GLY A 311 -26.99 40.39 10.20
N VAL A 312 -26.43 40.46 8.99
CA VAL A 312 -27.15 40.10 7.77
C VAL A 312 -26.69 38.72 7.39
N SER A 313 -27.63 37.84 7.09
CA SER A 313 -27.33 36.44 6.73
C SER A 313 -27.60 36.23 5.25
N PHE A 314 -26.86 35.33 4.58
CA PHE A 314 -27.20 34.96 3.21
C PHE A 314 -28.70 34.61 3.09
N ARG A 315 -29.23 33.85 4.03
CA ARG A 315 -30.59 33.34 3.92
C ARG A 315 -31.70 34.38 4.09
N GLU A 316 -31.50 35.41 4.91
CA GLU A 316 -32.54 36.43 5.13
C GLU A 316 -32.34 37.76 4.38
N ALA A 317 -31.15 37.95 3.80
CA ALA A 317 -30.83 39.15 3.03
C ALA A 317 -31.76 39.35 1.85
N THR A 318 -31.91 40.62 1.49
CA THR A 318 -32.75 40.99 0.36
C THR A 318 -32.07 40.67 -0.97
N ARG A 319 -32.85 40.12 -1.87
CA ARG A 319 -32.43 39.75 -3.19
C ARG A 319 -32.82 40.78 -4.25
N LYS A 320 -33.60 41.78 -3.88
CA LYS A 320 -34.20 42.72 -4.85
C LYS A 320 -33.55 44.11 -4.81
N ASP A 321 -32.39 44.25 -4.17
CA ASP A 321 -31.75 45.55 -4.10
C ASP A 321 -30.23 45.40 -4.08
N SER A 322 -29.58 45.96 -5.11
CA SER A 322 -28.13 45.89 -5.26
C SER A 322 -27.38 46.67 -4.24
N GLY A 323 -28.02 47.66 -3.61
CA GLY A 323 -27.36 48.57 -2.73
C GLY A 323 -26.77 49.76 -3.48
N TYR A 324 -27.08 49.88 -4.77
CA TYR A 324 -26.58 50.99 -5.60
C TYR A 324 -27.75 51.78 -6.19
N LYS A 325 -27.51 53.05 -6.48
CA LYS A 325 -28.37 53.89 -7.31
C LYS A 325 -27.58 54.22 -8.58
N GLN A 326 -28.32 54.54 -9.64
CA GLN A 326 -27.73 55.06 -10.87
C GLN A 326 -28.13 56.53 -10.97
N ILE A 327 -27.14 57.42 -10.98
CA ILE A 327 -27.38 58.87 -11.08
C ILE A 327 -26.47 59.41 -12.17
N ASP A 328 -27.06 60.12 -13.13
CA ASP A 328 -26.33 60.59 -14.34
C ASP A 328 -25.50 59.49 -14.98
N GLY A 329 -26.04 58.29 -15.07
CA GLY A 329 -25.32 57.16 -15.69
C GLY A 329 -24.21 56.49 -14.86
N ASN A 330 -23.90 57.02 -13.67
CA ASN A 330 -22.89 56.42 -12.79
C ASN A 330 -23.56 55.63 -11.69
N TYR A 331 -22.91 54.56 -11.26
CA TYR A 331 -23.41 53.72 -10.16
C TYR A 331 -22.77 54.13 -8.87
N TYR A 332 -23.57 54.57 -7.91
CA TYR A 332 -23.07 54.97 -6.61
C TYR A 332 -23.67 54.10 -5.50
N LEU A 333 -22.83 53.73 -4.54
CA LEU A 333 -23.31 52.93 -3.39
C LEU A 333 -24.23 53.83 -2.58
N LYS A 334 -25.42 53.35 -2.26
CA LYS A 334 -26.39 54.19 -1.53
C LYS A 334 -26.39 53.94 -0.01
N LEU A 335 -26.91 54.90 0.73
CA LEU A 335 -26.89 54.89 2.18
C LEU A 335 -28.19 55.38 2.75
N ARG A 336 -28.58 54.79 3.87
CA ARG A 336 -29.74 55.23 4.63
C ARG A 336 -29.26 55.78 5.96
N LYS A 337 -29.63 57.02 6.24
CA LYS A 337 -29.23 57.67 7.51
C LYS A 337 -30.18 57.20 8.59
N GLN A 338 -29.66 56.95 9.79
CA GLN A 338 -30.47 56.37 10.90
C GLN A 338 -31.67 57.27 11.17
N GLY A 339 -32.86 56.65 11.27
CA GLY A 339 -34.10 57.39 11.40
C GLY A 339 -34.80 57.70 10.08
N ASP A 340 -34.12 57.60 8.94
CA ASP A 340 -34.80 57.72 7.65
C ASP A 340 -35.40 56.38 7.28
N THR A 341 -36.44 56.43 6.47
CA THR A 341 -37.04 55.25 5.88
C THR A 341 -36.40 54.95 4.53
N ASP A 342 -36.18 55.98 3.74
CA ASP A 342 -35.62 55.85 2.40
C ASP A 342 -34.11 55.92 2.46
N TYR A 343 -33.50 55.44 1.39
CA TYR A 343 -32.08 55.62 1.13
C TYR A 343 -31.94 56.96 0.40
N ASN A 344 -31.60 58.01 1.16
CA ASN A 344 -31.53 59.37 0.61
C ASN A 344 -30.14 59.85 0.23
N TYR A 345 -29.14 58.99 0.33
CA TYR A 345 -27.76 59.40 0.18
C TYR A 345 -26.99 58.47 -0.73
N THR A 346 -25.93 59.02 -1.33
CA THR A 346 -25.00 58.22 -2.13
C THR A 346 -23.58 58.65 -1.85
N ILE A 347 -22.65 57.72 -2.03
CA ILE A 347 -21.23 57.97 -1.88
C ILE A 347 -20.75 58.25 -3.31
N ARG A 348 -20.28 59.47 -3.56
CA ARG A 348 -19.89 59.86 -4.93
C ARG A 348 -18.38 60.10 -5.02
N GLU A 349 -17.93 61.01 -5.89
CA GLU A 349 -16.51 61.25 -6.07
C GLU A 349 -15.78 61.62 -4.78
N ASN A 350 -14.58 61.08 -4.64
CA ASN A 350 -13.71 61.24 -3.45
C ASN A 350 -14.36 60.77 -2.15
N GLY A 351 -15.36 59.91 -2.25
CA GLY A 351 -16.09 59.40 -1.10
C GLY A 351 -17.05 60.37 -0.44
N THR A 352 -17.28 61.52 -1.07
CA THR A 352 -18.22 62.50 -0.54
C THR A 352 -19.63 61.90 -0.54
N VAL A 353 -20.30 62.00 0.61
CA VAL A 353 -21.70 61.62 0.75
C VAL A 353 -22.61 62.79 0.31
N TYR A 354 -23.44 62.53 -0.71
CA TYR A 354 -24.42 63.49 -1.24
C TYR A 354 -25.79 63.15 -0.72
N ASP A 355 -26.60 64.19 -0.50
CA ASP A 355 -28.02 64.04 -0.30
C ASP A 355 -28.64 64.04 -1.70
N ASP A 356 -29.25 62.92 -2.06
CA ASP A 356 -29.80 62.75 -3.40
C ASP A 356 -31.07 63.57 -3.60
N ARG A 357 -31.73 63.99 -2.52
CA ARG A 357 -32.92 64.83 -2.65
C ARG A 357 -32.57 66.22 -3.14
N THR A 358 -31.43 66.74 -2.70
CA THR A 358 -30.95 68.05 -3.10
C THR A 358 -29.79 68.03 -4.08
N ASN A 359 -29.20 66.85 -4.27
CA ASN A 359 -28.08 66.69 -5.15
C ASN A 359 -26.89 67.59 -4.74
N ARG A 360 -26.64 67.67 -3.43
CA ARG A 360 -25.56 68.48 -2.88
C ARG A 360 -24.72 67.64 -1.91
N PRO A 361 -23.42 67.95 -1.81
CA PRO A 361 -22.58 67.28 -0.81
C PRO A 361 -23.02 67.59 0.62
N THR A 362 -22.94 66.60 1.50
CA THR A 362 -23.11 66.77 2.94
C THR A 362 -21.77 67.03 3.59
N GLU A 363 -21.78 67.16 4.91
CA GLU A 363 -20.55 67.18 5.73
C GLU A 363 -19.87 65.81 5.83
N PHE A 364 -20.51 64.74 5.34
CA PHE A 364 -20.02 63.38 5.55
C PHE A 364 -19.26 62.86 4.35
N SER A 365 -18.31 61.96 4.63
CA SER A 365 -17.54 61.26 3.62
C SER A 365 -17.19 59.87 4.12
N VAL A 366 -16.90 58.98 3.17
CA VAL A 366 -16.54 57.60 3.43
C VAL A 366 -15.19 57.31 2.75
N ASP A 367 -14.20 56.87 3.54
CA ASP A 367 -12.86 56.59 3.00
C ASP A 367 -12.88 55.24 2.26
N LYS A 368 -11.76 54.83 1.70
CA LYS A 368 -11.69 53.65 0.81
C LYS A 368 -11.86 52.33 1.58
N ASN A 369 -11.68 52.37 2.91
CA ASN A 369 -11.92 51.23 3.81
C ASN A 369 -13.26 51.32 4.52
N PHE A 370 -14.16 52.12 3.96
CA PHE A 370 -15.57 52.19 4.37
C PHE A 370 -15.84 52.93 5.70
N GLY A 371 -14.83 53.66 6.21
CA GLY A 371 -14.97 54.42 7.45
C GLY A 371 -15.63 55.76 7.16
N ILE A 372 -16.44 56.23 8.09
CA ILE A 372 -17.21 57.46 7.95
C ILE A 372 -16.53 58.63 8.66
N LYS A 373 -16.44 59.74 7.94
CA LYS A 373 -15.93 61.01 8.48
C LYS A 373 -17.03 62.07 8.42
N GLN A 374 -16.97 63.00 9.34
CA GLN A 374 -17.82 64.19 9.36
C GLN A 374 -16.89 65.41 9.44
N ASN A 375 -16.97 66.31 8.46
CA ASN A 375 -16.08 67.48 8.35
C ASN A 375 -14.62 67.08 8.43
N GLY A 376 -14.26 65.98 7.77
CA GLY A 376 -12.90 65.52 7.76
C GLY A 376 -12.39 64.75 8.97
N ASN A 377 -13.20 64.60 10.03
CA ASN A 377 -12.82 63.82 11.23
C ASN A 377 -13.59 62.50 11.29
N TYR A 378 -12.92 61.42 11.66
CA TYR A 378 -13.58 60.13 11.81
C TYR A 378 -14.62 60.13 12.90
N LEU A 379 -15.79 59.55 12.60
CA LEU A 379 -16.74 59.19 13.64
C LEU A 379 -16.32 57.83 14.15
N THR A 380 -16.65 57.52 15.40
CA THR A 380 -16.23 56.27 16.01
C THR A 380 -17.44 55.57 16.62
N VAL A 381 -17.29 54.26 16.80
CA VAL A 381 -18.20 53.43 17.57
C VAL A 381 -17.37 52.53 18.47
N GLU A 382 -18.02 52.00 19.49
CA GLU A 382 -17.35 51.13 20.42
C GLU A 382 -17.38 49.70 19.89
N GLN A 383 -16.23 49.03 19.90
CA GLN A 383 -16.12 47.63 19.47
C GLN A 383 -16.83 46.69 20.46
N TYR A 384 -17.31 45.56 19.94
CA TYR A 384 -17.89 44.47 20.73
C TYR A 384 -16.88 43.34 20.95
N SER A 385 -16.91 42.80 22.15
CA SER A 385 -16.36 41.49 22.43
C SER A 385 -17.48 40.51 22.75
N VAL A 386 -17.20 39.24 22.52
CA VAL A 386 -18.10 38.13 22.87
C VAL A 386 -17.34 37.39 23.94
N SER A 387 -18.06 36.87 24.92
CA SER A 387 -17.46 36.01 25.93
C SER A 387 -18.47 34.92 26.36
N PHE A 388 -18.00 34.07 27.28
CA PHE A 388 -18.81 33.04 27.98
C PHE A 388 -18.68 33.17 29.50
N GLU A 389 -19.82 33.37 30.15
CA GLU A 389 -19.91 33.58 31.60
C GLU A 389 -20.91 32.54 32.13
N ASN A 390 -20.45 31.52 32.85
CA ASN A 390 -21.30 30.39 33.26
C ASN A 390 -22.00 29.65 32.10
N ASN A 391 -21.23 29.28 31.09
CA ASN A 391 -21.74 28.71 29.83
C ASN A 391 -22.84 29.54 29.17
N LYS A 392 -22.83 30.86 29.41
CA LYS A 392 -23.79 31.80 28.84
C LYS A 392 -23.03 32.73 27.90
N LYS A 393 -23.56 32.96 26.69
CA LYS A 393 -22.88 33.89 25.77
C LYS A 393 -23.25 35.32 26.15
N THR A 394 -22.25 36.18 26.23
CA THR A 394 -22.49 37.60 26.42
C THR A 394 -21.81 38.38 25.33
N GLU A 395 -22.45 39.43 24.81
CA GLU A 395 -21.80 40.40 23.89
C GLU A 395 -21.80 41.74 24.59
N TYR A 396 -20.69 42.46 24.57
CA TYR A 396 -20.70 43.78 25.18
C TYR A 396 -19.70 44.71 24.52
N ARG A 397 -20.01 46.00 24.66
CA ARG A 397 -19.07 47.07 24.31
C ARG A 397 -17.84 47.00 25.21
N ASN A 398 -16.66 46.92 24.59
CA ASN A 398 -15.46 46.44 25.26
C ASN A 398 -14.41 47.52 25.56
N GLY A 399 -14.76 48.78 25.32
CA GLY A 399 -13.89 49.91 25.65
C GLY A 399 -12.99 50.35 24.51
N THR A 400 -12.89 49.55 23.44
CA THR A 400 -12.10 49.95 22.26
C THR A 400 -12.92 50.82 21.32
N LYS A 401 -12.37 51.96 20.89
CA LYS A 401 -13.00 52.84 19.91
C LYS A 401 -12.46 52.50 18.55
N VAL A 402 -13.33 52.28 17.60
CA VAL A 402 -12.92 52.02 16.19
C VAL A 402 -13.67 52.99 15.27
N HIS A 403 -13.19 53.14 14.04
CA HIS A 403 -13.90 54.00 13.08
C HIS A 403 -15.30 53.46 12.82
N MET A 404 -16.28 54.37 12.80
CA MET A 404 -17.62 54.02 12.34
C MET A 404 -17.49 53.59 10.89
N ASN A 405 -18.23 52.57 10.50
CA ASN A 405 -18.09 51.95 9.21
C ASN A 405 -19.49 51.68 8.69
N ILE A 406 -19.68 51.90 7.39
CA ILE A 406 -21.03 51.77 6.77
C ILE A 406 -21.60 50.36 6.82
N PHE A 407 -20.75 49.37 7.06
CA PHE A 407 -21.14 48.00 7.26
C PHE A 407 -21.52 47.60 8.71
N TYR A 408 -21.44 48.53 9.65
CA TYR A 408 -21.63 48.18 11.06
C TYR A 408 -23.08 48.45 11.47
N LYS A 409 -23.54 47.73 12.49
CA LYS A 409 -24.90 47.95 13.01
C LYS A 409 -25.03 49.28 13.77
N ASP A 410 -23.92 49.85 14.24
CA ASP A 410 -23.93 51.14 14.91
C ASP A 410 -23.62 52.35 14.03
N ALA A 411 -23.66 52.20 12.71
CA ALA A 411 -23.36 53.31 11.85
C ALA A 411 -24.52 54.30 11.65
N LEU A 412 -24.18 55.59 11.61
CA LEU A 412 -25.11 56.66 11.29
C LEU A 412 -25.67 56.55 9.86
N PHE A 413 -24.83 56.10 8.93
CA PHE A 413 -25.21 55.80 7.54
C PHE A 413 -24.92 54.35 7.28
N LYS A 414 -25.91 53.65 6.72
CA LYS A 414 -25.83 52.21 6.51
C LYS A 414 -26.15 51.81 5.07
N VAL A 415 -25.38 50.84 4.58
CA VAL A 415 -25.66 50.19 3.32
C VAL A 415 -26.91 49.29 3.40
N VAL A 416 -27.42 48.95 2.23
CA VAL A 416 -28.51 48.01 2.12
C VAL A 416 -28.08 46.69 2.76
N PRO A 417 -28.97 46.05 3.54
CA PRO A 417 -28.60 44.79 4.18
C PRO A 417 -28.67 43.63 3.18
N THR A 418 -27.61 43.51 2.39
CA THR A 418 -27.52 42.48 1.37
C THR A 418 -26.04 42.13 1.23
N ASN A 419 -25.75 41.16 0.36
CA ASN A 419 -24.38 40.73 0.14
C ASN A 419 -23.72 41.52 -1.00
N TYR A 420 -22.41 41.72 -0.87
CA TYR A 420 -21.62 42.39 -1.88
C TYR A 420 -20.40 41.54 -2.20
N ILE A 421 -19.63 41.99 -3.18
CA ILE A 421 -18.30 41.42 -3.47
C ILE A 421 -17.30 42.55 -3.45
N ALA A 422 -16.17 42.32 -2.77
CA ALA A 422 -15.03 43.23 -2.80
C ALA A 422 -13.81 42.51 -3.35
N TYR A 423 -12.91 43.30 -3.94
CA TYR A 423 -11.58 42.82 -4.22
C TYR A 423 -10.50 43.80 -3.81
N ILE A 424 -9.32 43.23 -3.57
CA ILE A 424 -8.12 43.97 -3.22
C ILE A 424 -7.01 43.45 -4.12
N SER A 425 -6.00 44.29 -4.35
CA SER A 425 -4.90 43.93 -5.22
C SER A 425 -3.58 44.08 -4.48
N SER A 426 -2.61 43.26 -4.87
CA SER A 426 -1.25 43.31 -4.33
C SER A 426 -0.24 43.37 -5.45
N ASN A 427 0.76 44.24 -5.28
CA ASN A 427 1.88 44.34 -6.21
C ASN A 427 3.14 43.69 -5.71
N ASP A 428 3.10 43.07 -4.52
CA ASP A 428 4.29 42.42 -3.96
C ASP A 428 3.98 40.97 -3.60
N HIS A 429 3.09 40.35 -4.37
CA HIS A 429 2.72 38.96 -4.17
C HIS A 429 2.28 38.62 -2.77
N GLY A 430 1.37 39.45 -2.27
CA GLY A 430 0.67 39.17 -1.05
C GLY A 430 1.25 39.72 0.23
N GLU A 431 2.32 40.47 0.15
CA GLU A 431 2.90 41.07 1.37
C GLU A 431 2.12 42.30 1.82
N SER A 432 1.62 43.10 0.86
CA SER A 432 0.75 44.23 1.16
C SER A 432 -0.37 44.30 0.12
N TRP A 433 -1.46 44.94 0.52
CA TRP A 433 -2.70 45.00 -0.27
C TRP A 433 -3.28 46.41 -0.33
N SER A 434 -3.94 46.71 -1.45
CA SER A 434 -4.73 47.91 -1.60
C SER A 434 -5.97 47.92 -0.67
N ALA A 435 -6.61 49.08 -0.60
CA ALA A 435 -7.96 49.19 -0.07
C ALA A 435 -8.93 48.39 -0.93
N PRO A 436 -10.06 47.94 -0.37
CA PRO A 436 -11.04 47.20 -1.16
C PRO A 436 -11.81 48.03 -2.17
N THR A 437 -12.21 47.40 -3.26
CA THR A 437 -13.14 47.95 -4.23
C THR A 437 -14.38 47.05 -4.21
N LEU A 438 -15.56 47.63 -4.00
CA LEU A 438 -16.81 46.87 -4.14
C LEU A 438 -17.10 46.75 -5.62
N LEU A 439 -17.45 45.53 -6.03
CA LEU A 439 -17.91 45.33 -7.38
C LEU A 439 -19.11 46.22 -7.64
N PRO A 440 -19.16 46.85 -8.84
CA PRO A 440 -20.43 47.48 -9.24
C PRO A 440 -21.58 46.49 -9.36
N PRO A 441 -22.82 47.01 -9.55
CA PRO A 441 -24.02 46.16 -9.59
C PRO A 441 -24.18 45.44 -10.94
N ILE A 442 -23.25 44.54 -11.23
CA ILE A 442 -23.24 43.82 -12.51
C ILE A 442 -24.44 42.91 -12.72
N MET A 443 -25.10 42.45 -11.66
CA MET A 443 -26.37 41.72 -11.83
C MET A 443 -27.60 42.59 -12.14
N GLY A 444 -27.46 43.91 -12.09
CA GLY A 444 -28.57 44.85 -12.25
C GLY A 444 -28.79 45.59 -10.95
N LEU A 445 -29.49 46.72 -11.02
CA LEU A 445 -29.76 47.54 -9.84
C LEU A 445 -30.67 46.87 -8.82
N ASN A 446 -31.53 45.97 -9.29
CA ASN A 446 -32.55 45.38 -8.47
C ASN A 446 -32.29 43.90 -8.19
N ARG A 447 -31.02 43.49 -8.24
CA ARG A 447 -30.60 42.16 -7.77
C ARG A 447 -29.41 42.30 -6.86
N ASN A 448 -29.31 41.38 -5.89
CA ASN A 448 -28.12 41.30 -5.05
C ASN A 448 -26.92 40.82 -5.88
N ALA A 449 -25.73 41.03 -5.34
CA ALA A 449 -24.52 40.54 -6.00
C ALA A 449 -24.52 39.02 -6.00
N PRO A 450 -23.69 38.43 -6.87
CA PRO A 450 -23.48 36.99 -6.78
C PRO A 450 -22.72 36.58 -5.52
N TYR A 451 -22.71 35.27 -5.25
CA TYR A 451 -21.88 34.65 -4.22
C TYR A 451 -20.67 34.00 -4.88
N LEU A 452 -19.47 34.29 -4.39
CA LEU A 452 -18.27 33.72 -5.00
C LEU A 452 -18.19 32.21 -4.81
N GLY A 453 -17.62 31.52 -5.79
CA GLY A 453 -17.24 30.12 -5.69
C GLY A 453 -15.79 30.07 -5.19
N PRO A 454 -15.56 29.65 -3.93
CA PRO A 454 -14.22 29.75 -3.34
C PRO A 454 -13.18 28.91 -4.07
N GLY A 455 -12.00 29.48 -4.24
CA GLY A 455 -10.90 28.84 -4.94
C GLY A 455 -10.15 29.86 -5.71
N ARG A 456 -9.86 29.55 -6.97
CA ARG A 456 -9.15 30.48 -7.82
C ARG A 456 -9.98 30.94 -8.97
N GLY A 457 -9.51 32.01 -9.59
CA GLY A 457 -9.96 32.43 -10.91
C GLY A 457 -8.94 32.00 -11.94
N ILE A 458 -9.22 32.22 -13.20
CA ILE A 458 -8.26 31.95 -14.27
C ILE A 458 -8.15 33.08 -15.28
N ILE A 459 -7.09 32.99 -16.08
CA ILE A 459 -6.90 33.84 -17.21
C ILE A 459 -6.90 32.93 -18.44
N GLU A 460 -7.87 33.10 -19.31
CA GLU A 460 -7.98 32.28 -20.48
C GLU A 460 -6.90 32.76 -21.43
N SER A 461 -6.23 31.80 -22.06
CA SER A 461 -4.95 32.05 -22.71
C SER A 461 -5.02 32.77 -24.07
N SER A 462 -6.00 32.43 -24.91
CA SER A 462 -6.09 33.05 -26.22
C SER A 462 -6.57 34.51 -26.18
N THR A 463 -7.44 34.89 -25.23
CA THR A 463 -7.99 36.27 -25.18
C THR A 463 -7.45 37.10 -24.02
N GLY A 464 -6.90 36.44 -23.02
CA GLY A 464 -6.50 37.13 -21.77
C GLY A 464 -7.67 37.52 -20.88
N ARG A 465 -8.85 36.99 -21.17
CA ARG A 465 -10.01 37.25 -20.33
C ARG A 465 -9.79 36.69 -18.91
N ILE A 466 -10.04 37.51 -17.92
CA ILE A 466 -10.02 37.07 -16.50
C ILE A 466 -11.39 36.54 -16.11
N LEU A 467 -11.48 35.34 -15.55
CA LEU A 467 -12.76 34.75 -15.14
C LEU A 467 -12.79 34.40 -13.67
N ILE A 468 -13.85 34.83 -13.01
CA ILE A 468 -14.03 34.64 -11.56
C ILE A 468 -15.35 33.94 -11.36
N PRO A 469 -15.34 32.77 -10.71
CA PRO A 469 -16.58 32.01 -10.62
C PRO A 469 -17.47 32.50 -9.49
N SER A 470 -18.76 32.56 -9.78
CA SER A 470 -19.75 32.86 -8.76
C SER A 470 -21.10 32.22 -9.13
N TYR A 471 -22.08 32.42 -8.27
CA TYR A 471 -23.40 31.81 -8.43
C TYR A 471 -24.46 32.63 -7.68
N THR A 472 -25.74 32.41 -8.02
CA THR A 472 -26.83 33.17 -7.43
C THR A 472 -27.80 32.33 -6.60
N GLY A 473 -27.73 31.00 -6.72
CA GLY A 473 -28.75 30.13 -6.09
C GLY A 473 -29.66 29.52 -7.12
N LYS A 474 -29.83 30.19 -8.27
CA LYS A 474 -30.49 29.55 -9.41
C LYS A 474 -29.73 29.62 -10.75
N GLU A 475 -28.67 30.42 -10.82
CA GLU A 475 -27.87 30.59 -12.03
C GLU A 475 -26.39 30.48 -11.69
N SER A 476 -25.59 30.14 -12.69
CA SER A 476 -24.16 30.40 -12.63
C SER A 476 -23.94 31.85 -13.00
N ALA A 477 -22.95 32.50 -12.37
CA ALA A 477 -22.55 33.86 -12.77
C ALA A 477 -21.04 33.91 -12.95
N PHE A 478 -20.62 33.94 -14.21
CA PHE A 478 -19.23 33.98 -14.54
C PHE A 478 -18.84 35.42 -14.71
N ILE A 479 -18.15 35.94 -13.69
CA ILE A 479 -17.68 37.31 -13.65
C ILE A 479 -16.38 37.39 -14.46
N TYR A 480 -16.23 38.39 -15.30
CA TYR A 480 -15.09 38.45 -16.19
C TYR A 480 -14.66 39.85 -16.51
N SER A 481 -13.39 40.00 -16.88
CA SER A 481 -12.89 41.30 -17.36
C SER A 481 -12.10 41.08 -18.65
N ASP A 482 -12.41 41.87 -19.66
CA ASP A 482 -11.67 41.89 -20.92
C ASP A 482 -10.70 43.05 -21.02
N ASP A 483 -10.46 43.77 -19.92
CA ASP A 483 -9.50 44.87 -19.95
C ASP A 483 -8.49 44.76 -18.80
N ASN A 484 -8.02 43.53 -18.57
N ASN A 484 -8.03 43.52 -18.57
CA ASN A 484 -7.04 43.24 -17.52
CA ASN A 484 -7.02 43.22 -17.54
C ASN A 484 -7.44 43.68 -16.11
C ASN A 484 -7.43 43.68 -16.12
N GLY A 485 -8.74 43.57 -15.84
CA GLY A 485 -9.28 43.84 -14.52
C GLY A 485 -9.61 45.27 -14.16
N ALA A 486 -9.66 46.15 -15.15
CA ALA A 486 -10.09 47.52 -14.92
C ALA A 486 -11.61 47.58 -14.74
N SER A 487 -12.36 46.83 -15.52
CA SER A 487 -13.82 46.79 -15.39
C SER A 487 -14.29 45.35 -15.48
N TRP A 488 -15.49 45.10 -14.96
CA TRP A 488 -16.04 43.76 -14.79
C TRP A 488 -17.43 43.61 -15.38
N LYS A 489 -17.67 42.45 -15.98
CA LYS A 489 -18.96 42.10 -16.54
C LYS A 489 -19.30 40.70 -16.05
N VAL A 490 -20.48 40.21 -16.44
CA VAL A 490 -20.93 38.89 -15.99
C VAL A 490 -21.73 38.20 -17.11
N LYS A 491 -21.55 36.88 -17.22
CA LYS A 491 -22.43 36.03 -17.99
C LYS A 491 -23.26 35.22 -17.01
N VAL A 492 -24.57 35.33 -17.10
CA VAL A 492 -25.50 34.68 -16.20
C VAL A 492 -26.10 33.50 -16.92
N VAL A 493 -25.98 32.30 -16.37
CA VAL A 493 -26.41 31.07 -17.04
C VAL A 493 -27.42 30.34 -16.19
N PRO A 494 -28.70 30.31 -16.63
CA PRO A 494 -29.74 29.63 -15.81
C PRO A 494 -29.39 28.14 -15.64
N LEU A 495 -29.67 27.60 -14.46
CA LEU A 495 -29.32 26.22 -14.12
C LEU A 495 -30.59 25.37 -14.02
N PRO A 496 -30.47 24.04 -14.21
CA PRO A 496 -31.65 23.16 -14.13
C PRO A 496 -32.39 23.18 -12.80
N SER A 497 -31.74 23.59 -11.72
CA SER A 497 -32.37 23.63 -10.41
C SER A 497 -31.64 24.63 -9.58
N SER A 498 -32.05 24.75 -8.33
CA SER A 498 -31.48 25.77 -7.44
C SER A 498 -30.17 25.32 -6.80
N TRP A 499 -29.15 25.18 -7.63
CA TRP A 499 -27.85 24.70 -7.19
C TRP A 499 -27.12 25.77 -6.40
N SER A 500 -26.42 25.36 -5.36
CA SER A 500 -25.37 26.19 -4.75
C SER A 500 -24.10 26.03 -5.53
N ALA A 501 -24.05 26.70 -6.69
CA ALA A 501 -23.11 26.33 -7.78
C ALA A 501 -21.74 26.97 -7.64
N GLU A 502 -21.08 26.66 -6.54
CA GLU A 502 -19.67 26.94 -6.34
C GLU A 502 -18.91 26.21 -7.45
N ALA A 503 -18.14 26.98 -8.21
CA ALA A 503 -17.49 26.50 -9.40
C ALA A 503 -16.00 26.83 -9.44
N GLN A 504 -15.30 26.08 -10.30
CA GLN A 504 -13.91 26.34 -10.65
C GLN A 504 -13.74 26.03 -12.14
N PHE A 505 -12.82 26.74 -12.80
CA PHE A 505 -12.59 26.60 -14.23
C PHE A 505 -11.32 25.81 -14.58
N VAL A 506 -11.34 25.15 -15.73
CA VAL A 506 -10.11 24.71 -16.39
C VAL A 506 -10.16 25.06 -17.87
N GLU A 507 -8.98 25.25 -18.44
CA GLU A 507 -8.84 25.46 -19.90
C GLU A 507 -8.38 24.17 -20.52
N LEU A 508 -9.15 23.64 -21.46
CA LEU A 508 -8.80 22.40 -22.14
C LEU A 508 -7.84 22.67 -23.29
N SER A 509 -8.17 23.68 -24.08
CA SER A 509 -7.35 24.12 -25.19
C SER A 509 -7.67 25.63 -25.40
N PRO A 510 -6.86 26.36 -26.21
CA PRO A 510 -7.10 27.81 -26.32
C PRO A 510 -8.55 28.08 -26.69
N GLY A 511 -9.21 28.94 -25.91
CA GLY A 511 -10.60 29.28 -26.15
C GLY A 511 -11.63 28.35 -25.52
N VAL A 512 -11.23 27.17 -25.03
CA VAL A 512 -12.18 26.16 -24.60
C VAL A 512 -12.04 25.96 -23.12
N ILE A 513 -13.08 26.32 -22.37
CA ILE A 513 -13.04 26.21 -20.93
C ILE A 513 -14.24 25.46 -20.39
N GLN A 514 -14.06 24.81 -19.24
CA GLN A 514 -15.14 24.13 -18.55
C GLN A 514 -15.24 24.61 -17.12
N ALA A 515 -16.48 24.79 -16.64
CA ALA A 515 -16.76 25.19 -15.27
C ALA A 515 -17.33 23.98 -14.55
N TYR A 516 -16.60 23.46 -13.57
CA TYR A 516 -17.01 22.32 -12.75
C TYR A 516 -17.67 22.89 -11.51
N MET A 517 -18.82 22.36 -11.09
CA MET A 517 -19.56 22.96 -10.01
C MET A 517 -20.39 21.97 -9.20
N ARG A 518 -20.60 22.38 -7.95
CA ARG A 518 -21.56 21.77 -7.02
C ARG A 518 -22.97 21.90 -7.51
N THR A 519 -23.78 20.87 -7.26
CA THR A 519 -25.20 20.87 -7.62
C THR A 519 -26.02 20.52 -6.39
N ASN A 520 -27.34 20.44 -6.57
CA ASN A 520 -28.22 19.93 -5.54
C ASN A 520 -28.77 18.54 -5.87
N ASN A 521 -28.14 17.82 -6.79
CA ASN A 521 -28.67 16.55 -7.21
C ASN A 521 -27.73 15.35 -6.92
N GLY A 522 -26.63 15.60 -6.22
CA GLY A 522 -25.67 14.54 -5.87
C GLY A 522 -24.46 14.38 -6.82
N LYS A 523 -24.50 15.03 -8.00
CA LYS A 523 -23.48 14.89 -9.00
C LYS A 523 -22.66 16.17 -9.11
N ILE A 524 -21.46 16.05 -9.67
CA ILE A 524 -20.69 17.20 -10.08
C ILE A 524 -21.04 17.52 -11.54
N ALA A 525 -21.45 18.76 -11.79
CA ALA A 525 -21.76 19.20 -13.13
C ALA A 525 -20.56 19.93 -13.77
N TYR A 526 -20.48 19.87 -15.10
CA TYR A 526 -19.58 20.75 -15.82
C TYR A 526 -20.25 21.32 -17.06
N LEU A 527 -20.04 22.62 -17.25
CA LEU A 527 -20.52 23.35 -18.43
C LEU A 527 -19.34 23.73 -19.30
N THR A 528 -19.55 23.73 -20.62
CA THR A 528 -18.44 23.92 -21.54
C THR A 528 -18.63 25.18 -22.38
N SER A 529 -17.57 25.97 -22.54
CA SER A 529 -17.54 27.12 -23.45
C SER A 529 -16.44 26.95 -24.49
N LYS A 530 -16.78 27.21 -25.73
CA LYS A 530 -15.81 27.15 -26.82
C LYS A 530 -15.42 28.54 -27.33
N ASP A 531 -15.85 29.59 -26.63
CA ASP A 531 -15.55 31.00 -27.00
C ASP A 531 -15.07 31.79 -25.78
N ALA A 532 -14.20 31.15 -24.98
CA ALA A 532 -13.58 31.78 -23.82
C ALA A 532 -14.59 32.31 -22.79
N GLY A 533 -15.73 31.65 -22.67
CA GLY A 533 -16.71 31.97 -21.66
C GLY A 533 -17.85 32.89 -22.06
N THR A 534 -17.96 33.25 -23.32
CA THR A 534 -19.08 34.07 -23.80
C THR A 534 -20.38 33.23 -23.81
N THR A 535 -20.32 32.01 -24.31
CA THR A 535 -21.47 31.12 -24.33
C THR A 535 -21.12 29.76 -23.71
N TRP A 536 -22.13 29.13 -23.12
CA TRP A 536 -21.97 27.89 -22.35
C TRP A 536 -22.96 26.81 -22.78
N SER A 537 -22.49 25.56 -22.81
CA SER A 537 -23.32 24.40 -23.08
C SER A 537 -24.29 24.11 -21.94
N ALA A 538 -25.24 23.23 -22.22
CA ALA A 538 -26.04 22.59 -21.19
C ALA A 538 -25.09 21.79 -20.27
N PRO A 539 -25.52 21.51 -19.03
CA PRO A 539 -24.67 20.74 -18.12
C PRO A 539 -24.44 19.29 -18.53
N GLU A 540 -23.22 18.82 -18.27
CA GLU A 540 -22.96 17.39 -18.25
C GLU A 540 -22.49 17.05 -16.84
N TYR A 541 -22.39 15.76 -16.53
CA TYR A 541 -22.12 15.34 -15.16
C TYR A 541 -21.04 14.28 -15.13
N LEU A 542 -20.15 14.37 -14.14
CA LEU A 542 -19.22 13.30 -13.87
C LEU A 542 -19.98 12.02 -13.50
N LYS A 543 -19.54 10.89 -14.03
CA LYS A 543 -20.20 9.60 -13.79
C LYS A 543 -19.71 8.91 -12.53
N PHE A 544 -18.58 9.34 -11.97
CA PHE A 544 -17.91 8.56 -10.93
C PHE A 544 -18.03 9.16 -9.52
N VAL A 545 -18.62 10.33 -9.39
CA VAL A 545 -18.88 10.94 -8.09
C VAL A 545 -20.35 10.87 -7.75
N SER A 546 -20.68 10.38 -6.56
CA SER A 546 -22.04 10.35 -6.08
C SER A 546 -22.11 10.81 -4.62
N ASN A 547 -22.68 11.98 -4.44
CA ASN A 547 -22.66 12.71 -3.19
C ASN A 547 -24.06 12.97 -2.71
N PRO A 548 -24.22 13.49 -1.49
CA PRO A 548 -25.55 13.84 -1.06
C PRO A 548 -26.08 15.09 -1.79
N SER A 549 -27.39 15.30 -1.69
CA SER A 549 -28.05 16.35 -2.44
C SER A 549 -27.54 17.74 -2.10
N TYR A 550 -27.08 17.97 -0.86
CA TYR A 550 -26.59 19.29 -0.51
C TYR A 550 -25.29 19.59 -1.25
N GLY A 551 -24.48 18.57 -1.50
CA GLY A 551 -23.22 18.73 -2.24
C GLY A 551 -22.13 19.46 -1.46
N THR A 552 -20.96 19.58 -2.07
CA THR A 552 -19.81 20.25 -1.48
C THR A 552 -19.05 20.98 -2.60
N GLN A 553 -18.40 22.06 -2.24
CA GLN A 553 -17.39 22.71 -3.07
C GLN A 553 -16.32 21.71 -3.53
N LEU A 554 -15.68 22.01 -4.64
CA LEU A 554 -14.58 21.20 -5.17
C LEU A 554 -13.44 22.10 -5.56
N SER A 555 -12.33 21.46 -5.92
CA SER A 555 -11.21 22.14 -6.51
C SER A 555 -10.82 21.39 -7.76
N ILE A 556 -10.60 22.12 -8.85
CA ILE A 556 -10.01 21.54 -10.06
C ILE A 556 -9.01 22.54 -10.62
N ILE A 557 -7.85 22.03 -11.04
CA ILE A 557 -6.80 22.88 -11.64
C ILE A 557 -6.21 22.25 -12.89
N ASN A 558 -5.67 23.10 -13.77
CA ASN A 558 -4.78 22.63 -14.81
C ASN A 558 -3.45 22.26 -14.18
N TYR A 559 -2.79 21.26 -14.74
CA TYR A 559 -1.46 20.86 -14.31
C TYR A 559 -0.50 21.12 -15.48
N SER A 560 0.72 21.55 -15.20
CA SER A 560 1.64 22.00 -16.29
C SER A 560 2.40 20.90 -17.04
N GLN A 561 2.53 19.71 -16.46
CA GLN A 561 3.34 18.64 -17.05
C GLN A 561 2.44 17.56 -17.67
N LEU A 562 2.93 16.94 -18.73
CA LEU A 562 2.20 15.86 -19.39
C LEU A 562 2.13 14.65 -18.48
N ILE A 563 1.01 13.95 -18.54
CA ILE A 563 0.84 12.69 -17.85
C ILE A 563 0.36 11.69 -18.92
N ASP A 564 1.07 10.58 -19.07
CA ASP A 564 0.84 9.58 -20.11
C ASP A 564 0.76 10.24 -21.50
N GLY A 565 1.58 11.26 -21.72
CA GLY A 565 1.61 11.98 -22.99
C GLY A 565 0.51 13.00 -23.21
N LYS A 566 -0.30 13.28 -22.19
CA LYS A 566 -1.50 14.09 -22.33
C LYS A 566 -1.50 15.24 -21.33
N LYS A 567 -2.18 16.32 -21.69
CA LYS A 567 -2.39 17.45 -20.78
C LYS A 567 -3.38 16.97 -19.74
N ALA A 568 -3.21 17.44 -18.52
CA ALA A 568 -3.94 16.91 -17.43
C ALA A 568 -4.59 17.98 -16.56
N VAL A 569 -5.70 17.58 -15.94
CA VAL A 569 -6.37 18.36 -14.89
C VAL A 569 -6.41 17.52 -13.61
N ILE A 570 -6.48 18.20 -12.47
CA ILE A 570 -6.48 17.52 -11.17
C ILE A 570 -7.66 18.00 -10.38
N LEU A 571 -8.48 17.03 -9.93
CA LEU A 571 -9.75 17.31 -9.24
C LEU A 571 -9.70 16.80 -7.81
N SER A 572 -10.19 17.62 -6.86
CA SER A 572 -10.34 17.23 -5.47
C SER A 572 -11.80 17.38 -5.06
N THR A 573 -12.36 16.32 -4.46
CA THR A 573 -13.74 16.33 -3.96
C THR A 573 -13.99 15.21 -2.98
N PRO A 574 -14.93 15.40 -2.03
CA PRO A 574 -15.51 14.20 -1.41
C PRO A 574 -16.30 13.36 -2.42
N ASN A 575 -16.45 12.07 -2.09
CA ASN A 575 -17.19 11.14 -2.91
C ASN A 575 -17.83 10.08 -2.02
N SER A 576 -19.01 10.41 -1.53
CA SER A 576 -19.73 9.55 -0.60
C SER A 576 -21.15 10.00 -0.55
N THR A 577 -22.10 9.07 -0.50
CA THR A 577 -23.50 9.44 -0.37
C THR A 577 -23.90 9.66 1.08
N ASN A 578 -23.02 9.33 2.02
CA ASN A 578 -23.32 9.34 3.48
C ASN A 578 -22.88 10.58 4.23
N GLY A 579 -22.22 11.53 3.58
CA GLY A 579 -21.71 12.73 4.26
C GLY A 579 -20.62 13.36 3.43
N ARG A 580 -19.94 14.36 4.00
CA ARG A 580 -18.77 14.95 3.36
C ARG A 580 -17.57 14.13 3.84
N LYS A 581 -17.30 13.08 3.07
CA LYS A 581 -16.25 12.10 3.42
C LYS A 581 -15.70 11.45 2.18
N HIS A 582 -14.73 10.56 2.36
CA HIS A 582 -14.13 9.82 1.26
C HIS A 582 -13.53 10.78 0.23
N GLY A 583 -12.67 11.66 0.70
CA GLY A 583 -11.96 12.55 -0.19
C GLY A 583 -11.14 11.81 -1.24
N GLN A 584 -11.20 12.28 -2.48
CA GLN A 584 -10.40 11.73 -3.56
C GLN A 584 -9.73 12.83 -4.39
N ILE A 585 -8.56 12.51 -4.92
CA ILE A 585 -7.95 13.32 -5.93
C ILE A 585 -7.94 12.47 -7.23
N TRP A 586 -8.48 13.05 -8.30
CA TRP A 586 -8.65 12.41 -9.61
C TRP A 586 -7.76 13.12 -10.64
N ILE A 587 -7.09 12.33 -11.48
CA ILE A 587 -6.38 12.86 -12.60
C ILE A 587 -7.23 12.63 -13.87
N GLY A 588 -7.44 13.71 -14.60
CA GLY A 588 -8.16 13.67 -15.86
C GLY A 588 -7.22 14.05 -16.99
N LEU A 589 -7.14 13.22 -18.01
CA LEU A 589 -6.29 13.49 -19.16
C LEU A 589 -7.14 14.00 -20.29
N ILE A 590 -6.69 15.10 -20.91
CA ILE A 590 -7.46 15.78 -21.95
C ILE A 590 -7.22 15.07 -23.28
N ASN A 591 -8.31 14.52 -23.82
CA ASN A 591 -8.29 13.85 -25.12
C ASN A 591 -8.23 14.84 -26.25
N ASP A 592 -7.85 14.35 -27.43
CA ASP A 592 -7.72 15.19 -28.63
C ASP A 592 -9.02 15.94 -28.95
N ASP A 593 -10.17 15.33 -28.62
CA ASP A 593 -11.48 15.90 -28.87
C ASP A 593 -12.02 16.79 -27.71
N ASN A 594 -11.14 17.16 -26.79
CA ASN A 594 -11.50 17.90 -25.58
C ASN A 594 -12.46 17.23 -24.58
N THR A 595 -12.65 15.93 -24.66
CA THR A 595 -13.25 15.19 -23.55
C THR A 595 -12.11 14.81 -22.60
N ILE A 596 -12.47 14.38 -21.41
CA ILE A 596 -11.50 14.01 -20.36
C ILE A 596 -11.59 12.51 -20.04
N ASP A 597 -10.42 11.88 -20.02
CA ASP A 597 -10.27 10.52 -19.57
C ASP A 597 -9.86 10.59 -18.08
N TRP A 598 -10.82 10.29 -17.22
CA TRP A 598 -10.60 10.30 -15.76
C TRP A 598 -9.97 8.94 -15.40
N ARG A 599 -8.63 8.91 -15.46
CA ARG A 599 -7.91 7.65 -15.56
C ARG A 599 -7.41 7.17 -14.20
N TYR A 600 -7.13 8.08 -13.28
CA TYR A 600 -6.54 7.71 -11.98
C TYR A 600 -7.26 8.41 -10.84
N HIS A 601 -7.30 7.75 -9.70
CA HIS A 601 -7.67 8.46 -8.47
C HIS A 601 -6.91 7.92 -7.28
N HIS A 602 -6.85 8.74 -6.24
CA HIS A 602 -6.20 8.42 -4.97
C HIS A 602 -7.11 8.84 -3.84
N ASP A 603 -7.42 7.92 -2.94
CA ASP A 603 -8.21 8.22 -1.75
C ASP A 603 -7.29 8.95 -0.76
N VAL A 604 -7.70 10.12 -0.29
CA VAL A 604 -6.83 10.93 0.58
C VAL A 604 -6.59 10.31 1.96
N ASP A 605 -7.64 9.74 2.53
CA ASP A 605 -7.50 8.99 3.76
C ASP A 605 -8.53 7.87 3.63
N TYR A 606 -8.82 7.13 4.70
CA TYR A 606 -9.85 6.11 4.67
C TYR A 606 -11.24 6.73 4.31
N SER A 607 -12.10 5.85 3.81
CA SER A 607 -13.35 6.29 3.18
C SER A 607 -14.32 6.96 4.16
N ASN A 608 -14.33 6.58 5.45
CA ASN A 608 -15.26 7.19 6.40
C ASN A 608 -14.68 8.43 7.09
N TYR A 609 -13.45 8.80 6.79
CA TYR A 609 -12.86 10.03 7.28
C TYR A 609 -13.44 11.23 6.57
N GLY A 610 -13.55 12.33 7.31
CA GLY A 610 -14.19 13.54 6.80
C GLY A 610 -13.37 14.27 5.75
N TYR A 611 -14.06 14.87 4.78
CA TYR A 611 -13.41 15.63 3.73
C TYR A 611 -14.47 16.54 3.12
N SER A 612 -14.29 17.84 3.31
CA SER A 612 -15.27 18.82 2.86
C SER A 612 -14.66 19.77 1.82
N TYR A 613 -14.62 21.08 2.08
CA TYR A 613 -14.08 22.01 1.10
C TYR A 613 -12.59 21.77 0.96
N SER A 614 -12.09 21.96 -0.26
CA SER A 614 -10.71 21.68 -0.59
C SER A 614 -10.13 22.63 -1.64
N THR A 615 -8.80 22.63 -1.75
CA THR A 615 -8.14 23.50 -2.68
C THR A 615 -6.80 22.88 -3.11
N LEU A 616 -6.60 22.84 -4.43
CA LEU A 616 -5.40 22.32 -5.03
C LEU A 616 -4.51 23.42 -5.62
N THR A 617 -3.20 23.20 -5.60
CA THR A 617 -2.31 24.01 -6.40
C THR A 617 -1.15 23.16 -6.87
N GLU A 618 -0.59 23.53 -8.03
CA GLU A 618 0.68 22.96 -8.46
C GLU A 618 1.82 23.74 -7.83
N LEU A 619 2.70 23.04 -7.12
CA LEU A 619 3.85 23.69 -6.49
C LEU A 619 4.92 23.93 -7.56
N PRO A 620 5.90 24.84 -7.31
CA PRO A 620 6.89 25.14 -8.35
C PRO A 620 7.72 23.95 -8.80
N ASN A 621 7.91 22.96 -7.93
CA ASN A 621 8.60 21.71 -8.29
C ASN A 621 7.68 20.66 -8.91
N HIS A 622 6.43 21.02 -9.20
CA HIS A 622 5.46 20.18 -9.92
C HIS A 622 4.85 19.08 -9.08
N GLU A 623 5.09 19.16 -7.77
CA GLU A 623 4.30 18.41 -6.84
C GLU A 623 2.96 19.16 -6.65
N ILE A 624 2.04 18.52 -5.96
CA ILE A 624 0.69 19.05 -5.75
C ILE A 624 0.52 19.36 -4.28
N GLY A 625 0.08 20.59 -3.99
CA GLY A 625 -0.33 20.98 -2.66
C GLY A 625 -1.85 20.88 -2.52
N LEU A 626 -2.31 20.37 -1.37
CA LEU A 626 -3.72 20.24 -1.04
C LEU A 626 -3.96 20.77 0.36
N MET A 627 -4.92 21.68 0.48
CA MET A 627 -5.42 22.07 1.81
C MET A 627 -6.89 21.78 1.84
N PHE A 628 -7.37 21.24 2.94
CA PHE A 628 -8.75 20.76 2.97
C PHE A 628 -9.32 20.73 4.36
N GLU A 629 -10.63 20.83 4.41
CA GLU A 629 -11.39 20.68 5.63
C GLU A 629 -11.44 19.17 5.96
N LYS A 630 -10.61 18.73 6.94
CA LYS A 630 -10.56 17.29 7.30
C LYS A 630 -11.59 17.02 8.40
N PHE A 631 -12.83 17.14 7.98
CA PHE A 631 -14.01 16.93 8.79
C PHE A 631 -15.19 17.12 7.84
N ASP A 632 -16.36 16.69 8.32
CA ASP A 632 -17.62 16.96 7.65
C ASP A 632 -18.17 18.33 8.08
N SER A 633 -17.99 19.34 7.24
CA SER A 633 -18.41 20.70 7.58
C SER A 633 -19.89 21.01 7.35
N TRP A 634 -20.67 20.01 6.90
CA TRP A 634 -22.12 20.10 6.81
C TRP A 634 -22.80 19.49 8.05
N SER A 635 -22.27 18.37 8.52
CA SER A 635 -22.81 17.66 9.67
C SER A 635 -22.99 18.55 10.89
N ARG A 636 -24.16 18.43 11.51
CA ARG A 636 -24.42 19.15 12.77
C ARG A 636 -23.64 18.53 13.94
N ASN A 637 -23.02 17.35 13.73
CA ASN A 637 -22.18 16.71 14.76
C ASN A 637 -20.72 17.14 14.74
N GLU A 638 -20.29 17.85 13.71
CA GLU A 638 -18.87 18.21 13.54
C GLU A 638 -18.57 19.71 13.47
N LEU A 639 -19.49 20.48 14.01
CA LEU A 639 -19.37 21.95 14.06
C LEU A 639 -18.36 22.36 15.11
N HIS A 640 -17.71 23.51 14.89
CA HIS A 640 -16.94 24.16 15.96
C HIS A 640 -15.80 23.27 16.50
N MET A 641 -15.00 22.70 15.60
CA MET A 641 -13.82 21.93 15.97
C MET A 641 -12.53 22.67 15.60
N LYS A 642 -11.55 22.58 16.49
CA LYS A 642 -10.23 23.19 16.30
C LYS A 642 -9.25 22.33 15.50
N ASN A 643 -8.50 23.01 14.64
CA ASN A 643 -7.31 22.48 14.04
C ASN A 643 -7.58 21.30 13.13
N VAL A 644 -8.44 21.56 12.15
CA VAL A 644 -8.98 20.54 11.26
C VAL A 644 -8.90 20.91 9.81
N VAL A 645 -8.00 21.84 9.45
CA VAL A 645 -7.79 22.23 8.03
C VAL A 645 -6.32 22.07 7.63
N PRO A 646 -5.89 20.81 7.38
CA PRO A 646 -4.47 20.62 7.14
C PRO A 646 -4.03 20.87 5.68
N TYR A 647 -2.73 20.98 5.52
CA TYR A 647 -2.08 21.08 4.24
C TYR A 647 -1.19 19.87 4.06
N ILE A 648 -1.30 19.20 2.91
CA ILE A 648 -0.46 18.06 2.59
C ILE A 648 -0.04 18.12 1.14
N THR A 649 0.98 17.33 0.78
CA THR A 649 1.51 17.35 -0.58
C THR A 649 1.55 15.97 -1.20
N PHE A 650 1.54 15.93 -2.52
CA PHE A 650 1.63 14.70 -3.26
C PHE A 650 2.56 14.89 -4.45
N LYS A 651 3.33 13.86 -4.77
CA LYS A 651 3.98 13.79 -6.09
C LYS A 651 2.95 13.17 -7.00
N ILE A 652 3.08 13.41 -8.31
CA ILE A 652 2.16 12.79 -9.27
C ILE A 652 2.14 11.27 -9.14
N GLU A 653 3.29 10.63 -8.92
CA GLU A 653 3.33 9.17 -8.73
C GLU A 653 2.48 8.71 -7.51
N ASP A 654 2.36 9.56 -6.48
CA ASP A 654 1.47 9.27 -5.35
C ASP A 654 0.00 9.25 -5.77
N LEU A 655 -0.33 10.03 -6.79
CA LEU A 655 -1.70 10.16 -7.30
C LEU A 655 -2.08 9.20 -8.43
N LYS A 656 -1.09 8.71 -9.17
CA LYS A 656 -1.36 7.89 -10.35
C LYS A 656 -1.69 6.47 -9.93
N LYS A 657 -2.85 6.30 -9.30
CA LYS A 657 -3.26 4.98 -8.79
C LYS A 657 -4.60 4.60 -9.39
N ASN A 658 -4.97 3.34 -9.21
CA ASN A 658 -6.31 2.85 -9.57
C ASN A 658 -6.67 3.01 -11.07
N LEU A 659 -5.72 2.66 -11.93
CA LEU A 659 -5.93 2.15 -13.31
C LEU A 659 -4.63 2.34 -14.08
N GLU B 1 -23.16 -31.95 -15.96
CA GLU B 1 -22.87 -33.11 -15.04
C GLU B 1 -23.01 -32.73 -13.56
N THR B 2 -23.87 -33.45 -12.82
CA THR B 2 -24.29 -33.03 -11.46
C THR B 2 -23.99 -34.11 -10.40
N PRO B 3 -23.70 -33.70 -9.15
CA PRO B 3 -23.29 -34.67 -8.15
C PRO B 3 -24.42 -35.55 -7.62
N VAL B 4 -24.09 -36.79 -7.31
CA VAL B 4 -25.05 -37.68 -6.64
C VAL B 4 -25.23 -37.27 -5.18
N LEU B 5 -24.25 -36.58 -4.63
CA LEU B 5 -24.41 -35.94 -3.33
C LEU B 5 -23.47 -34.74 -3.15
N GLU B 6 -24.03 -33.69 -2.58
CA GLU B 6 -23.31 -32.47 -2.27
C GLU B 6 -23.64 -32.05 -0.85
N LYS B 7 -22.63 -31.80 -0.04
CA LYS B 7 -22.81 -31.35 1.33
C LYS B 7 -21.90 -30.15 1.59
N ASN B 8 -22.36 -29.27 2.48
CA ASN B 8 -21.70 -28.00 2.77
C ASN B 8 -21.46 -27.88 4.26
N ASN B 9 -20.32 -27.27 4.59
CA ASN B 9 -20.03 -26.82 5.96
C ASN B 9 -20.22 -27.88 7.02
N VAL B 10 -19.54 -28.99 6.82
CA VAL B 10 -19.53 -30.08 7.77
C VAL B 10 -18.27 -29.98 8.65
N THR B 11 -18.43 -29.56 9.88
CA THR B 11 -17.30 -29.39 10.81
C THR B 11 -17.18 -30.65 11.63
N LEU B 12 -15.96 -31.20 11.68
CA LEU B 12 -15.71 -32.49 12.29
C LEU B 12 -14.46 -32.48 13.16
N THR B 13 -14.51 -33.29 14.21
CA THR B 13 -13.41 -33.41 15.16
C THR B 13 -13.12 -34.92 15.35
N GLY B 14 -12.95 -35.62 14.22
CA GLY B 14 -12.49 -36.99 14.23
C GLY B 14 -13.57 -38.06 14.21
N GLY B 15 -14.83 -37.68 14.42
CA GLY B 15 -15.92 -38.63 14.53
C GLY B 15 -16.66 -38.93 13.23
N GLY B 16 -16.47 -38.10 12.20
CA GLY B 16 -17.09 -38.32 10.90
C GLY B 16 -18.61 -38.15 10.82
N GLU B 17 -19.17 -38.42 9.66
CA GLU B 17 -20.61 -38.32 9.45
C GLU B 17 -21.06 -39.35 8.45
N ASN B 18 -22.07 -40.11 8.85
CA ASN B 18 -22.56 -41.18 8.04
C ASN B 18 -23.39 -40.56 6.94
N VAL B 19 -23.08 -40.91 5.68
CA VAL B 19 -23.95 -40.53 4.55
C VAL B 19 -24.40 -41.71 3.70
N THR B 20 -24.49 -42.87 4.32
CA THR B 20 -24.87 -44.09 3.65
C THR B 20 -26.20 -44.03 2.90
N LYS B 21 -27.23 -43.50 3.58
CA LYS B 21 -28.57 -43.38 3.01
C LYS B 21 -28.60 -42.69 1.67
N GLU B 22 -27.82 -41.63 1.56
CA GLU B 22 -27.81 -40.80 0.38
C GLU B 22 -26.82 -41.25 -0.69
N LEU B 23 -25.90 -42.17 -0.41
CA LEU B 23 -24.94 -42.61 -1.45
C LEU B 23 -25.14 -44.05 -1.88
N LYS B 24 -25.85 -44.87 -1.10
CA LYS B 24 -25.98 -46.29 -1.40
C LYS B 24 -26.64 -46.43 -2.79
N ASP B 25 -26.10 -47.34 -3.57
CA ASP B 25 -26.60 -47.71 -4.90
C ASP B 25 -26.50 -46.61 -5.95
N LYS B 26 -25.80 -45.50 -5.67
CA LYS B 26 -25.77 -44.36 -6.59
C LYS B 26 -24.63 -44.48 -7.63
N PHE B 27 -23.62 -45.31 -7.35
CA PHE B 27 -22.46 -45.44 -8.24
C PHE B 27 -22.73 -46.53 -9.29
N THR B 28 -23.52 -46.11 -10.29
CA THR B 28 -24.15 -46.96 -11.32
C THR B 28 -23.10 -47.74 -12.13
N SER B 29 -22.10 -47.02 -12.61
CA SER B 29 -21.02 -47.62 -13.38
C SER B 29 -19.91 -48.20 -12.47
N GLY B 30 -19.76 -47.64 -11.25
CA GLY B 30 -18.61 -47.93 -10.38
C GLY B 30 -17.54 -46.85 -10.40
N ASP B 31 -17.46 -46.06 -11.49
CA ASP B 31 -16.51 -44.93 -11.53
C ASP B 31 -16.92 -43.84 -10.56
N PHE B 32 -15.97 -43.00 -10.19
CA PHE B 32 -16.28 -41.92 -9.28
C PHE B 32 -15.31 -40.77 -9.42
N THR B 33 -15.83 -39.59 -9.07
CA THR B 33 -15.04 -38.40 -8.87
C THR B 33 -15.57 -37.79 -7.57
N VAL B 34 -14.66 -37.44 -6.66
CA VAL B 34 -15.02 -36.79 -5.42
C VAL B 34 -14.17 -35.53 -5.33
N VAL B 35 -14.83 -34.39 -5.14
CA VAL B 35 -14.16 -33.09 -5.07
C VAL B 35 -14.44 -32.51 -3.68
N ILE B 36 -13.38 -32.18 -2.96
CA ILE B 36 -13.48 -31.79 -1.56
C ILE B 36 -12.73 -30.48 -1.30
N LYS B 37 -13.50 -29.48 -0.90
CA LYS B 37 -12.97 -28.21 -0.45
C LYS B 37 -13.01 -28.24 1.08
N TYR B 38 -11.85 -28.11 1.71
CA TYR B 38 -11.74 -28.35 3.17
C TYR B 38 -10.69 -27.44 3.75
N ASN B 39 -10.70 -27.33 5.08
CA ASN B 39 -9.55 -26.86 5.82
C ASN B 39 -9.40 -27.68 7.09
N GLN B 40 -8.16 -27.92 7.50
CA GLN B 40 -7.89 -28.78 8.67
C GLN B 40 -7.73 -27.92 9.90
N SER B 41 -8.33 -28.36 11.01
CA SER B 41 -8.16 -27.69 12.30
C SER B 41 -6.91 -28.25 13.02
N SER B 42 -6.58 -29.51 12.72
CA SER B 42 -5.33 -30.13 13.12
C SER B 42 -4.84 -31.02 11.97
N GLU B 43 -3.54 -30.92 11.68
CA GLU B 43 -2.89 -31.68 10.63
C GLU B 43 -2.34 -33.03 11.11
N LYS B 44 -2.35 -33.26 12.41
CA LYS B 44 -1.78 -34.48 13.01
C LYS B 44 -2.51 -35.73 12.54
N GLY B 45 -1.76 -36.79 12.30
CA GLY B 45 -2.32 -38.11 12.03
C GLY B 45 -2.75 -38.29 10.57
N LEU B 46 -3.07 -39.54 10.23
CA LEU B 46 -3.54 -39.88 8.91
C LEU B 46 -5.05 -39.65 8.87
N GLN B 47 -5.52 -38.79 7.96
CA GLN B 47 -6.91 -38.35 8.02
C GLN B 47 -7.57 -38.56 6.67
N ALA B 48 -8.73 -39.21 6.70
CA ALA B 48 -9.54 -39.43 5.50
C ALA B 48 -10.60 -38.35 5.34
N LEU B 49 -10.65 -37.77 4.15
CA LEU B 49 -11.70 -36.80 3.84
C LEU B 49 -13.06 -37.46 3.63
N PHE B 50 -13.06 -38.68 3.10
CA PHE B 50 -14.26 -39.49 3.05
C PHE B 50 -13.85 -40.95 3.00
N GLY B 51 -14.78 -41.85 3.24
CA GLY B 51 -14.49 -43.29 3.16
C GLY B 51 -15.72 -44.05 2.67
N ILE B 52 -15.51 -44.93 1.70
CA ILE B 52 -16.54 -45.83 1.20
C ILE B 52 -16.03 -47.22 1.44
N SER B 53 -16.77 -47.99 2.23
CA SER B 53 -16.23 -49.24 2.76
C SER B 53 -17.28 -50.30 2.97
N ASN B 54 -16.79 -51.53 3.12
CA ASN B 54 -17.54 -52.61 3.69
C ASN B 54 -17.18 -52.53 5.18
N SER B 55 -18.17 -52.21 6.02
CA SER B 55 -17.88 -51.99 7.44
C SER B 55 -18.00 -53.24 8.29
N LYS B 56 -18.27 -54.40 7.66
CA LYS B 56 -18.55 -55.64 8.41
C LYS B 56 -17.28 -56.26 9.01
N PRO B 57 -17.44 -57.09 10.08
CA PRO B 57 -16.25 -57.70 10.70
C PRO B 57 -15.45 -58.47 9.65
N GLY B 58 -14.14 -58.32 9.66
CA GLY B 58 -13.27 -59.03 8.71
C GLY B 58 -13.06 -58.32 7.39
N GLN B 59 -13.81 -57.25 7.11
CA GLN B 59 -13.73 -56.59 5.82
C GLN B 59 -13.00 -55.25 5.87
N GLN B 60 -12.05 -55.14 6.83
CA GLN B 60 -11.36 -53.89 7.08
C GLN B 60 -10.50 -53.41 5.91
N ASN B 61 -10.10 -54.32 5.02
CA ASN B 61 -9.34 -53.93 3.85
C ASN B 61 -10.16 -53.77 2.58
N SER B 62 -11.46 -53.49 2.75
CA SER B 62 -12.37 -53.25 1.64
C SER B 62 -12.87 -51.81 1.74
N TYR B 63 -12.09 -50.89 1.17
CA TYR B 63 -12.49 -49.50 1.13
C TYR B 63 -11.80 -48.67 0.09
N VAL B 64 -12.39 -47.51 -0.11
CA VAL B 64 -11.84 -46.46 -0.91
C VAL B 64 -11.78 -45.24 0.01
N ASP B 65 -10.67 -44.50 -0.05
CA ASP B 65 -10.63 -43.20 0.60
C ASP B 65 -9.69 -42.23 -0.12
N VAL B 66 -9.78 -40.97 0.27
CA VAL B 66 -8.76 -39.96 -0.02
C VAL B 66 -8.24 -39.49 1.34
N PHE B 67 -6.92 -39.37 1.48
CA PHE B 67 -6.28 -39.08 2.76
C PHE B 67 -5.23 -37.99 2.68
N LEU B 68 -4.96 -37.44 3.86
CA LEU B 68 -3.99 -36.38 4.09
C LEU B 68 -3.07 -36.80 5.23
N ARG B 69 -1.78 -36.51 5.09
CA ARG B 69 -0.80 -36.70 6.15
C ARG B 69 -0.32 -35.35 6.65
N ASP B 70 0.40 -35.38 7.74
CA ASP B 70 0.84 -34.15 8.41
C ASP B 70 2.00 -33.43 7.73
N ASN B 71 2.47 -33.97 6.61
CA ASN B 71 3.50 -33.35 5.83
C ASN B 71 2.96 -32.83 4.49
N GLY B 72 1.64 -32.83 4.31
CA GLY B 72 1.02 -32.29 3.10
C GLY B 72 0.85 -33.29 1.98
N GLU B 73 1.22 -34.53 2.19
CA GLU B 73 0.92 -35.57 1.21
C GLU B 73 -0.58 -35.76 1.05
N LEU B 74 -1.01 -35.84 -0.20
CA LEU B 74 -2.36 -36.24 -0.57
C LEU B 74 -2.30 -37.63 -1.21
N GLY B 75 -3.20 -38.51 -0.81
CA GLY B 75 -3.30 -39.81 -1.44
C GLY B 75 -4.67 -40.42 -1.47
N MET B 76 -4.76 -41.58 -2.10
CA MET B 76 -5.98 -42.38 -2.05
C MET B 76 -5.64 -43.85 -1.92
N GLU B 77 -6.55 -44.57 -1.30
CA GLU B 77 -6.52 -46.01 -1.30
C GLU B 77 -7.79 -46.56 -1.95
N ALA B 78 -7.64 -47.72 -2.58
CA ALA B 78 -8.76 -48.51 -3.12
C ALA B 78 -8.37 -49.96 -2.94
N ARG B 79 -9.09 -50.65 -2.04
CA ARG B 79 -8.68 -51.95 -1.55
C ARG B 79 -9.86 -52.89 -1.51
N ASP B 80 -9.62 -54.16 -1.82
CA ASP B 80 -10.62 -55.22 -1.66
C ASP B 80 -10.02 -56.35 -0.83
N THR B 81 -10.75 -56.80 0.18
CA THR B 81 -10.20 -57.79 1.10
C THR B 81 -9.96 -59.14 0.44
N SER B 82 -10.99 -59.75 -0.13
CA SER B 82 -10.83 -61.16 -0.54
C SER B 82 -9.97 -61.36 -1.79
N SER B 83 -9.89 -60.37 -2.68
CA SER B 83 -8.98 -60.45 -3.85
C SER B 83 -7.55 -60.07 -3.46
N ASN B 84 -7.38 -59.52 -2.26
CA ASN B 84 -6.10 -58.98 -1.80
C ASN B 84 -5.47 -57.96 -2.78
N LYS B 85 -6.32 -57.08 -3.31
CA LYS B 85 -5.89 -55.99 -4.17
C LYS B 85 -5.84 -54.72 -3.32
N ASN B 86 -4.68 -54.05 -3.32
CA ASN B 86 -4.43 -52.90 -2.48
C ASN B 86 -3.76 -51.80 -3.32
N ASN B 87 -4.55 -50.80 -3.72
CA ASN B 87 -4.06 -49.73 -4.53
C ASN B 87 -3.85 -48.54 -3.62
N LEU B 88 -2.67 -47.93 -3.75
CA LEU B 88 -2.36 -46.69 -3.07
C LEU B 88 -1.70 -45.80 -4.08
N VAL B 89 -2.29 -44.63 -4.29
CA VAL B 89 -1.78 -43.67 -5.25
C VAL B 89 -1.69 -42.32 -4.49
N SER B 90 -0.55 -41.63 -4.61
CA SER B 90 -0.35 -40.38 -3.84
C SER B 90 0.78 -39.52 -4.40
N ARG B 91 0.85 -38.30 -3.88
CA ARG B 91 2.05 -37.50 -4.05
C ARG B 91 2.31 -36.67 -2.82
N PRO B 92 3.59 -36.62 -2.38
CA PRO B 92 3.99 -35.68 -1.34
C PRO B 92 3.70 -34.21 -1.69
N ALA B 93 3.61 -33.36 -0.67
CA ALA B 93 3.59 -31.90 -0.80
C ALA B 93 2.53 -31.42 -1.79
N SER B 94 1.33 -31.92 -1.61
CA SER B 94 0.20 -31.63 -2.50
C SER B 94 -0.67 -30.52 -1.97
N VAL B 95 -0.77 -30.42 -0.65
CA VAL B 95 -1.67 -29.45 -0.05
C VAL B 95 -0.93 -28.50 0.86
N TRP B 96 -1.65 -27.44 1.28
CA TRP B 96 -1.16 -26.47 2.29
C TRP B 96 -1.84 -26.70 3.62
N GLY B 97 -1.13 -26.42 4.69
CA GLY B 97 -1.68 -26.56 6.04
C GLY B 97 -2.30 -25.28 6.59
N LYS B 98 -1.42 -24.37 7.01
CA LYS B 98 -1.80 -23.05 7.50
C LYS B 98 -1.00 -21.99 6.80
N TYR B 99 -1.51 -20.77 6.85
CA TYR B 99 -0.89 -19.59 6.26
C TYR B 99 -1.29 -18.42 7.14
N LYS B 100 -0.27 -17.68 7.57
CA LYS B 100 -0.41 -16.62 8.55
C LYS B 100 -1.01 -17.32 9.77
N GLN B 101 -2.07 -16.83 10.37
CA GLN B 101 -2.52 -17.55 11.59
C GLN B 101 -3.66 -18.57 11.33
N GLU B 102 -3.92 -18.92 10.07
CA GLU B 102 -5.23 -19.51 9.69
C GLU B 102 -5.05 -20.79 8.92
N ALA B 103 -5.97 -21.72 9.12
CA ALA B 103 -6.00 -22.93 8.34
C ALA B 103 -6.26 -22.57 6.85
N VAL B 104 -5.57 -23.23 5.94
CA VAL B 104 -5.72 -22.94 4.50
C VAL B 104 -6.83 -23.80 3.93
N THR B 105 -7.71 -23.17 3.17
CA THR B 105 -8.69 -23.90 2.38
C THR B 105 -8.01 -24.50 1.14
N ASN B 106 -8.06 -25.81 1.00
CA ASN B 106 -7.55 -26.50 -0.20
C ASN B 106 -8.77 -27.13 -0.88
N THR B 107 -8.65 -27.39 -2.19
CA THR B 107 -9.66 -28.13 -2.91
C THR B 107 -8.92 -29.27 -3.57
N VAL B 108 -9.31 -30.49 -3.23
CA VAL B 108 -8.68 -31.67 -3.77
C VAL B 108 -9.72 -32.55 -4.45
N ALA B 109 -9.25 -33.50 -5.24
CA ALA B 109 -10.15 -34.42 -5.93
C ALA B 109 -9.49 -35.73 -6.26
N VAL B 110 -10.33 -36.75 -6.40
CA VAL B 110 -9.92 -38.05 -6.91
C VAL B 110 -10.84 -38.39 -8.08
N VAL B 111 -10.24 -38.99 -9.12
CA VAL B 111 -10.98 -39.53 -10.26
C VAL B 111 -10.59 -40.97 -10.48
N ALA B 112 -11.57 -41.87 -10.49
CA ALA B 112 -11.33 -43.27 -10.81
C ALA B 112 -12.03 -43.60 -12.13
N ASP B 113 -11.24 -44.10 -13.09
CA ASP B 113 -11.72 -44.32 -14.46
C ASP B 113 -11.46 -45.79 -14.80
N SER B 114 -12.52 -46.59 -14.85
CA SER B 114 -12.43 -48.04 -15.06
C SER B 114 -11.94 -48.41 -16.42
N VAL B 115 -12.36 -47.69 -17.45
CA VAL B 115 -11.93 -47.98 -18.82
C VAL B 115 -10.40 -47.78 -18.94
N LYS B 116 -9.87 -46.70 -18.36
CA LYS B 116 -8.41 -46.47 -18.38
C LYS B 116 -7.64 -47.22 -17.27
N LYS B 117 -8.36 -47.72 -16.27
CA LYS B 117 -7.80 -48.32 -15.06
C LYS B 117 -6.84 -47.35 -14.33
N THR B 118 -7.24 -46.08 -14.27
CA THR B 118 -6.39 -45.06 -13.65
C THR B 118 -7.08 -44.41 -12.48
N TYR B 119 -6.26 -44.00 -11.52
CA TYR B 119 -6.65 -43.12 -10.46
C TYR B 119 -5.87 -41.83 -10.66
N SER B 120 -6.52 -40.71 -10.47
CA SER B 120 -5.92 -39.40 -10.57
C SER B 120 -6.24 -38.64 -9.30
N LEU B 121 -5.28 -37.83 -8.85
CA LEU B 121 -5.48 -36.94 -7.72
C LEU B 121 -5.13 -35.51 -8.11
N TYR B 122 -5.96 -34.58 -7.64
CA TYR B 122 -5.88 -33.17 -7.94
C TYR B 122 -5.80 -32.41 -6.64
N ALA B 123 -4.98 -31.36 -6.62
CA ALA B 123 -4.91 -30.42 -5.49
C ALA B 123 -4.76 -28.99 -6.01
N ASN B 124 -5.71 -28.12 -5.66
CA ASN B 124 -5.59 -26.70 -5.92
C ASN B 124 -5.23 -26.36 -7.36
N GLY B 125 -5.87 -27.05 -8.29
CA GLY B 125 -5.75 -26.80 -9.70
C GLY B 125 -4.71 -27.63 -10.44
N THR B 126 -3.93 -28.45 -9.72
CA THR B 126 -2.88 -29.29 -10.29
C THR B 126 -3.28 -30.73 -10.23
N LYS B 127 -3.10 -31.47 -11.34
CA LYS B 127 -3.19 -32.92 -11.27
C LYS B 127 -1.85 -33.42 -10.70
N VAL B 128 -1.84 -33.73 -9.41
CA VAL B 128 -0.59 -34.06 -8.72
C VAL B 128 -0.08 -35.45 -9.09
N VAL B 129 -1.00 -36.36 -9.42
CA VAL B 129 -0.59 -37.69 -9.92
C VAL B 129 -1.75 -38.38 -10.67
N GLU B 130 -1.40 -39.15 -11.67
CA GLU B 130 -2.33 -40.05 -12.31
C GLU B 130 -1.55 -41.31 -12.51
N LYS B 131 -2.11 -42.43 -12.09
CA LYS B 131 -1.42 -43.69 -12.24
C LYS B 131 -2.37 -44.76 -12.75
N LYS B 132 -1.95 -45.48 -13.79
CA LYS B 132 -2.64 -46.71 -14.22
C LYS B 132 -2.21 -47.88 -13.32
N VAL B 133 -3.16 -48.69 -12.87
CA VAL B 133 -2.82 -49.84 -12.03
C VAL B 133 -3.50 -51.12 -12.51
N ASP B 134 -2.72 -52.21 -12.55
CA ASP B 134 -3.21 -53.52 -12.98
C ASP B 134 -4.33 -54.04 -12.09
N ASN B 135 -4.17 -53.87 -10.78
CA ASN B 135 -5.19 -54.28 -9.79
C ASN B 135 -6.28 -53.25 -9.52
N PHE B 136 -6.70 -52.52 -10.56
CA PHE B 136 -7.65 -51.40 -10.44
C PHE B 136 -8.98 -51.90 -9.84
N LEU B 137 -9.53 -51.10 -8.93
CA LEU B 137 -10.83 -51.37 -8.30
C LEU B 137 -11.70 -50.13 -8.39
N ASN B 138 -12.91 -50.29 -8.92
CA ASN B 138 -13.94 -49.26 -8.82
C ASN B 138 -14.89 -49.64 -7.68
N ILE B 139 -15.87 -48.79 -7.38
CA ILE B 139 -16.72 -49.03 -6.22
C ILE B 139 -17.50 -50.35 -6.33
N LYS B 140 -17.97 -50.70 -7.53
CA LYS B 140 -18.67 -51.97 -7.73
C LYS B 140 -17.73 -53.20 -7.65
N ASP B 141 -16.41 -53.02 -7.84
CA ASP B 141 -15.47 -54.16 -7.75
C ASP B 141 -15.19 -54.61 -6.29
N ILE B 142 -15.37 -53.72 -5.33
CA ILE B 142 -15.06 -54.06 -3.94
C ILE B 142 -16.28 -54.75 -3.37
N LYS B 143 -16.09 -55.93 -2.77
CA LYS B 143 -17.24 -56.74 -2.35
C LYS B 143 -17.90 -56.24 -1.05
N GLY B 144 -19.23 -56.10 -1.12
CA GLY B 144 -20.07 -55.75 0.03
C GLY B 144 -19.91 -54.34 0.61
N ILE B 145 -19.58 -53.35 -0.22
CA ILE B 145 -19.58 -51.96 0.24
C ILE B 145 -20.93 -51.67 0.87
N ASP B 146 -20.95 -51.15 2.09
CA ASP B 146 -22.22 -50.84 2.75
C ASP B 146 -22.21 -49.57 3.60
N TYR B 147 -21.13 -48.78 3.55
CA TYR B 147 -21.00 -47.63 4.44
C TYR B 147 -20.29 -46.52 3.68
N TYR B 148 -20.89 -45.34 3.68
CA TYR B 148 -20.30 -44.22 3.03
C TYR B 148 -20.23 -43.14 4.09
N MET B 149 -19.03 -42.61 4.33
CA MET B 149 -18.89 -41.59 5.34
C MET B 149 -18.00 -40.41 5.00
N LEU B 150 -18.33 -39.27 5.60
CA LEU B 150 -17.50 -38.09 5.54
C LEU B 150 -16.53 -38.11 6.70
N GLY B 151 -15.27 -37.78 6.43
CA GLY B 151 -14.27 -37.57 7.47
C GLY B 151 -13.76 -38.80 8.18
N GLY B 152 -13.75 -39.94 7.51
CA GLY B 152 -13.30 -41.19 8.14
C GLY B 152 -13.55 -42.36 7.20
N VAL B 153 -13.10 -43.54 7.60
CA VAL B 153 -13.43 -44.81 6.94
C VAL B 153 -13.99 -45.75 8.00
N LYS B 154 -15.16 -46.32 7.76
CA LYS B 154 -15.73 -47.27 8.73
C LYS B 154 -15.16 -48.68 8.48
N ARG B 155 -14.38 -49.16 9.46
CA ARG B 155 -13.69 -50.46 9.37
C ARG B 155 -14.06 -51.31 10.57
N ALA B 156 -14.67 -52.47 10.31
CA ALA B 156 -15.17 -53.37 11.35
C ALA B 156 -15.90 -52.60 12.44
N GLY B 157 -16.85 -51.78 12.02
CA GLY B 157 -17.71 -51.04 12.96
C GLY B 157 -17.08 -49.86 13.68
N LYS B 158 -15.83 -49.48 13.37
CA LYS B 158 -15.13 -48.36 14.03
C LYS B 158 -14.64 -47.34 13.00
N THR B 159 -14.60 -46.09 13.40
CA THR B 159 -14.18 -45.02 12.53
C THR B 159 -12.67 -44.95 12.49
N ALA B 160 -12.09 -45.18 11.31
CA ALA B 160 -10.65 -45.03 11.11
C ALA B 160 -10.33 -43.71 10.39
N PHE B 161 -9.11 -43.22 10.64
CA PHE B 161 -8.51 -42.09 9.93
C PHE B 161 -9.36 -40.84 10.10
N GLY B 162 -9.82 -40.55 11.32
CA GLY B 162 -10.76 -39.47 11.53
C GLY B 162 -10.26 -38.08 11.15
N PHE B 163 -11.05 -37.38 10.32
CA PHE B 163 -10.71 -36.03 9.87
C PHE B 163 -11.00 -34.97 10.93
N ASN B 164 -10.05 -34.04 11.11
CA ASN B 164 -10.22 -32.87 11.99
C ASN B 164 -10.19 -31.58 11.19
N GLY B 165 -11.37 -30.99 11.01
CA GLY B 165 -11.50 -29.78 10.23
C GLY B 165 -12.89 -29.58 9.70
N THR B 166 -13.01 -28.74 8.67
CA THR B 166 -14.30 -28.48 8.06
C THR B 166 -14.25 -28.89 6.61
N LEU B 167 -15.21 -29.71 6.20
CA LEU B 167 -15.48 -29.94 4.78
C LEU B 167 -16.40 -28.82 4.34
N GLU B 168 -15.81 -27.81 3.71
CA GLU B 168 -16.58 -26.65 3.31
C GLU B 168 -17.61 -27.02 2.24
N ASN B 169 -17.19 -27.87 1.31
CA ASN B 169 -18.05 -28.39 0.27
C ASN B 169 -17.47 -29.72 -0.18
N ILE B 170 -18.32 -30.73 -0.25
CA ILE B 170 -17.93 -32.01 -0.83
C ILE B 170 -18.97 -32.46 -1.84
N LYS B 171 -18.50 -32.87 -3.01
CA LYS B 171 -19.33 -33.34 -4.10
C LYS B 171 -18.87 -34.75 -4.51
N PHE B 172 -19.81 -35.67 -4.58
CA PHE B 172 -19.59 -37.02 -5.14
C PHE B 172 -20.27 -37.11 -6.50
N PHE B 173 -19.52 -37.55 -7.50
CA PHE B 173 -20.06 -37.84 -8.83
C PHE B 173 -19.87 -39.32 -9.11
N ASN B 174 -20.80 -39.86 -9.88
CA ASN B 174 -20.75 -41.29 -10.23
C ASN B 174 -20.16 -41.56 -11.62
N SER B 175 -19.25 -40.67 -12.04
CA SER B 175 -18.54 -40.86 -13.29
C SER B 175 -17.15 -40.25 -13.12
N ALA B 176 -16.26 -40.55 -14.07
CA ALA B 176 -14.93 -39.97 -14.09
C ALA B 176 -14.98 -38.65 -14.85
N LEU B 177 -14.86 -37.53 -14.14
CA LEU B 177 -14.87 -36.24 -14.80
C LEU B 177 -13.55 -36.02 -15.54
N ASP B 178 -13.57 -35.24 -16.62
CA ASP B 178 -12.37 -35.03 -17.41
C ASP B 178 -11.41 -34.11 -16.67
N GLU B 179 -10.17 -34.18 -17.11
CA GLU B 179 -9.07 -33.49 -16.45
C GLU B 179 -9.23 -31.98 -16.37
N GLU B 180 -9.62 -31.36 -17.48
CA GLU B 180 -9.80 -29.90 -17.49
C GLU B 180 -10.91 -29.48 -16.54
N THR B 181 -12.00 -30.24 -16.51
CA THR B 181 -13.09 -29.93 -15.59
C THR B 181 -12.60 -29.98 -14.14
N VAL B 182 -11.86 -31.03 -13.79
CA VAL B 182 -11.44 -31.19 -12.40
C VAL B 182 -10.38 -30.16 -12.00
N LYS B 183 -9.48 -29.82 -12.92
CA LYS B 183 -8.52 -28.75 -12.68
C LYS B 183 -9.23 -27.46 -12.34
N LYS B 184 -10.22 -27.13 -13.13
CA LYS B 184 -11.02 -25.93 -12.90
C LYS B 184 -11.76 -26.03 -11.58
N MET B 185 -12.37 -27.18 -11.27
CA MET B 185 -13.10 -27.32 -10.02
C MET B 185 -12.20 -27.19 -8.78
N THR B 186 -10.94 -27.58 -8.89
CA THR B 186 -10.05 -27.49 -7.75
C THR B 186 -9.25 -26.17 -7.67
N THR B 187 -9.43 -25.29 -8.66
CA THR B 187 -8.77 -24.02 -8.70
C THR B 187 -9.34 -23.15 -7.59
N ASN B 188 -8.46 -22.47 -6.85
CA ASN B 188 -8.87 -21.64 -5.75
C ASN B 188 -7.78 -20.59 -5.46
N ALA B 189 -7.85 -19.92 -4.31
CA ALA B 189 -6.83 -18.90 -4.00
C ALA B 189 -5.41 -19.45 -3.95
N VAL B 190 -5.24 -20.70 -3.53
CA VAL B 190 -3.90 -21.29 -3.50
C VAL B 190 -3.25 -21.33 -4.89
N THR B 191 -4.04 -21.66 -5.90
CA THR B 191 -3.56 -21.76 -7.29
C THR B 191 -2.87 -20.50 -7.80
N GLY B 192 -3.38 -19.34 -7.42
CA GLY B 192 -2.78 -18.05 -7.83
C GLY B 192 -1.45 -17.71 -7.18
N HIS B 193 -0.97 -18.52 -6.22
CA HIS B 193 0.38 -18.31 -5.66
C HIS B 193 1.52 -18.94 -6.48
N LEU B 194 1.25 -19.54 -7.63
CA LEU B 194 2.33 -20.08 -8.47
C LEU B 194 2.67 -19.08 -9.54
N ILE B 195 3.92 -18.68 -9.63
CA ILE B 195 4.38 -17.84 -10.73
C ILE B 195 4.77 -18.69 -11.97
N TYR B 196 5.54 -19.73 -11.68
CA TYR B 196 5.93 -20.71 -12.66
C TYR B 196 5.10 -21.96 -12.46
N THR B 197 4.56 -22.48 -13.55
CA THR B 197 3.78 -23.69 -13.50
C THR B 197 4.19 -24.67 -14.58
N ALA B 198 3.86 -25.94 -14.35
CA ALA B 198 4.23 -26.99 -15.27
C ALA B 198 3.63 -26.79 -16.67
N ASN B 199 4.51 -26.82 -17.67
CA ASN B 199 4.19 -26.62 -19.07
C ASN B 199 3.52 -25.27 -19.34
N ASP B 200 4.00 -24.25 -18.64
CA ASP B 200 3.68 -22.88 -18.98
C ASP B 200 4.58 -22.49 -20.16
N THR B 201 4.80 -21.19 -20.32
CA THR B 201 5.60 -20.70 -21.43
C THR B 201 7.06 -21.14 -21.38
N THR B 202 7.54 -21.67 -20.26
CA THR B 202 8.91 -22.23 -20.21
C THR B 202 9.03 -23.59 -20.90
N GLY B 203 7.90 -24.28 -21.06
CA GLY B 203 7.91 -25.67 -21.51
C GLY B 203 8.33 -26.72 -20.48
N SER B 204 8.69 -26.28 -19.27
CA SER B 204 9.22 -27.17 -18.21
C SER B 204 8.10 -27.64 -17.28
N ASN B 205 8.16 -28.91 -16.93
CA ASN B 205 7.28 -29.43 -15.91
C ASN B 205 7.76 -29.12 -14.48
N TYR B 206 9.04 -28.79 -14.31
CA TYR B 206 9.60 -28.69 -13.00
C TYR B 206 10.41 -27.41 -12.81
N PHE B 207 10.50 -27.00 -11.55
CA PHE B 207 11.28 -25.83 -11.17
C PHE B 207 11.96 -26.03 -9.83
N ARG B 208 13.09 -25.35 -9.67
CA ARG B 208 13.77 -25.22 -8.39
C ARG B 208 14.53 -23.86 -8.35
N ILE B 209 15.03 -23.51 -7.18
CA ILE B 209 15.99 -22.43 -6.98
C ILE B 209 15.38 -21.07 -7.37
N PRO B 210 14.31 -20.66 -6.68
CA PRO B 210 13.71 -19.34 -6.93
C PRO B 210 14.57 -18.20 -6.37
N VAL B 211 14.49 -17.06 -7.04
CA VAL B 211 15.13 -15.84 -6.60
C VAL B 211 14.14 -14.70 -6.82
N LEU B 212 13.99 -13.87 -5.81
CA LEU B 212 13.24 -12.62 -5.88
C LEU B 212 14.16 -11.42 -5.70
N TYR B 213 13.84 -10.32 -6.37
CA TYR B 213 14.57 -9.07 -6.21
C TYR B 213 13.65 -7.91 -6.55
N THR B 214 13.68 -6.87 -5.74
CA THR B 214 12.85 -5.68 -5.99
C THR B 214 13.76 -4.58 -6.54
N PHE B 215 13.47 -4.11 -7.75
CA PHE B 215 14.26 -3.01 -8.35
C PHE B 215 13.86 -1.64 -7.80
N SER B 216 14.79 -0.69 -7.93
CA SER B 216 14.64 0.70 -7.51
C SER B 216 13.36 1.33 -8.01
N ASN B 217 12.96 0.98 -9.22
CA ASN B 217 11.75 1.53 -9.82
C ASN B 217 10.40 0.89 -9.39
N GLY B 218 10.41 -0.03 -8.45
CA GLY B 218 9.18 -0.67 -7.97
C GLY B 218 8.82 -2.00 -8.61
N ARG B 219 9.52 -2.40 -9.68
CA ARG B 219 9.28 -3.71 -10.30
C ARG B 219 9.80 -4.82 -9.40
N VAL B 220 9.02 -5.88 -9.26
CA VAL B 220 9.42 -7.06 -8.51
C VAL B 220 9.76 -8.14 -9.55
N PHE B 221 10.98 -8.65 -9.48
CA PHE B 221 11.56 -9.54 -10.47
C PHE B 221 11.80 -10.91 -9.87
N SER B 222 11.53 -11.96 -10.63
CA SER B 222 11.90 -13.30 -10.23
C SER B 222 12.69 -14.01 -11.32
N SER B 223 13.58 -14.87 -10.87
CA SER B 223 14.19 -15.88 -11.71
C SER B 223 14.13 -17.24 -11.02
N ILE B 224 14.37 -18.28 -11.79
CA ILE B 224 14.24 -19.63 -11.24
C ILE B 224 14.94 -20.64 -12.21
N ASP B 225 15.38 -21.79 -11.68
CA ASP B 225 15.75 -22.91 -12.54
C ASP B 225 14.51 -23.56 -13.14
N ALA B 226 14.45 -23.64 -14.45
CA ALA B 226 13.46 -24.45 -15.11
C ALA B 226 14.18 -25.75 -15.41
N ARG B 227 13.84 -26.79 -14.66
CA ARG B 227 14.53 -28.07 -14.75
C ARG B 227 13.66 -29.05 -15.50
N TYR B 228 14.13 -29.48 -16.66
CA TYR B 228 13.23 -30.20 -17.59
C TYR B 228 13.15 -31.70 -17.32
N GLY B 229 14.29 -32.32 -16.96
CA GLY B 229 14.35 -33.77 -16.78
C GLY B 229 14.22 -34.05 -15.28
N GLY B 230 13.05 -33.74 -14.75
CA GLY B 230 12.84 -33.79 -13.31
C GLY B 230 13.62 -32.70 -12.58
N THR B 231 13.71 -32.83 -11.26
CA THR B 231 14.28 -31.81 -10.39
C THR B 231 15.75 -32.05 -10.04
N HIS B 232 16.38 -33.05 -10.65
CA HIS B 232 17.79 -33.32 -10.41
C HIS B 232 18.68 -32.08 -10.60
N ASP B 233 19.62 -31.87 -9.68
CA ASP B 233 20.69 -30.87 -9.89
C ASP B 233 21.47 -31.22 -11.15
N PHE B 234 21.88 -32.49 -11.23
CA PHE B 234 22.59 -33.02 -12.40
C PHE B 234 22.38 -34.54 -12.48
N LEU B 235 22.59 -35.14 -13.66
CA LEU B 235 22.68 -34.42 -14.92
C LEU B 235 21.25 -34.01 -15.30
N ASN B 236 21.10 -32.91 -16.05
CA ASN B 236 19.78 -32.45 -16.43
C ASN B 236 19.92 -31.47 -17.58
N LYS B 237 18.78 -30.94 -18.04
CA LYS B 237 18.72 -29.75 -18.90
C LYS B 237 18.07 -28.70 -18.02
N ILE B 238 18.78 -27.61 -17.74
CA ILE B 238 18.26 -26.53 -16.95
C ILE B 238 18.44 -25.21 -17.69
N ASN B 239 17.39 -24.42 -17.68
CA ASN B 239 17.38 -23.03 -18.20
C ASN B 239 17.05 -22.13 -17.03
N ILE B 240 17.46 -20.86 -17.10
CA ILE B 240 16.98 -19.85 -16.16
C ILE B 240 15.81 -19.10 -16.81
N ALA B 241 14.64 -19.21 -16.17
CA ALA B 241 13.46 -18.53 -16.55
C ALA B 241 13.27 -17.32 -15.63
N THR B 242 12.56 -16.33 -16.15
CA THR B 242 12.25 -15.12 -15.39
C THR B 242 10.79 -14.71 -15.59
N SER B 243 10.30 -13.93 -14.63
CA SER B 243 8.96 -13.34 -14.66
C SER B 243 8.96 -12.15 -13.73
N TYR B 244 8.16 -11.13 -14.02
CA TYR B 244 8.16 -9.92 -13.18
C TYR B 244 6.78 -9.34 -12.98
N SER B 245 6.66 -8.50 -11.95
CA SER B 245 5.37 -7.88 -11.56
C SER B 245 5.57 -6.39 -11.39
N ASP B 246 4.67 -5.61 -11.97
CA ASP B 246 4.68 -4.17 -11.76
C ASP B 246 3.54 -3.70 -10.86
N ASP B 247 2.89 -4.61 -10.16
CA ASP B 247 1.84 -4.23 -9.21
C ASP B 247 2.06 -4.91 -7.85
N ASN B 248 3.29 -4.79 -7.34
CA ASN B 248 3.64 -5.30 -6.01
C ASN B 248 3.38 -6.78 -5.81
N GLY B 249 3.56 -7.55 -6.89
CA GLY B 249 3.47 -8.99 -6.83
C GLY B 249 2.10 -9.58 -7.00
N LYS B 250 1.11 -8.75 -7.31
CA LYS B 250 -0.24 -9.25 -7.49
C LYS B 250 -0.36 -10.04 -8.80
N THR B 251 0.21 -9.52 -9.89
CA THR B 251 0.21 -10.23 -11.19
C THR B 251 1.61 -10.26 -11.78
N TRP B 252 1.90 -11.32 -12.53
CA TRP B 252 3.21 -11.60 -13.07
C TRP B 252 3.15 -11.87 -14.56
N THR B 253 4.21 -11.49 -15.26
CA THR B 253 4.32 -11.78 -16.69
C THR B 253 4.42 -13.29 -16.92
N LYS B 254 4.00 -13.71 -18.11
CA LYS B 254 4.20 -15.09 -18.53
C LYS B 254 5.73 -15.34 -18.54
N PRO B 255 6.19 -16.47 -17.99
CA PRO B 255 7.63 -16.65 -17.90
C PRO B 255 8.35 -16.68 -19.24
N LYS B 256 9.55 -16.10 -19.26
CA LYS B 256 10.43 -16.13 -20.42
C LYS B 256 11.67 -16.97 -20.12
N LEU B 257 12.22 -17.61 -21.14
CA LEU B 257 13.50 -18.30 -21.03
C LEU B 257 14.60 -17.25 -21.24
N THR B 258 15.32 -16.92 -20.18
CA THR B 258 16.26 -15.81 -20.22
C THR B 258 17.68 -16.34 -20.43
N LEU B 259 18.05 -17.43 -19.76
CA LEU B 259 19.31 -18.13 -20.06
C LEU B 259 19.01 -19.59 -20.42
N ALA B 260 19.28 -19.94 -21.67
CA ALA B 260 18.88 -21.23 -22.17
C ALA B 260 19.79 -21.66 -23.31
N PHE B 261 20.18 -22.94 -23.32
CA PHE B 261 20.79 -23.56 -24.49
C PHE B 261 19.73 -24.28 -25.28
N ASP B 262 20.00 -24.58 -26.53
CA ASP B 262 19.03 -25.25 -27.40
C ASP B 262 19.54 -26.54 -28.07
N ASP B 263 20.58 -27.15 -27.47
CA ASP B 263 21.02 -28.49 -27.84
C ASP B 263 19.93 -29.53 -27.57
N PHE B 264 19.13 -29.27 -26.54
CA PHE B 264 17.94 -30.08 -26.18
C PHE B 264 16.76 -29.16 -26.19
N ALA B 265 15.63 -29.66 -26.69
CA ALA B 265 14.39 -28.92 -26.70
C ALA B 265 13.81 -28.73 -25.28
N PRO B 266 13.31 -27.53 -24.96
CA PRO B 266 12.68 -27.30 -23.66
C PRO B 266 11.25 -27.81 -23.63
N VAL B 267 11.10 -29.08 -23.31
CA VAL B 267 9.82 -29.77 -23.45
C VAL B 267 9.33 -30.37 -22.14
N PRO B 268 7.98 -30.45 -21.99
CA PRO B 268 7.40 -31.03 -20.79
C PRO B 268 7.63 -32.52 -20.81
N LEU B 269 8.31 -33.01 -19.78
CA LEU B 269 8.65 -34.42 -19.69
C LEU B 269 7.98 -35.00 -18.45
N GLU B 270 7.34 -36.14 -18.61
CA GLU B 270 6.81 -36.88 -17.46
C GLU B 270 7.92 -37.69 -16.81
N TRP B 271 8.62 -37.10 -15.87
CA TRP B 271 9.74 -37.80 -15.24
C TRP B 271 9.21 -38.84 -14.26
N PRO B 272 9.73 -40.07 -14.36
CA PRO B 272 9.20 -41.11 -13.49
C PRO B 272 9.51 -40.87 -12.01
N ARG B 273 8.56 -41.21 -11.14
CA ARG B 273 8.71 -41.06 -9.69
C ARG B 273 8.88 -42.43 -9.00
N GLU B 274 8.82 -43.54 -9.73
CA GLU B 274 9.03 -44.85 -9.11
C GLU B 274 10.45 -44.95 -8.57
N VAL B 275 10.59 -45.72 -7.50
CA VAL B 275 11.91 -46.16 -7.03
C VAL B 275 12.69 -46.67 -8.26
N GLY B 276 13.94 -46.26 -8.39
CA GLY B 276 14.76 -46.70 -9.53
C GLY B 276 14.63 -45.77 -10.72
N GLY B 277 13.44 -45.76 -11.34
CA GLY B 277 13.11 -44.84 -12.43
C GLY B 277 13.42 -43.37 -12.11
N ARG B 278 13.09 -42.95 -10.88
CA ARG B 278 13.34 -41.59 -10.43
C ARG B 278 14.81 -41.17 -10.50
N ASP B 279 15.73 -42.12 -10.47
CA ASP B 279 17.15 -41.80 -10.60
C ASP B 279 17.61 -41.51 -12.00
N LEU B 280 16.78 -41.81 -13.01
CA LEU B 280 17.11 -41.52 -14.40
C LEU B 280 17.38 -40.04 -14.61
N GLN B 281 18.34 -39.76 -15.50
CA GLN B 281 18.72 -38.39 -15.81
C GLN B 281 18.84 -38.16 -17.30
N ILE B 282 18.55 -36.94 -17.75
CA ILE B 282 18.97 -36.51 -19.09
C ILE B 282 20.51 -36.57 -19.07
N SER B 283 21.16 -37.15 -20.08
CA SER B 283 22.64 -37.39 -20.05
C SER B 283 23.40 -36.09 -20.13
N GLY B 284 22.63 -35.04 -20.31
CA GLY B 284 22.96 -33.74 -19.76
C GLY B 284 23.10 -32.80 -20.92
N GLY B 285 22.15 -31.91 -21.04
CA GLY B 285 22.21 -30.91 -22.10
C GLY B 285 23.12 -29.89 -21.50
N ALA B 286 23.60 -29.00 -22.33
CA ALA B 286 24.22 -27.80 -21.80
C ALA B 286 23.21 -27.11 -20.84
N THR B 287 23.72 -26.54 -19.76
CA THR B 287 22.89 -26.15 -18.62
C THR B 287 23.31 -24.80 -18.05
N TYR B 288 22.33 -23.98 -17.72
CA TYR B 288 22.49 -22.88 -16.79
C TYR B 288 21.80 -23.25 -15.49
N ILE B 289 22.40 -22.92 -14.36
CA ILE B 289 21.85 -23.31 -13.06
C ILE B 289 22.27 -22.36 -11.95
N ASP B 290 21.36 -22.10 -11.00
CA ASP B 290 21.65 -21.33 -9.77
C ASP B 290 21.91 -19.86 -10.05
N SER B 291 20.85 -19.10 -10.18
CA SER B 291 20.94 -17.67 -10.53
C SER B 291 21.16 -16.76 -9.34
N VAL B 292 21.81 -15.62 -9.62
CA VAL B 292 22.01 -14.57 -8.65
C VAL B 292 21.68 -13.24 -9.33
N ILE B 293 20.98 -12.35 -8.66
CA ILE B 293 20.59 -11.05 -9.19
C ILE B 293 21.14 -9.90 -8.33
N VAL B 294 21.57 -8.83 -8.98
CA VAL B 294 21.83 -7.58 -8.29
C VAL B 294 21.57 -6.39 -9.22
N GLU B 295 21.08 -5.30 -8.65
CA GLU B 295 20.90 -4.05 -9.38
C GLU B 295 22.05 -3.10 -9.03
N LYS B 296 22.70 -2.58 -10.06
CA LYS B 296 23.80 -1.62 -9.87
C LYS B 296 23.29 -0.23 -9.48
N LYS B 297 24.18 0.60 -8.95
CA LYS B 297 23.87 1.97 -8.58
C LYS B 297 23.21 2.73 -9.73
N ASN B 298 23.74 2.53 -10.91
CA ASN B 298 23.22 3.19 -12.12
C ASN B 298 21.94 2.55 -12.68
N LYS B 299 21.35 1.59 -11.95
CA LYS B 299 20.06 0.91 -12.30
C LYS B 299 20.15 -0.19 -13.35
N GLN B 300 21.32 -0.40 -13.94
CA GLN B 300 21.54 -1.62 -14.71
C GLN B 300 21.37 -2.84 -13.79
N VAL B 301 20.75 -3.88 -14.29
CA VAL B 301 20.59 -5.14 -13.53
C VAL B 301 21.53 -6.20 -14.12
N LEU B 302 22.23 -6.90 -13.22
CA LEU B 302 22.99 -8.11 -13.55
C LEU B 302 22.28 -9.38 -13.06
N MET B 303 22.34 -10.42 -13.90
CA MET B 303 22.00 -11.76 -13.48
C MET B 303 23.19 -12.67 -13.80
N PHE B 304 23.62 -13.45 -12.79
CA PHE B 304 24.70 -14.43 -12.91
C PHE B 304 24.05 -15.84 -12.87
N ALA B 305 24.66 -16.80 -13.56
CA ALA B 305 24.31 -18.21 -13.38
C ALA B 305 25.53 -19.09 -13.61
N ASP B 306 25.53 -20.29 -13.03
CA ASP B 306 26.56 -21.25 -13.35
C ASP B 306 26.28 -21.77 -14.78
N VAL B 307 27.35 -22.11 -15.50
CA VAL B 307 27.21 -22.71 -16.84
C VAL B 307 27.91 -24.07 -16.82
N MET B 308 27.21 -25.11 -17.25
CA MET B 308 27.79 -26.45 -17.39
C MET B 308 27.69 -26.89 -18.84
N PRO B 309 28.82 -27.25 -19.48
CA PRO B 309 28.73 -27.88 -20.81
C PRO B 309 27.96 -29.19 -20.73
N ALA B 310 27.43 -29.62 -21.87
CA ALA B 310 26.66 -30.83 -21.91
C ALA B 310 27.50 -31.98 -21.34
N GLY B 311 26.94 -32.74 -20.41
CA GLY B 311 27.58 -33.95 -19.85
C GLY B 311 28.54 -33.67 -18.71
N VAL B 312 28.55 -32.43 -18.21
CA VAL B 312 29.38 -32.06 -17.07
C VAL B 312 28.53 -31.66 -15.88
N SER B 313 28.94 -32.03 -14.67
CA SER B 313 28.19 -31.68 -13.42
C SER B 313 29.12 -31.09 -12.37
N PHE B 314 28.51 -30.70 -11.24
CA PHE B 314 29.23 -30.45 -10.00
C PHE B 314 30.24 -31.60 -9.72
N ARG B 315 29.78 -32.86 -9.82
CA ARG B 315 30.62 -33.99 -9.40
C ARG B 315 31.69 -34.44 -10.40
N GLU B 316 31.45 -34.28 -11.70
CA GLU B 316 32.35 -34.82 -12.72
C GLU B 316 33.33 -33.79 -13.29
N ALA B 317 33.09 -32.50 -13.07
CA ALA B 317 33.93 -31.46 -13.66
C ALA B 317 35.41 -31.55 -13.22
N THR B 318 36.36 -31.26 -14.12
CA THR B 318 37.78 -31.12 -13.75
C THR B 318 37.98 -29.85 -12.95
N ARG B 319 38.73 -29.99 -11.87
CA ARG B 319 38.95 -28.92 -10.93
C ARG B 319 40.27 -28.22 -11.20
N LYS B 320 41.06 -28.72 -12.14
CA LYS B 320 42.42 -28.24 -12.38
C LYS B 320 42.62 -27.44 -13.65
N ASP B 321 41.54 -27.04 -14.30
CA ASP B 321 41.66 -26.32 -15.55
C ASP B 321 40.52 -25.33 -15.64
N SER B 322 40.86 -24.05 -15.71
CA SER B 322 39.89 -22.97 -15.79
C SER B 322 39.12 -22.93 -17.10
N GLY B 323 39.70 -23.53 -18.15
CA GLY B 323 39.16 -23.39 -19.47
C GLY B 323 39.66 -22.16 -20.17
N TYR B 324 40.64 -21.47 -19.56
CA TYR B 324 41.24 -20.30 -20.19
C TYR B 324 42.74 -20.51 -20.42
N LYS B 325 43.27 -19.77 -21.39
CA LYS B 325 44.71 -19.55 -21.56
C LYS B 325 45.01 -18.08 -21.31
N GLN B 326 46.25 -17.78 -20.93
CA GLN B 326 46.73 -16.41 -20.83
C GLN B 326 47.72 -16.19 -21.99
N ILE B 327 47.42 -15.25 -22.88
CA ILE B 327 48.27 -14.93 -24.03
C ILE B 327 48.43 -13.42 -24.06
N ASP B 328 49.68 -12.95 -24.10
CA ASP B 328 49.99 -11.50 -24.01
C ASP B 328 49.26 -10.80 -22.86
N GLY B 329 49.20 -11.45 -21.71
CA GLY B 329 48.52 -10.89 -20.55
C GLY B 329 46.98 -10.89 -20.55
N ASN B 330 46.34 -11.31 -21.64
CA ASN B 330 44.90 -11.39 -21.73
C ASN B 330 44.46 -12.81 -21.49
N TYR B 331 43.27 -12.97 -20.92
CA TYR B 331 42.70 -14.29 -20.69
C TYR B 331 41.71 -14.60 -21.77
N TYR B 332 41.94 -15.70 -22.51
CA TYR B 332 41.03 -16.11 -23.57
C TYR B 332 40.48 -17.49 -23.30
N LEU B 333 39.21 -17.67 -23.61
CA LEU B 333 38.61 -18.97 -23.48
C LEU B 333 39.24 -19.91 -24.52
N LYS B 334 39.65 -21.09 -24.09
CA LYS B 334 40.31 -22.04 -25.02
C LYS B 334 39.38 -23.11 -25.56
N LEU B 335 39.76 -23.68 -26.69
CA LEU B 335 38.93 -24.65 -27.40
C LEU B 335 39.77 -25.80 -27.89
N ARG B 336 39.16 -26.98 -27.90
CA ARG B 336 39.74 -28.17 -28.51
C ARG B 336 38.92 -28.57 -29.72
N LYS B 337 39.59 -28.67 -30.86
CA LYS B 337 38.94 -29.09 -32.08
C LYS B 337 38.85 -30.61 -32.13
N GLN B 338 37.75 -31.09 -32.69
CA GLN B 338 37.56 -32.52 -32.91
C GLN B 338 38.77 -33.11 -33.61
N GLY B 339 39.22 -34.24 -33.11
CA GLY B 339 40.42 -34.90 -33.60
C GLY B 339 41.68 -34.51 -32.85
N ASP B 340 41.70 -33.37 -32.15
CA ASP B 340 42.90 -32.96 -31.40
C ASP B 340 42.89 -33.51 -29.98
N THR B 341 44.10 -33.68 -29.43
CA THR B 341 44.28 -34.03 -28.03
C THR B 341 44.40 -32.77 -27.19
N ASP B 342 45.14 -31.79 -27.69
CA ASP B 342 45.39 -30.56 -26.96
C ASP B 342 44.29 -29.56 -27.27
N TYR B 343 44.21 -28.53 -26.43
CA TYR B 343 43.45 -27.32 -26.69
C TYR B 343 44.33 -26.35 -27.47
N ASN B 344 44.17 -26.33 -28.79
CA ASN B 344 45.04 -25.54 -29.67
C ASN B 344 44.51 -24.19 -30.11
N TYR B 345 43.35 -23.82 -29.60
CA TYR B 345 42.65 -22.66 -30.10
C TYR B 345 42.15 -21.78 -28.96
N THR B 346 41.99 -20.48 -29.27
CA THR B 346 41.44 -19.51 -28.34
C THR B 346 40.47 -18.61 -29.08
N ILE B 347 39.46 -18.14 -28.35
CA ILE B 347 38.53 -17.17 -28.83
C ILE B 347 39.10 -15.83 -28.42
N ARG B 348 39.43 -15.00 -29.40
CA ARG B 348 40.03 -13.71 -29.12
C ARG B 348 39.11 -12.56 -29.53
N GLU B 349 39.66 -11.43 -29.96
CA GLU B 349 38.85 -10.25 -30.25
C GLU B 349 37.79 -10.51 -31.34
N ASN B 350 36.61 -9.95 -31.12
CA ASN B 350 35.43 -10.10 -31.98
C ASN B 350 34.96 -11.54 -32.13
N GLY B 351 35.35 -12.40 -31.20
CA GLY B 351 35.03 -13.81 -31.25
C GLY B 351 35.80 -14.62 -32.27
N THR B 352 36.83 -14.05 -32.90
CA THR B 352 37.66 -14.78 -33.85
C THR B 352 38.41 -15.92 -33.13
N VAL B 353 38.30 -17.13 -33.69
CA VAL B 353 39.04 -18.27 -33.20
C VAL B 353 40.43 -18.29 -33.83
N TYR B 354 41.44 -18.19 -32.97
CA TYR B 354 42.86 -18.27 -33.35
C TYR B 354 43.40 -19.69 -33.13
N ASP B 355 44.34 -20.09 -33.99
CA ASP B 355 45.17 -21.26 -33.77
C ASP B 355 46.35 -20.74 -32.97
N ASP B 356 46.49 -21.22 -31.74
CA ASP B 356 47.54 -20.73 -30.85
C ASP B 356 48.92 -21.23 -31.27
N ARG B 357 48.97 -22.27 -32.09
CA ARG B 357 50.26 -22.79 -32.54
C ARG B 357 50.90 -21.84 -33.57
N THR B 358 50.07 -21.23 -34.40
CA THR B 358 50.50 -20.28 -35.42
C THR B 358 50.19 -18.84 -35.09
N ASN B 359 49.37 -18.63 -34.05
CA ASN B 359 48.99 -17.30 -33.61
C ASN B 359 48.30 -16.52 -34.74
N ARG B 360 47.43 -17.21 -35.46
CA ARG B 360 46.75 -16.64 -36.61
C ARG B 360 45.26 -16.92 -36.50
N PRO B 361 44.43 -15.99 -37.01
CA PRO B 361 43.01 -16.28 -37.09
C PRO B 361 42.68 -17.45 -38.03
N THR B 362 41.71 -18.28 -37.64
CA THR B 362 41.17 -19.34 -38.47
C THR B 362 39.96 -18.80 -39.24
N GLU B 363 39.33 -19.67 -40.01
CA GLU B 363 38.02 -19.40 -40.64
C GLU B 363 36.86 -19.33 -39.65
N PHE B 364 37.10 -19.73 -38.40
CA PHE B 364 36.04 -19.90 -37.43
C PHE B 364 35.91 -18.69 -36.49
N SER B 365 34.68 -18.47 -36.03
CA SER B 365 34.37 -17.46 -35.02
C SER B 365 33.24 -17.97 -34.13
N VAL B 366 33.16 -17.37 -32.94
CA VAL B 366 32.15 -17.67 -31.97
C VAL B 366 31.41 -16.38 -31.65
N ASP B 367 30.09 -16.39 -31.81
CA ASP B 367 29.29 -15.19 -31.54
C ASP B 367 29.09 -15.06 -30.02
N LYS B 368 28.43 -14.00 -29.61
CA LYS B 368 28.38 -13.65 -28.17
C LYS B 368 27.46 -14.61 -27.38
N ASN B 369 26.60 -15.36 -28.08
CA ASN B 369 25.81 -16.47 -27.50
C ASN B 369 26.44 -17.85 -27.69
N PHE B 370 27.76 -17.87 -27.97
CA PHE B 370 28.55 -19.09 -28.01
C PHE B 370 28.35 -19.97 -29.25
N GLY B 371 27.67 -19.44 -30.27
CA GLY B 371 27.45 -20.17 -31.52
C GLY B 371 28.67 -20.07 -32.42
N ILE B 372 28.95 -21.14 -33.16
CA ILE B 372 30.13 -21.23 -34.02
C ILE B 372 29.79 -20.97 -35.50
N LYS B 373 30.60 -20.11 -36.11
CA LYS B 373 30.51 -19.77 -37.53
C LYS B 373 31.79 -20.17 -38.23
N GLN B 374 31.66 -20.51 -39.50
CA GLN B 374 32.80 -20.77 -40.36
C GLN B 374 32.63 -19.89 -41.60
N ASN B 375 33.61 -19.04 -41.86
CA ASN B 375 33.52 -18.04 -42.95
C ASN B 375 32.23 -17.23 -42.88
N GLY B 376 31.85 -16.81 -41.69
CA GLY B 376 30.67 -15.99 -41.51
C GLY B 376 29.32 -16.69 -41.54
N ASN B 377 29.27 -18.00 -41.81
CA ASN B 377 28.02 -18.78 -41.80
C ASN B 377 27.96 -19.70 -40.58
N TYR B 378 26.79 -19.80 -39.95
CA TYR B 378 26.63 -20.68 -38.77
C TYR B 378 26.79 -22.13 -39.13
N LEU B 379 27.53 -22.87 -38.32
CA LEU B 379 27.50 -24.32 -38.37
C LEU B 379 26.32 -24.73 -37.52
N THR B 380 25.76 -25.89 -37.83
CA THR B 380 24.59 -26.36 -37.12
C THR B 380 24.79 -27.77 -36.66
N VAL B 381 23.98 -28.13 -35.66
CA VAL B 381 23.84 -29.51 -35.21
C VAL B 381 22.35 -29.76 -35.04
N GLU B 382 21.99 -31.03 -34.95
CA GLU B 382 20.61 -31.39 -34.73
C GLU B 382 20.29 -31.41 -33.23
N GLN B 383 19.18 -30.80 -32.86
CA GLN B 383 18.69 -30.79 -31.50
C GLN B 383 18.19 -32.15 -31.05
N TYR B 384 18.29 -32.42 -29.75
CA TYR B 384 17.74 -33.60 -29.11
C TYR B 384 16.41 -33.32 -28.40
N SER B 385 15.51 -34.30 -28.49
CA SER B 385 14.35 -34.38 -27.61
C SER B 385 14.55 -35.62 -26.73
N VAL B 386 13.72 -35.74 -25.71
CA VAL B 386 13.68 -36.85 -24.82
C VAL B 386 12.30 -37.47 -24.83
N SER B 387 12.23 -38.80 -24.83
CA SER B 387 10.95 -39.53 -24.75
C SER B 387 11.06 -40.80 -23.88
N PHE B 388 9.89 -41.33 -23.49
CA PHE B 388 9.71 -42.48 -22.56
C PHE B 388 8.78 -43.55 -23.15
N GLU B 389 9.24 -44.80 -23.18
CA GLU B 389 8.48 -45.90 -23.80
C GLU B 389 8.01 -46.96 -22.78
N ASN B 390 8.88 -47.85 -22.31
CA ASN B 390 8.45 -48.89 -21.34
C ASN B 390 9.24 -48.68 -20.07
N ASN B 391 8.93 -47.59 -19.35
CA ASN B 391 9.83 -47.04 -18.33
C ASN B 391 11.26 -46.84 -18.84
N LYS B 392 11.43 -46.68 -20.15
CA LYS B 392 12.73 -46.51 -20.80
C LYS B 392 12.79 -45.12 -21.40
N LYS B 393 13.87 -44.45 -21.09
CA LYS B 393 14.13 -43.14 -21.63
C LYS B 393 14.95 -43.21 -22.93
N THR B 394 14.60 -42.39 -23.91
CA THR B 394 15.39 -42.25 -25.11
C THR B 394 15.76 -40.77 -25.32
N GLU B 395 16.98 -40.49 -25.75
CA GLU B 395 17.36 -39.18 -26.21
C GLU B 395 17.64 -39.29 -27.68
N TYR B 396 17.00 -38.43 -28.48
CA TYR B 396 17.00 -38.65 -29.95
C TYR B 396 17.01 -37.35 -30.73
N ARG B 397 17.65 -37.38 -31.88
CA ARG B 397 17.69 -36.25 -32.80
C ARG B 397 16.30 -35.99 -33.36
N ASN B 398 15.85 -34.74 -33.25
CA ASN B 398 14.42 -34.43 -33.41
C ASN B 398 14.03 -33.65 -34.67
N GLY B 399 14.99 -33.44 -35.57
CA GLY B 399 14.75 -32.77 -36.85
C GLY B 399 14.96 -31.27 -36.85
N THR B 400 15.10 -30.65 -35.67
CA THR B 400 15.41 -29.22 -35.59
C THR B 400 16.93 -29.01 -35.72
N LYS B 401 17.32 -28.04 -36.56
CA LYS B 401 18.70 -27.63 -36.69
C LYS B 401 18.91 -26.39 -35.82
N VAL B 402 19.91 -26.44 -34.95
CA VAL B 402 20.26 -25.28 -34.11
C VAL B 402 21.73 -24.95 -34.36
N HIS B 403 22.13 -23.74 -33.98
CA HIS B 403 23.53 -23.34 -34.09
C HIS B 403 24.41 -24.25 -33.27
N MET B 404 25.49 -24.70 -33.89
CA MET B 404 26.55 -25.43 -33.19
C MET B 404 27.09 -24.47 -32.13
N ASN B 405 27.38 -25.00 -30.96
CA ASN B 405 27.68 -24.18 -29.79
C ASN B 405 28.82 -24.85 -29.08
N ILE B 406 29.75 -24.04 -28.56
CA ILE B 406 30.95 -24.58 -27.93
C ILE B 406 30.70 -25.37 -26.66
N PHE B 407 29.51 -25.20 -26.08
CA PHE B 407 29.08 -25.97 -24.91
C PHE B 407 28.38 -27.30 -25.22
N TYR B 408 28.23 -27.66 -26.50
CA TYR B 408 27.44 -28.85 -26.85
C TYR B 408 28.36 -30.04 -27.02
N LYS B 409 27.83 -31.24 -26.81
CA LYS B 409 28.60 -32.46 -27.03
C LYS B 409 28.85 -32.70 -28.55
N ASP B 410 28.04 -32.13 -29.45
CA ASP B 410 28.25 -32.31 -30.90
C ASP B 410 29.14 -31.23 -31.58
N ALA B 411 29.79 -30.37 -30.81
CA ALA B 411 30.51 -29.25 -31.42
C ALA B 411 31.86 -29.64 -32.01
N LEU B 412 32.21 -29.01 -33.13
CA LEU B 412 33.53 -29.13 -33.75
C LEU B 412 34.66 -28.59 -32.86
N PHE B 413 34.37 -27.51 -32.11
CA PHE B 413 35.25 -26.90 -31.12
C PHE B 413 34.52 -26.92 -29.78
N LYS B 414 35.21 -27.39 -28.73
CA LYS B 414 34.62 -27.59 -27.42
C LYS B 414 35.44 -26.94 -26.33
N VAL B 415 34.75 -26.36 -25.37
CA VAL B 415 35.37 -25.87 -24.15
C VAL B 415 35.82 -27.01 -23.25
N VAL B 416 36.67 -26.66 -22.29
CA VAL B 416 37.09 -27.60 -21.24
C VAL B 416 35.83 -28.06 -20.49
N PRO B 417 35.73 -29.38 -20.19
CA PRO B 417 34.55 -29.87 -19.48
C PRO B 417 34.65 -29.53 -18.01
N THR B 418 34.28 -28.31 -17.70
CA THR B 418 34.29 -27.83 -16.32
C THR B 418 33.16 -26.80 -16.22
N ASN B 419 32.96 -26.27 -15.01
CA ASN B 419 31.92 -25.30 -14.76
C ASN B 419 32.44 -23.87 -14.96
N TYR B 420 31.54 -23.00 -15.38
CA TYR B 420 31.85 -21.59 -15.57
C TYR B 420 30.75 -20.74 -14.91
N ILE B 421 30.96 -19.44 -14.90
CA ILE B 421 29.95 -18.49 -14.48
C ILE B 421 29.76 -17.51 -15.62
N ALA B 422 28.51 -17.22 -15.96
CA ALA B 422 28.16 -16.18 -16.91
C ALA B 422 27.31 -15.11 -16.24
N TYR B 423 27.38 -13.88 -16.77
CA TYR B 423 26.39 -12.88 -16.43
C TYR B 423 25.88 -12.13 -17.65
N ILE B 424 24.65 -11.65 -17.51
CA ILE B 424 24.00 -10.83 -18.49
C ILE B 424 23.56 -9.55 -17.79
N SER B 425 23.39 -8.49 -18.56
CA SER B 425 22.92 -7.22 -18.01
C SER B 425 21.68 -6.72 -18.73
N SER B 426 20.84 -5.99 -17.99
CA SER B 426 19.64 -5.36 -18.54
C SER B 426 19.60 -3.87 -18.22
N ASN B 427 19.30 -3.08 -19.23
CA ASN B 427 19.13 -1.64 -19.06
C ASN B 427 17.67 -1.22 -18.95
N ASP B 428 16.74 -2.17 -19.00
CA ASP B 428 15.31 -1.84 -18.94
C ASP B 428 14.62 -2.65 -17.85
N HIS B 429 15.36 -2.93 -16.78
CA HIS B 429 14.84 -3.67 -15.63
C HIS B 429 14.20 -5.03 -15.96
N GLY B 430 14.92 -5.81 -16.76
CA GLY B 430 14.58 -7.17 -17.04
C GLY B 430 13.72 -7.45 -18.24
N GLU B 431 13.37 -6.42 -19.02
CA GLU B 431 12.60 -6.67 -20.23
C GLU B 431 13.45 -7.23 -21.34
N SER B 432 14.69 -6.78 -21.44
CA SER B 432 15.62 -7.31 -22.40
C SER B 432 16.99 -7.41 -21.75
N TRP B 433 17.82 -8.29 -22.32
CA TRP B 433 19.11 -8.65 -21.75
C TRP B 433 20.20 -8.66 -22.82
N SER B 434 21.42 -8.33 -22.39
CA SER B 434 22.61 -8.50 -23.21
C SER B 434 22.89 -9.99 -23.47
N ALA B 435 23.79 -10.23 -24.40
CA ALA B 435 24.42 -11.53 -24.54
C ALA B 435 25.23 -11.85 -23.27
N PRO B 436 25.48 -13.12 -23.00
CA PRO B 436 26.27 -13.49 -21.80
C PRO B 436 27.77 -13.12 -21.90
N THR B 437 28.37 -12.83 -20.75
CA THR B 437 29.80 -12.73 -20.57
C THR B 437 30.22 -13.83 -19.60
N LEU B 438 31.21 -14.65 -19.98
CA LEU B 438 31.80 -15.60 -19.05
C LEU B 438 32.76 -14.84 -18.14
N LEU B 439 32.67 -15.13 -16.86
CA LEU B 439 33.62 -14.59 -15.91
C LEU B 439 35.03 -15.03 -16.29
N PRO B 440 36.02 -14.11 -16.17
CA PRO B 440 37.41 -14.53 -16.35
C PRO B 440 37.81 -15.50 -15.25
N PRO B 441 38.99 -16.12 -15.37
CA PRO B 441 39.45 -17.15 -14.47
C PRO B 441 39.97 -16.56 -13.15
N ILE B 442 39.08 -15.94 -12.41
CA ILE B 442 39.45 -15.28 -11.16
C ILE B 442 39.95 -16.24 -10.06
N MET B 443 39.59 -17.52 -10.10
CA MET B 443 40.23 -18.48 -9.19
C MET B 443 41.67 -18.90 -9.57
N GLY B 444 42.16 -18.48 -10.75
CA GLY B 444 43.48 -18.88 -11.26
C GLY B 444 43.27 -19.71 -12.52
N LEU B 445 44.30 -19.80 -13.35
CA LEU B 445 44.22 -20.56 -14.61
C LEU B 445 44.00 -22.05 -14.42
N ASN B 446 44.43 -22.56 -13.27
CA ASN B 446 44.44 -24.00 -13.03
C ASN B 446 43.44 -24.40 -11.96
N ARG B 447 42.37 -23.61 -11.80
CA ARG B 447 41.23 -24.00 -10.99
C ARG B 447 39.95 -23.76 -11.78
N ASN B 448 38.92 -24.57 -11.52
CA ASN B 448 37.62 -24.30 -12.01
C ASN B 448 36.98 -23.04 -11.35
N ALA B 449 35.96 -22.50 -11.99
CA ALA B 449 35.22 -21.37 -11.45
C ALA B 449 34.49 -21.76 -10.17
N PRO B 450 34.18 -20.77 -9.32
CA PRO B 450 33.30 -21.06 -8.20
C PRO B 450 31.87 -21.45 -8.63
N TYR B 451 31.11 -21.94 -7.65
CA TYR B 451 29.69 -22.21 -7.75
C TYR B 451 28.90 -21.09 -7.07
N LEU B 452 27.94 -20.49 -7.76
CA LEU B 452 27.15 -19.39 -7.18
C LEU B 452 26.28 -19.84 -6.02
N GLY B 453 26.12 -18.95 -5.03
CA GLY B 453 25.15 -19.09 -3.94
C GLY B 453 23.86 -18.41 -4.36
N PRO B 454 22.80 -19.18 -4.68
CA PRO B 454 21.63 -18.60 -5.30
C PRO B 454 20.92 -17.58 -4.42
N GLY B 455 20.44 -16.52 -5.04
CA GLY B 455 19.80 -15.42 -4.34
C GLY B 455 20.25 -14.14 -4.95
N ARG B 456 20.57 -13.17 -4.11
CA ARG B 456 20.98 -11.87 -4.60
C ARG B 456 22.43 -11.58 -4.26
N GLY B 457 22.95 -10.57 -4.94
CA GLY B 457 24.19 -9.91 -4.54
C GLY B 457 23.83 -8.60 -3.85
N ILE B 458 24.85 -7.88 -3.35
CA ILE B 458 24.65 -6.57 -2.77
C ILE B 458 25.67 -5.55 -3.25
N ILE B 459 25.37 -4.31 -2.94
CA ILE B 459 26.27 -3.21 -3.09
C ILE B 459 26.52 -2.65 -1.70
N GLU B 460 27.76 -2.74 -1.25
CA GLU B 460 28.10 -2.23 0.06
C GLU B 460 28.11 -0.70 -0.07
N SER B 461 27.53 -0.04 0.94
CA SER B 461 27.14 1.36 0.83
C SER B 461 28.30 2.37 0.90
N SER B 462 29.28 2.14 1.76
CA SER B 462 30.39 3.09 1.91
C SER B 462 31.39 3.09 0.74
N THR B 463 31.62 1.94 0.10
CA THR B 463 32.61 1.86 -0.99
C THR B 463 31.99 1.69 -2.39
N GLY B 464 30.73 1.27 -2.42
CA GLY B 464 30.08 0.91 -3.68
C GLY B 464 30.55 -0.43 -4.24
N ARG B 465 31.27 -1.22 -3.44
CA ARG B 465 31.72 -2.53 -3.90
C ARG B 465 30.52 -3.45 -4.17
N ILE B 466 30.53 -4.10 -5.34
CA ILE B 466 29.53 -5.09 -5.67
C ILE B 466 30.01 -6.45 -5.16
N LEU B 467 29.18 -7.19 -4.45
CA LEU B 467 29.56 -8.51 -3.94
C LEU B 467 28.59 -9.57 -4.38
N ILE B 468 29.16 -10.67 -4.90
CA ILE B 468 28.38 -11.80 -5.42
C ILE B 468 28.84 -13.03 -4.66
N PRO B 469 27.91 -13.77 -4.03
CA PRO B 469 28.34 -14.91 -3.21
C PRO B 469 28.53 -16.16 -4.02
N SER B 470 29.62 -16.86 -3.72
CA SER B 470 29.88 -18.13 -4.32
C SER B 470 30.69 -19.01 -3.38
N TYR B 471 30.96 -20.23 -3.80
CA TYR B 471 31.68 -21.21 -2.97
C TYR B 471 32.36 -22.27 -3.86
N THR B 472 33.33 -22.99 -3.31
CA THR B 472 34.09 -23.98 -4.06
C THR B 472 33.89 -25.42 -3.58
N GLY B 473 33.29 -25.61 -2.40
CA GLY B 473 33.23 -26.93 -1.77
C GLY B 473 34.16 -27.04 -0.57
N LYS B 474 35.25 -26.27 -0.54
CA LYS B 474 36.07 -26.13 0.65
C LYS B 474 36.28 -24.69 1.13
N GLU B 475 35.95 -23.69 0.30
CA GLU B 475 36.18 -22.29 0.61
C GLU B 475 34.96 -21.49 0.27
N SER B 476 34.80 -20.35 0.94
CA SER B 476 33.89 -19.31 0.47
C SER B 476 34.63 -18.53 -0.63
N ALA B 477 33.92 -18.11 -1.67
CA ALA B 477 34.48 -17.22 -2.69
C ALA B 477 33.58 -16.04 -2.86
N PHE B 478 34.00 -14.90 -2.34
CA PHE B 478 33.27 -13.68 -2.45
C PHE B 478 33.79 -12.92 -3.65
N ILE B 479 32.99 -12.99 -4.72
CA ILE B 479 33.28 -12.34 -5.98
C ILE B 479 32.89 -10.86 -5.85
N TYR B 480 33.75 -9.94 -6.33
CA TYR B 480 33.48 -8.53 -6.11
C TYR B 480 34.00 -7.67 -7.22
N SER B 481 33.44 -6.46 -7.37
CA SER B 481 33.97 -5.46 -8.31
C SER B 481 34.03 -4.12 -7.61
N ASP B 482 35.18 -3.46 -7.70
CA ASP B 482 35.37 -2.10 -7.21
C ASP B 482 35.29 -1.05 -8.30
N ASP B 483 34.85 -1.42 -9.51
CA ASP B 483 34.73 -0.46 -10.59
C ASP B 483 33.35 -0.55 -11.26
N ASN B 484 32.30 -0.68 -10.43
CA ASN B 484 30.90 -0.73 -10.87
C ASN B 484 30.65 -1.83 -11.90
N GLY B 485 31.36 -2.95 -11.72
CA GLY B 485 31.12 -4.14 -12.52
C GLY B 485 31.86 -4.24 -13.84
N ALA B 486 32.86 -3.39 -14.06
CA ALA B 486 33.70 -3.50 -15.26
C ALA B 486 34.68 -4.67 -15.16
N SER B 487 35.25 -4.89 -13.97
CA SER B 487 36.14 -6.03 -13.76
C SER B 487 35.83 -6.67 -12.43
N TRP B 488 36.23 -7.93 -12.29
CA TRP B 488 35.82 -8.77 -11.16
C TRP B 488 37.03 -9.42 -10.51
N LYS B 489 36.98 -9.50 -9.19
CA LYS B 489 38.02 -10.12 -8.38
C LYS B 489 37.35 -11.03 -7.38
N VAL B 490 38.15 -11.73 -6.55
CA VAL B 490 37.58 -12.68 -5.59
C VAL B 490 38.40 -12.72 -4.32
N LYS B 491 37.72 -12.85 -3.18
CA LYS B 491 38.36 -13.17 -1.90
C LYS B 491 37.98 -14.58 -1.55
N VAL B 492 39.00 -15.43 -1.41
CA VAL B 492 38.81 -16.86 -1.15
C VAL B 492 39.09 -17.11 0.32
N VAL B 493 38.12 -17.68 1.04
CA VAL B 493 38.23 -17.83 2.49
C VAL B 493 38.11 -19.31 2.81
N PRO B 494 39.21 -19.94 3.29
CA PRO B 494 39.12 -21.36 3.64
C PRO B 494 38.11 -21.59 4.74
N LEU B 495 37.38 -22.70 4.66
CA LEU B 495 36.31 -23.01 5.64
C LEU B 495 36.72 -24.17 6.54
N PRO B 496 36.09 -24.30 7.74
CA PRO B 496 36.48 -25.40 8.66
C PRO B 496 36.28 -26.79 8.08
N SER B 497 35.41 -26.95 7.08
CA SER B 497 35.12 -28.26 6.51
C SER B 497 34.58 -28.04 5.13
N SER B 498 34.21 -29.14 4.45
CA SER B 498 33.81 -29.07 3.06
C SER B 498 32.34 -28.66 2.93
N TRP B 499 32.05 -27.42 3.32
CA TRP B 499 30.69 -26.89 3.28
C TRP B 499 30.26 -26.62 1.85
N SER B 500 29.01 -26.94 1.53
CA SER B 500 28.38 -26.41 0.35
C SER B 500 27.87 -25.02 0.69
N ALA B 501 28.78 -24.06 0.68
CA ALA B 501 28.57 -22.78 1.37
C ALA B 501 27.83 -21.74 0.52
N GLU B 502 26.61 -22.08 0.13
CA GLU B 502 25.67 -21.16 -0.49
C GLU B 502 25.40 -20.06 0.53
N ALA B 503 25.71 -18.82 0.14
CA ALA B 503 25.71 -17.68 1.04
C ALA B 503 24.87 -16.53 0.51
N GLN B 504 24.54 -15.64 1.44
CA GLN B 504 23.91 -14.35 1.16
C GLN B 504 24.48 -13.32 2.12
N PHE B 505 24.51 -12.05 1.68
CA PHE B 505 25.12 -10.97 2.48
C PHE B 505 24.09 -10.03 3.11
N VAL B 506 24.43 -9.46 4.25
CA VAL B 506 23.75 -8.27 4.76
C VAL B 506 24.76 -7.24 5.21
N GLU B 507 24.36 -5.98 5.17
CA GLU B 507 25.17 -4.86 5.67
C GLU B 507 24.58 -4.44 7.00
N LEU B 508 25.41 -4.48 8.03
CA LEU B 508 24.97 -4.07 9.38
C LEU B 508 25.10 -2.57 9.56
N SER B 509 26.24 -2.03 9.16
CA SER B 509 26.50 -0.60 9.20
C SER B 509 27.52 -0.32 8.07
N PRO B 510 27.72 0.96 7.69
CA PRO B 510 28.66 1.23 6.58
C PRO B 510 30.01 0.51 6.78
N GLY B 511 30.44 -0.23 5.77
CA GLY B 511 31.69 -1.00 5.85
C GLY B 511 31.62 -2.37 6.53
N VAL B 512 30.50 -2.70 7.21
CA VAL B 512 30.43 -3.90 8.02
C VAL B 512 29.40 -4.84 7.41
N ILE B 513 29.86 -5.99 6.93
CA ILE B 513 28.98 -6.94 6.28
C ILE B 513 29.15 -8.34 6.85
N GLN B 514 28.09 -9.14 6.74
CA GLN B 514 28.11 -10.53 7.17
C GLN B 514 27.62 -11.42 6.06
N ALA B 515 28.26 -12.59 5.91
CA ALA B 515 27.87 -13.60 4.94
C ALA B 515 27.28 -14.76 5.72
N TYR B 516 25.99 -15.02 5.53
CA TYR B 516 25.27 -16.13 6.17
C TYR B 516 25.29 -17.29 5.17
N MET B 517 25.63 -18.49 5.62
CA MET B 517 25.81 -19.58 4.71
C MET B 517 25.46 -20.97 5.30
N ARG B 518 25.10 -21.85 4.38
CA ARG B 518 24.93 -23.29 4.61
C ARG B 518 26.26 -23.93 4.99
N THR B 519 26.19 -24.93 5.86
CA THR B 519 27.35 -25.70 6.28
C THR B 519 27.07 -27.18 6.10
N ASN B 520 28.03 -28.01 6.50
CA ASN B 520 27.83 -29.44 6.57
C ASN B 520 27.76 -29.94 8.03
N ASN B 521 27.48 -29.07 8.98
CA ASN B 521 27.46 -29.46 10.38
C ASN B 521 26.11 -29.27 11.05
N GLY B 522 25.08 -28.88 10.30
CA GLY B 522 23.73 -28.72 10.88
C GLY B 522 23.36 -27.29 11.30
N LYS B 523 24.34 -26.40 11.35
CA LYS B 523 24.12 -25.03 11.76
C LYS B 523 24.23 -24.06 10.56
N ILE B 524 23.68 -22.88 10.73
CA ILE B 524 23.89 -21.77 9.82
C ILE B 524 25.10 -21.01 10.35
N ALA B 525 26.10 -20.80 9.49
CA ALA B 525 27.27 -20.02 9.84
C ALA B 525 27.15 -18.58 9.34
N TYR B 526 27.82 -17.65 10.04
CA TYR B 526 27.99 -16.30 9.51
C TYR B 526 29.41 -15.81 9.77
N LEU B 527 29.99 -15.21 8.74
CA LEU B 527 31.32 -14.62 8.79
C LEU B 527 31.16 -13.10 8.70
N THR B 528 32.04 -12.37 9.37
CA THR B 528 31.92 -10.92 9.48
C THR B 528 33.12 -10.19 8.88
N SER B 529 32.85 -9.15 8.09
CA SER B 529 33.90 -8.26 7.54
C SER B 529 33.64 -6.83 7.98
N LYS B 530 34.69 -6.17 8.47
CA LYS B 530 34.59 -4.79 8.89
C LYS B 530 35.24 -3.85 7.88
N ASP B 531 35.63 -4.38 6.71
CA ASP B 531 36.30 -3.58 5.67
C ASP B 531 35.67 -3.87 4.31
N ALA B 532 34.33 -3.94 4.31
CA ALA B 532 33.54 -4.11 3.09
C ALA B 532 33.91 -5.37 2.31
N GLY B 533 34.31 -6.42 3.02
CA GLY B 533 34.57 -7.72 2.41
C GLY B 533 36.00 -8.05 2.04
N THR B 534 36.96 -7.18 2.40
CA THR B 534 38.38 -7.45 2.12
C THR B 534 38.91 -8.56 3.04
N THR B 535 38.55 -8.49 4.32
CA THR B 535 38.93 -9.53 5.27
C THR B 535 37.69 -10.02 6.03
N TRP B 536 37.76 -11.28 6.45
CA TRP B 536 36.64 -11.96 7.10
C TRP B 536 37.06 -12.63 8.42
N SER B 537 36.16 -12.56 9.41
CA SER B 537 36.34 -13.27 10.68
C SER B 537 36.22 -14.79 10.52
N ALA B 538 36.64 -15.50 11.55
CA ALA B 538 36.29 -16.90 11.71
C ALA B 538 34.76 -17.03 11.79
N PRO B 539 34.23 -18.22 11.47
CA PRO B 539 32.78 -18.42 11.54
C PRO B 539 32.16 -18.33 12.94
N GLU B 540 30.97 -17.75 13.01
CA GLU B 540 30.11 -17.92 14.16
C GLU B 540 28.83 -18.61 13.65
N TYR B 541 27.99 -19.06 14.56
CA TYR B 541 26.84 -19.89 14.19
C TYR B 541 25.57 -19.41 14.88
N LEU B 542 24.47 -19.41 14.14
CA LEU B 542 23.18 -19.15 14.76
C LEU B 542 22.89 -20.23 15.81
N LYS B 543 22.32 -19.83 16.94
CA LYS B 543 22.03 -20.76 18.04
C LYS B 543 20.67 -21.42 17.91
N PHE B 544 19.79 -20.89 17.05
CA PHE B 544 18.37 -21.30 17.07
C PHE B 544 17.98 -22.15 15.88
N VAL B 545 18.88 -22.39 14.95
CA VAL B 545 18.62 -23.30 13.83
C VAL B 545 19.40 -24.58 14.02
N SER B 546 18.71 -25.70 13.88
CA SER B 546 19.36 -26.99 13.90
C SER B 546 18.81 -27.87 12.77
N ASN B 547 19.66 -28.10 11.77
CA ASN B 547 19.31 -28.78 10.54
C ASN B 547 20.15 -30.05 10.32
N PRO B 548 19.81 -30.86 9.30
CA PRO B 548 20.66 -32.02 9.02
C PRO B 548 22.01 -31.59 8.44
N SER B 549 22.96 -32.52 8.46
CA SER B 549 24.32 -32.23 8.07
C SER B 549 24.41 -31.77 6.60
N TYR B 550 23.53 -32.23 5.72
CA TYR B 550 23.61 -31.79 4.32
C TYR B 550 23.27 -30.30 4.19
N GLY B 551 22.36 -29.81 5.04
CA GLY B 551 22.00 -28.39 5.04
C GLY B 551 21.15 -27.95 3.85
N THR B 552 20.75 -26.68 3.87
CA THR B 552 19.95 -26.09 2.81
C THR B 552 20.36 -24.63 2.62
N GLN B 553 20.20 -24.15 1.39
CA GLN B 553 20.33 -22.74 1.06
C GLN B 553 19.36 -21.91 1.97
N LEU B 554 19.69 -20.64 2.15
CA LEU B 554 18.88 -19.71 2.93
C LEU B 554 18.74 -18.39 2.16
N SER B 555 17.87 -17.52 2.67
CA SER B 555 17.76 -16.18 2.18
C SER B 555 17.82 -15.24 3.36
N ILE B 556 18.62 -14.18 3.24
CA ILE B 556 18.62 -13.13 4.24
C ILE B 556 18.75 -11.81 3.51
N ILE B 557 17.98 -10.83 3.96
CA ILE B 557 17.98 -9.50 3.35
C ILE B 557 17.98 -8.40 4.39
N ASN B 558 18.53 -7.23 4.01
CA ASN B 558 18.27 -6.00 4.76
C ASN B 558 16.85 -5.55 4.48
N TYR B 559 16.23 -4.93 5.48
CA TYR B 559 14.88 -4.41 5.35
C TYR B 559 14.97 -2.92 5.52
N SER B 560 14.21 -2.16 4.73
CA SER B 560 14.38 -0.68 4.72
C SER B 560 13.71 0.08 5.88
N GLN B 561 12.73 -0.51 6.57
CA GLN B 561 12.01 0.20 7.63
C GLN B 561 12.46 -0.29 9.02
N LEU B 562 12.38 0.63 9.97
CA LEU B 562 12.72 0.28 11.36
C LEU B 562 11.71 -0.72 11.91
N ILE B 563 12.18 -1.65 12.74
CA ILE B 563 11.31 -2.53 13.51
C ILE B 563 11.74 -2.42 14.95
N ASP B 564 10.78 -2.11 15.83
CA ASP B 564 11.07 -1.75 17.21
C ASP B 564 12.18 -0.70 17.33
N GLY B 565 12.17 0.27 16.44
CA GLY B 565 13.16 1.34 16.48
C GLY B 565 14.54 1.01 15.94
N LYS B 566 14.71 -0.19 15.40
CA LYS B 566 16.02 -0.72 15.06
C LYS B 566 16.06 -1.11 13.59
N LYS B 567 17.25 -1.06 13.01
CA LYS B 567 17.50 -1.54 11.65
C LYS B 567 17.38 -3.08 11.71
N ALA B 568 16.81 -3.67 10.66
CA ALA B 568 16.44 -5.05 10.73
C ALA B 568 16.92 -5.82 9.52
N VAL B 569 17.10 -7.11 9.73
CA VAL B 569 17.32 -8.10 8.70
C VAL B 569 16.25 -9.17 8.79
N ILE B 570 15.98 -9.83 7.68
CA ILE B 570 14.96 -10.86 7.63
C ILE B 570 15.56 -12.11 7.02
N LEU B 571 15.39 -13.23 7.72
CA LEU B 571 16.00 -14.51 7.38
C LEU B 571 14.92 -15.54 7.10
N SER B 572 15.13 -16.34 6.05
CA SER B 572 14.27 -17.48 5.69
C SER B 572 15.09 -18.75 5.59
N THR B 573 14.65 -19.82 6.27
CA THR B 573 15.35 -21.10 6.28
C THR B 573 14.46 -22.20 6.81
N PRO B 574 14.66 -23.46 6.32
CA PRO B 574 14.13 -24.57 7.11
C PRO B 574 14.84 -24.67 8.46
N ASN B 575 14.15 -25.28 9.42
CA ASN B 575 14.67 -25.49 10.75
C ASN B 575 14.12 -26.79 11.33
N SER B 576 14.80 -27.89 11.01
CA SER B 576 14.36 -29.23 11.36
C SER B 576 15.53 -30.16 11.21
N THR B 577 15.67 -31.10 12.12
CA THR B 577 16.73 -32.10 12.00
C THR B 577 16.31 -33.31 11.17
N ASN B 578 15.02 -33.39 10.82
CA ASN B 578 14.44 -34.56 10.14
C ASN B 578 14.34 -34.44 8.61
N GLY B 579 14.71 -33.32 8.04
CA GLY B 579 14.54 -33.11 6.60
C GLY B 579 14.55 -31.64 6.28
N ARG B 580 14.18 -31.30 5.04
CA ARG B 580 14.03 -29.90 4.66
C ARG B 580 12.59 -29.55 4.89
N LYS B 581 12.34 -29.07 6.11
CA LYS B 581 10.99 -28.81 6.57
C LYS B 581 10.98 -27.74 7.65
N HIS B 582 9.79 -27.41 8.15
CA HIS B 582 9.65 -26.45 9.22
C HIS B 582 10.26 -25.10 8.85
N GLY B 583 9.81 -24.58 7.71
CA GLY B 583 10.24 -23.23 7.27
C GLY B 583 9.89 -22.15 8.27
N GLN B 584 10.85 -21.26 8.53
CA GLN B 584 10.67 -20.11 9.44
C GLN B 584 11.20 -18.83 8.81
N ILE B 585 10.53 -17.73 9.12
CA ILE B 585 11.05 -16.41 8.86
C ILE B 585 11.37 -15.75 10.20
N TRP B 586 12.60 -15.23 10.31
CA TRP B 586 13.17 -14.68 11.54
C TRP B 586 13.46 -13.22 11.31
N ILE B 587 13.11 -12.38 12.26
CA ILE B 587 13.51 -10.99 12.24
C ILE B 587 14.67 -10.78 13.23
N GLY B 588 15.74 -10.20 12.70
CA GLY B 588 16.93 -9.85 13.48
C GLY B 588 17.10 -8.34 13.54
N LEU B 589 17.22 -7.79 14.75
CA LEU B 589 17.36 -6.37 14.92
C LEU B 589 18.83 -6.07 15.21
N ILE B 590 19.38 -5.11 14.48
CA ILE B 590 20.82 -4.80 14.60
C ILE B 590 21.06 -3.90 15.80
N ASN B 591 21.89 -4.40 16.73
CA ASN B 591 22.30 -3.65 17.94
C ASN B 591 23.40 -2.64 17.64
N ASP B 592 23.60 -1.70 18.57
CA ASP B 592 24.62 -0.64 18.42
C ASP B 592 26.03 -1.21 18.23
N ASP B 593 26.29 -2.38 18.81
CA ASP B 593 27.59 -3.05 18.70
C ASP B 593 27.68 -4.01 17.49
N ASN B 594 26.75 -3.90 16.55
CA ASN B 594 26.67 -4.79 15.40
C ASN B 594 26.46 -6.31 15.65
N THR B 595 26.03 -6.67 16.84
CA THR B 595 25.41 -7.98 17.04
C THR B 595 23.91 -7.89 16.67
N ILE B 596 23.28 -9.04 16.50
CA ILE B 596 21.88 -9.12 16.10
C ILE B 596 21.02 -9.72 17.21
N ASP B 597 19.92 -9.05 17.50
CA ASP B 597 18.90 -9.56 18.40
C ASP B 597 17.84 -10.27 17.53
N TRP B 598 17.89 -11.60 17.51
CA TRP B 598 16.93 -12.43 16.75
C TRP B 598 15.66 -12.54 17.60
N ARG B 599 14.76 -11.56 17.42
CA ARG B 599 13.72 -11.30 18.40
C ARG B 599 12.38 -11.96 18.05
N TYR B 600 12.10 -12.16 16.76
CA TYR B 600 10.82 -12.70 16.33
C TYR B 600 11.00 -13.81 15.31
N HIS B 601 10.04 -14.74 15.28
CA HIS B 601 9.96 -15.68 14.17
C HIS B 601 8.54 -16.08 13.90
N HIS B 602 8.33 -16.57 12.69
CA HIS B 602 7.02 -17.04 12.23
C HIS B 602 7.24 -18.34 11.46
N ASP B 603 6.51 -19.39 11.84
CA ASP B 603 6.54 -20.65 11.12
C ASP B 603 5.69 -20.51 9.85
N VAL B 604 6.26 -20.84 8.69
CA VAL B 604 5.55 -20.61 7.42
C VAL B 604 4.35 -21.54 7.26
N ASP B 605 4.50 -22.79 7.64
CA ASP B 605 3.38 -23.72 7.64
C ASP B 605 3.65 -24.62 8.83
N TYR B 606 2.95 -25.76 8.94
CA TYR B 606 3.19 -26.72 10.02
C TYR B 606 4.58 -27.33 9.90
N SER B 607 5.05 -27.85 11.02
CA SER B 607 6.46 -28.20 11.15
C SER B 607 6.89 -29.37 10.27
N ASN B 608 6.01 -30.32 9.95
CA ASN B 608 6.38 -31.44 9.08
C ASN B 608 6.18 -31.17 7.58
N TYR B 609 5.70 -29.97 7.24
CA TYR B 609 5.56 -29.56 5.83
C TYR B 609 6.92 -29.15 5.26
N GLY B 610 7.08 -29.43 3.97
CA GLY B 610 8.37 -29.26 3.32
C GLY B 610 8.74 -27.81 3.08
N TYR B 611 10.02 -27.53 3.17
CA TYR B 611 10.53 -26.17 2.96
C TYR B 611 12.02 -26.31 2.69
N SER B 612 12.40 -25.98 1.47
CA SER B 612 13.78 -26.13 1.03
C SER B 612 14.35 -24.76 0.64
N TYR B 613 14.79 -24.57 -0.60
CA TYR B 613 15.41 -23.33 -1.00
C TYR B 613 14.36 -22.23 -0.98
N SER B 614 14.79 -21.02 -0.63
CA SER B 614 13.87 -19.88 -0.46
C SER B 614 14.50 -18.56 -0.85
N THR B 615 13.66 -17.55 -1.05
CA THR B 615 14.16 -16.22 -1.43
C THR B 615 13.19 -15.15 -0.92
N LEU B 616 13.77 -14.14 -0.30
CA LEU B 616 13.02 -13.01 0.25
C LEU B 616 13.26 -11.75 -0.54
N THR B 617 12.27 -10.87 -0.56
CA THR B 617 12.51 -9.52 -1.03
C THR B 617 11.55 -8.61 -0.30
N GLU B 618 11.98 -7.36 -0.14
CA GLU B 618 11.07 -6.32 0.32
C GLU B 618 10.29 -5.75 -0.85
N LEU B 619 8.98 -5.82 -0.79
CA LEU B 619 8.12 -5.24 -1.84
C LEU B 619 8.13 -3.72 -1.69
N PRO B 620 7.77 -2.97 -2.77
CA PRO B 620 7.76 -1.50 -2.66
C PRO B 620 6.88 -0.92 -1.59
N ASN B 621 5.79 -1.61 -1.23
CA ASN B 621 4.93 -1.16 -0.11
C ASN B 621 5.43 -1.65 1.28
N HIS B 622 6.62 -2.26 1.34
CA HIS B 622 7.31 -2.68 2.56
C HIS B 622 6.75 -3.94 3.18
N GLU B 623 5.89 -4.62 2.44
CA GLU B 623 5.56 -5.97 2.76
C GLU B 623 6.73 -6.84 2.27
N ILE B 624 6.70 -8.11 2.65
CA ILE B 624 7.74 -9.07 2.36
C ILE B 624 7.18 -10.10 1.38
N GLY B 625 7.89 -10.30 0.27
CA GLY B 625 7.61 -11.36 -0.68
C GLY B 625 8.52 -12.54 -0.40
N LEU B 626 7.96 -13.75 -0.45
CA LEU B 626 8.68 -14.99 -0.23
C LEU B 626 8.33 -15.98 -1.36
N MET B 627 9.34 -16.50 -2.03
CA MET B 627 9.13 -17.62 -2.96
C MET B 627 9.98 -18.75 -2.43
N PHE B 628 9.43 -19.95 -2.42
CA PHE B 628 10.18 -21.07 -1.81
C PHE B 628 9.75 -22.43 -2.39
N GLU B 629 10.64 -23.39 -2.23
CA GLU B 629 10.39 -24.76 -2.61
C GLU B 629 9.56 -25.38 -1.49
N LYS B 630 8.26 -25.54 -1.75
CA LYS B 630 7.34 -26.11 -0.72
C LYS B 630 7.29 -27.65 -0.85
N PHE B 631 8.42 -28.22 -0.55
CA PHE B 631 8.70 -29.64 -0.59
C PHE B 631 10.13 -29.81 -0.08
N ASP B 632 10.48 -31.06 0.21
CA ASP B 632 11.84 -31.42 0.58
C ASP B 632 12.58 -31.78 -0.69
N SER B 633 13.41 -30.85 -1.16
CA SER B 633 14.15 -31.03 -2.39
C SER B 633 15.40 -31.88 -2.28
N TRP B 634 15.71 -32.37 -1.08
CA TRP B 634 16.82 -33.33 -0.84
C TRP B 634 16.32 -34.79 -0.84
N SER B 635 15.14 -35.00 -0.26
CA SER B 635 14.53 -36.30 -0.15
C SER B 635 14.41 -37.01 -1.48
N ARG B 636 14.79 -38.29 -1.51
CA ARG B 636 14.57 -39.11 -2.71
C ARG B 636 13.09 -39.45 -2.94
N ASN B 637 12.23 -39.16 -1.96
CA ASN B 637 10.79 -39.42 -2.07
C ASN B 637 10.00 -38.26 -2.65
N GLU B 638 10.62 -37.09 -2.78
CA GLU B 638 9.93 -35.88 -3.26
C GLU B 638 10.50 -35.25 -4.52
N LEU B 639 11.23 -36.06 -5.29
CA LEU B 639 11.78 -35.64 -6.56
C LEU B 639 10.68 -35.48 -7.62
N HIS B 640 10.91 -34.59 -8.56
CA HIS B 640 10.10 -34.56 -9.80
C HIS B 640 8.61 -34.36 -9.53
N MET B 641 8.28 -33.32 -8.78
CA MET B 641 6.91 -32.95 -8.52
C MET B 641 6.55 -31.60 -9.16
N LYS B 642 5.33 -31.53 -9.70
CA LYS B 642 4.82 -30.32 -10.36
C LYS B 642 4.20 -29.32 -9.39
N ASN B 643 4.51 -28.05 -9.66
CA ASN B 643 3.79 -26.91 -9.09
C ASN B 643 3.93 -26.81 -7.58
N VAL B 644 5.19 -26.73 -7.15
CA VAL B 644 5.56 -26.79 -5.75
C VAL B 644 6.52 -25.66 -5.33
N VAL B 645 6.52 -24.54 -6.09
CA VAL B 645 7.36 -23.39 -5.75
C VAL B 645 6.49 -22.13 -5.66
N PRO B 646 5.71 -22.04 -4.58
CA PRO B 646 4.80 -20.88 -4.47
C PRO B 646 5.43 -19.56 -4.02
N TYR B 647 4.69 -18.49 -4.33
CA TYR B 647 5.03 -17.13 -3.89
C TYR B 647 3.96 -16.70 -2.89
N ILE B 648 4.37 -16.22 -1.74
CA ILE B 648 3.43 -15.68 -0.75
C ILE B 648 3.96 -14.37 -0.15
N THR B 649 3.10 -13.63 0.52
CA THR B 649 3.49 -12.32 1.06
C THR B 649 3.15 -12.22 2.53
N PHE B 650 3.89 -11.36 3.21
CA PHE B 650 3.64 -11.12 4.62
C PHE B 650 3.75 -9.61 4.87
N LYS B 651 2.89 -9.11 5.75
CA LYS B 651 3.13 -7.81 6.37
C LYS B 651 4.03 -8.06 7.58
N ILE B 652 4.78 -7.04 8.00
CA ILE B 652 5.64 -7.19 9.16
C ILE B 652 4.86 -7.67 10.40
N GLU B 653 3.63 -7.20 10.60
CA GLU B 653 2.81 -7.64 11.73
C GLU B 653 2.52 -9.16 11.67
N ASP B 654 2.46 -9.73 10.46
CA ASP B 654 2.36 -11.19 10.31
C ASP B 654 3.60 -11.92 10.84
N LEU B 655 4.75 -11.24 10.78
CA LEU B 655 6.03 -11.85 11.13
C LEU B 655 6.46 -11.59 12.55
N LYS B 656 5.95 -10.52 13.15
CA LYS B 656 6.40 -10.12 14.48
C LYS B 656 5.75 -11.00 15.53
N LYS B 657 6.11 -12.28 15.57
CA LYS B 657 5.51 -13.23 16.50
C LYS B 657 6.59 -13.90 17.34
N ASN B 658 6.15 -14.59 18.38
CA ASN B 658 7.06 -15.38 19.23
C ASN B 658 8.21 -14.57 19.89
N LEU B 659 7.86 -13.40 20.43
CA LEU B 659 8.54 -12.75 21.60
C LEU B 659 8.13 -11.28 21.62
C1 GAL C . -26.92 -1.21 21.94
C2 GAL C . -27.66 -2.55 21.89
C3 GAL C . -27.49 -3.39 23.16
C4 GAL C . -26.06 -3.41 23.67
C5 GAL C . -25.56 -1.99 23.71
C6 GAL C . -24.13 -2.00 24.21
O1 GAL C . -26.87 -0.59 20.64
O2 GAL C . -29.06 -2.28 21.69
O3 GAL C . -27.86 -4.76 22.94
O4 GAL C . -25.22 -4.14 22.75
O5 GAL C . -25.59 -1.42 22.41
O6 GAL C . -23.62 -0.74 24.24
C1 SIA C . -21.48 -1.27 25.12
C2 SIA C . -22.26 -0.24 24.34
C3 SIA C . -22.27 1.13 25.03
C4 SIA C . -20.92 1.83 24.85
C5 SIA C . -20.60 1.90 23.36
C6 SIA C . -20.56 0.49 22.76
C7 SIA C . -20.35 0.43 21.25
C8 SIA C . -20.49 -0.97 20.71
C9 SIA C . -19.69 -1.07 19.42
C10 SIA C . -18.98 3.38 22.23
C11 SIA C . -17.58 3.96 22.26
N5 SIA C . -19.29 2.50 23.18
O1A SIA C . -20.71 -2.02 24.48
O1B SIA C . -21.67 -1.38 26.35
O4 SIA C . -20.97 3.13 25.44
O6 SIA C . -21.79 -0.16 22.98
O7 SIA C . -21.31 1.30 20.63
O8 SIA C . -20.00 -1.95 21.63
O9 SIA C . -20.27 -2.11 18.65
O10 SIA C . -19.77 3.75 21.38
C1 GAL D . 1.42 -52.29 9.86
C2 GAL D . 1.24 -52.73 11.32
C3 GAL D . 0.13 -53.76 11.47
C4 GAL D . -1.14 -53.34 10.73
C5 GAL D . -0.82 -52.91 9.31
C6 GAL D . -2.03 -52.34 8.60
O1 GAL D . 2.34 -51.18 9.75
O2 GAL D . 2.46 -53.29 11.81
O3 GAL D . -0.17 -53.94 12.86
O4 GAL D . -1.74 -52.25 11.43
O5 GAL D . 0.16 -51.87 9.35
O6 GAL D . -1.84 -51.43 7.58
C1 SIA D . -4.03 -50.52 7.29
C2 SIA D . -2.55 -50.37 6.93
C3 SIA D . -2.29 -50.41 5.42
C4 SIA D . -2.79 -49.11 4.77
C5 SIA D . -2.16 -47.89 5.42
C6 SIA D . -2.47 -47.93 6.91
C7 SIA D . -1.84 -46.81 7.72
C8 SIA D . -2.11 -46.92 9.21
C9 SIA D . -2.03 -45.55 9.84
C10 SIA D . -1.92 -45.60 4.60
C11 SIA D . -2.54 -44.52 3.76
N5 SIA D . -2.68 -46.69 4.81
O1A SIA D . -4.71 -51.34 6.66
O1B SIA D . -4.52 -49.83 8.23
O4 SIA D . -2.51 -49.13 3.38
O6 SIA D . -2.01 -49.16 7.48
O7 SIA D . -0.43 -46.80 7.55
O8 SIA D . -3.41 -47.46 9.50
O9 SIA D . -1.50 -45.71 11.14
O10 SIA D . -0.76 -45.49 5.01
P PO4 E . -21.60 25.04 3.30
O1 PO4 E . -20.63 24.15 4.00
O2 PO4 E . -22.22 24.30 2.11
O3 PO4 E . -20.84 26.30 2.86
O4 PO4 E . -22.69 25.40 4.26
C1 GOL F . -6.40 16.68 12.64
O1 GOL F . -6.58 17.06 11.26
C2 GOL F . -5.02 17.02 13.23
O2 GOL F . -4.81 18.42 13.58
C3 GOL F . -4.88 16.20 14.51
O3 GOL F . -5.76 16.68 15.56
C1 GOL G . -14.41 2.92 -4.65
O1 GOL G . -14.43 1.49 -4.60
C2 GOL G . -13.24 3.48 -3.86
O2 GOL G . -13.30 3.05 -2.49
C3 GOL G . -11.92 2.99 -4.45
O3 GOL G . -10.93 4.01 -4.25
C1 PEG H . 3.96 12.82 7.48
O1 PEG H . 4.42 14.16 7.73
C2 PEG H . 2.59 12.58 8.18
O2 PEG H . 2.72 11.60 9.22
C3 PEG H . 3.42 12.07 10.41
C4 PEG H . 3.26 11.19 11.65
O4 PEG H . 3.10 11.88 12.89
P PO4 I . 20.87 -29.55 -3.18
O1 PO4 I . 21.05 -31.00 -3.57
O2 PO4 I . 21.55 -28.69 -4.21
O3 PO4 I . 21.53 -29.32 -1.84
O4 PO4 I . 19.38 -29.29 -3.12
C1 GOL J . 0.46 -35.70 -13.09
O1 GOL J . 0.27 -34.36 -13.60
C2 GOL J . 1.38 -36.47 -14.03
O2 GOL J . 2.71 -36.05 -13.73
C3 GOL J . 1.24 -38.01 -13.92
O3 GOL J . 1.40 -38.52 -12.58
C1 GOL K . 0.01 -28.85 -5.81
O1 GOL K . 1.20 -29.08 -6.57
C2 GOL K . -0.15 -27.35 -5.53
O2 GOL K . -0.92 -26.72 -6.56
C3 GOL K . -0.81 -27.13 -4.18
O3 GOL K . -0.75 -25.74 -3.89
#